data_8GUB
#
_entry.id   8GUB
#
_cell.length_a   1.00
_cell.length_b   1.00
_cell.length_c   1.00
_cell.angle_alpha   90.00
_cell.angle_beta   90.00
_cell.angle_gamma   90.00
#
_symmetry.space_group_name_H-M   'P 1'
#
loop_
_entity.id
_entity.type
_entity.pdbx_description
1 polymer 'Phosphatidylinositol 4,5-bisphosphate 3-kinase catalytic subunit alpha isoform'
2 polymer 'Phosphatidylinositol 3-kinase regulatory subunit alpha'
3 non-polymer (2S)-N~1~-{4-methyl-5-[2-(1,1,1-trifluoro-2-methylpropan-2-yl)pyridin-4-yl]-1,3-thiazol-2-yl}pyrrolidine-1,2-dicarboxamide
#
loop_
_entity_poly.entity_id
_entity_poly.type
_entity_poly.pdbx_seq_one_letter_code
_entity_poly.pdbx_strand_id
1 'polypeptide(L)'
;MSYYHHHHHHDYDIPTTENLYFQGAMGSMPPRPSSGELWGIHLMPPRILVECLLPNGMIVTLECLREATLITIKHELFKE
ARKYPLHQLLQDESSYIFVSVTQEAEREEFFDETRRLCDLRLFQPFLKVIEPVGNREEKILNREIGFAIGMPVCEFDMVK
DPEVQDFRRNILNVCKEAVDLRDLNSPHSRAMYVYPPNVESSPELPKHIYNKLDKGQIIVVIWVIVSPNNDKQKYTLKIN
HDCVPEQVIAEAIRKKTRSMLLSSEQLKLCVLEYQGKYILKVCGCDEYFLEKYPLSQYKYIRSCIMLGRMPNLMLMAKES
LYSQLPMDCFTMPSYSRRISTATPYMNGETSTKSLWVINSALRIKILCATYVNVNIRDIDKIYVRTGIYHGGEPLCDNVN
TQRVPCSNPRWNEWLNYDIYIPDLPRAARLCLSICSVKGRKGAKEEHCPLAWGNINLFDYTDTLVSGKMALNLWPVPHGL
EDLLNPIGVTGSNPNKETPCLELEFDWFSSVVKFPDMSVIEEHANWSVSREAGFSYSHAGLSNRLARDNELRENDKEQLK
AISTRDPLSEITEQEKDFLWSHRHYCVTIPEILPKLLLSVKWNSRDEVAQMYCLVKDWPPIKPEQAMELLDCNYPDPMVR
GFAVRCLEKYLTDDKLSQYLIQLVQVLKYEQYLDNLLVRFLLKKALTNQRIGHFFFWHLKSEMHNKTVSQRFGLLLESYC
RACGMYLKHLNRQVEAMEKLINLTDILKQEKKDETQKVQMKFLVEQMRRPDFMDALQGFLSPLNPAHQLGNLRLEECRIM
SSAKRPLWLNWENPDIMSELLFQNNEIIFKNGDDLRQDMLTLQIIRIMENIWQNQGLDLRMLPYGCLSIGDCVGLIEVVR
NSHTIMQIQCKGGLKGALQFNSHTLHQWLKDKNKGEIYDAAIDLFTRSCAGYCVATFILGIGDRHNSNIMVKDDGQLFHI
DFGHFLDHKKKKFGYKRERVPFVLTQDFLIVISKGAQECTKTREFERFQEMCYKAYLAIRQHANLFINLFSMMLGSGMPE
LQSFDDIAYIRKTLALDKTEQEALEYFMKQMNDARHGGWTTKMDWIFHTIKQHALN
;
A
2 'polypeptide(L)'
;MAEGYQYRALYDYKKEREEDIDLHLGDILTVNKGSLVALGFSDGQEARPEEIGWLNGYNETTGERGDFPGTYVEYIGRKK
ISPPTPKPRPPRPLPVAPGSSKTEADVEQQALTLPDLAEQFAPPDIAPPLLIKLVEAIEKKGLECSTLYRTQSSSNLAEL
RQLLDCDTPSVDLEMIDVHVLADAFKRYLLDLPNPVIPAAVYSEMISLAPEVQSSEEYIQLLKKLIRSPSIPHQYWLTLQ
YLLKHFFKLSQTSSKNLLNARVLSEIFSPMLFRFSAASSDNTENLIKVIEILISTEWNERQPAPALPPKPPKPTTVANNG
MNNNMSLQDAEWYWGDISREEVNEKLRDTADGTFLVRDASTKMHGDYTLTLRKGGNNKLIKIFHRDGKYGFSDPLTFSSV
VELINHYRNESLAQYNPKLDVKLLYPVSKYQQDQVVKEDNIEAVGKKLHEYNTQFQEKSREYDRLYEEYTRTSQEIQMKR
TAIEAFNETIKIFEEQCQTQERYSKEYIEKFKREGNEKEIQRIMHNYDKLKSRISEIIDSRRRLEEDLKKQAAEYREIDK
RMNSIKPDLIQLRKTRDQYLMWLTQKGVRQKKLNEWLGNENTEDQYSLVEDDEDLPHHDEKTWNVGSSNRNKAENLLRGK
RDGTFLVRESSKQGCYACSVVVDGEVKHCVINKTATGYGFAEPYNLYSSLKELVLHYQHTSLVQHNDSLNVTLAYPVYAQ
QRR
;
B
#
loop_
_chem_comp.id
_chem_comp.type
_chem_comp.name
_chem_comp.formula
1LT non-polymer (2S)-N~1~-{4-methyl-5-[2-(1,1,1-trifluoro-2-methylpropan-2-yl)pyridin-4-yl]-1,3-thiazol-2-yl}pyrrolidine-1,2-dicarboxamide 'C19 H22 F3 N5 O2 S'
#
# COMPACT_ATOMS: atom_id res chain seq x y z
N ARG A 47 17.65 -17.79 -36.53
CA ARG A 47 16.55 -17.42 -37.42
C ARG A 47 16.21 -15.94 -37.29
N ILE A 48 17.13 -15.17 -36.71
CA ILE A 48 16.96 -13.74 -36.53
C ILE A 48 18.16 -13.03 -37.15
N LEU A 49 17.90 -12.10 -38.04
CA LEU A 49 18.98 -11.36 -38.70
C LEU A 49 19.53 -10.30 -37.75
N VAL A 50 20.85 -10.23 -37.66
CA VAL A 50 21.52 -9.30 -36.76
C VAL A 50 22.67 -8.64 -37.50
N GLU A 51 23.11 -7.50 -36.97
CA GLU A 51 24.22 -6.75 -37.52
C GLU A 51 25.23 -6.49 -36.43
N CYS A 52 26.50 -6.80 -36.71
CA CYS A 52 27.57 -6.67 -35.74
C CYS A 52 28.55 -5.60 -36.20
N LEU A 53 28.87 -4.68 -35.30
CA LEU A 53 29.74 -3.54 -35.61
C LEU A 53 31.12 -3.83 -35.05
N LEU A 54 32.00 -4.38 -35.90
CA LEU A 54 33.33 -4.74 -35.45
C LEU A 54 34.13 -3.49 -35.09
N PRO A 55 35.15 -3.64 -34.25
CA PRO A 55 35.91 -2.46 -33.81
C PRO A 55 36.77 -1.85 -34.90
N ASN A 56 36.88 -2.48 -36.07
CA ASN A 56 37.60 -1.93 -37.20
C ASN A 56 36.71 -1.09 -38.11
N GLY A 57 35.61 -0.56 -37.57
CA GLY A 57 34.70 0.24 -38.36
C GLY A 57 33.99 -0.51 -39.46
N MET A 58 33.70 -1.78 -39.24
CA MET A 58 33.00 -2.60 -40.22
C MET A 58 31.61 -2.97 -39.71
N ILE A 59 30.78 -3.45 -40.62
CA ILE A 59 29.46 -3.97 -40.28
C ILE A 59 29.31 -5.33 -40.95
N VAL A 60 28.82 -6.31 -40.20
CA VAL A 60 28.66 -7.67 -40.68
C VAL A 60 27.24 -8.13 -40.40
N THR A 61 26.58 -8.63 -41.44
CA THR A 61 25.25 -9.20 -41.29
C THR A 61 25.36 -10.67 -40.95
N LEU A 62 24.57 -11.13 -39.99
CA LEU A 62 24.69 -12.50 -39.51
C LEU A 62 23.32 -13.02 -39.11
N GLU A 63 23.15 -14.33 -39.20
CA GLU A 63 21.91 -15.00 -38.81
C GLU A 63 22.13 -15.75 -37.51
N CYS A 64 21.18 -15.61 -36.59
CA CYS A 64 21.33 -16.12 -35.24
C CYS A 64 20.13 -16.96 -34.85
N LEU A 65 20.35 -17.90 -33.93
CA LEU A 65 19.27 -18.66 -33.32
C LEU A 65 18.77 -17.89 -32.10
N ARG A 66 17.45 -17.73 -31.99
CA ARG A 66 16.91 -16.89 -30.93
C ARG A 66 17.35 -17.36 -29.56
N GLU A 67 17.67 -18.65 -29.41
CA GLU A 67 18.19 -19.18 -28.17
C GLU A 67 19.71 -19.22 -28.13
N ALA A 68 20.38 -18.77 -29.19
CA ALA A 68 21.84 -18.82 -29.24
C ALA A 68 22.43 -17.96 -28.13
N THR A 69 23.48 -18.47 -27.49
CA THR A 69 24.15 -17.73 -26.44
C THR A 69 25.11 -16.71 -27.04
N LEU A 70 25.61 -15.81 -26.18
CA LEU A 70 26.57 -14.81 -26.66
C LEU A 70 27.87 -15.49 -27.10
N ILE A 71 28.32 -16.51 -26.37
CA ILE A 71 29.58 -17.15 -26.72
C ILE A 71 29.50 -17.76 -28.11
N THR A 72 28.43 -18.50 -28.39
CA THR A 72 28.29 -19.12 -29.70
C THR A 72 28.21 -18.06 -30.79
N ILE A 73 27.47 -16.97 -30.53
CA ILE A 73 27.38 -15.92 -31.53
C ILE A 73 28.71 -15.20 -31.68
N LYS A 74 29.37 -14.87 -30.57
CA LYS A 74 30.67 -14.22 -30.64
C LYS A 74 31.66 -15.10 -31.38
N HIS A 75 31.68 -16.40 -31.06
CA HIS A 75 32.53 -17.33 -31.77
C HIS A 75 32.14 -17.44 -33.24
N GLU A 76 30.84 -17.55 -33.52
CA GLU A 76 30.40 -17.68 -34.90
C GLU A 76 30.73 -16.44 -35.71
N LEU A 77 30.61 -15.26 -35.09
CA LEU A 77 30.77 -14.02 -35.82
C LEU A 77 32.13 -13.92 -36.49
N PHE A 78 33.19 -14.18 -35.73
CA PHE A 78 34.52 -13.76 -36.18
C PHE A 78 34.94 -14.50 -37.44
N LYS A 79 34.64 -15.79 -37.55
CA LYS A 79 34.93 -16.49 -38.79
C LYS A 79 34.24 -15.84 -39.97
N GLU A 80 33.14 -15.12 -39.75
CA GLU A 80 32.55 -14.33 -40.82
C GLU A 80 33.35 -13.07 -41.08
N ALA A 81 34.06 -12.55 -40.07
CA ALA A 81 34.79 -11.30 -40.24
C ALA A 81 36.06 -11.48 -41.06
N ARG A 82 36.60 -12.69 -41.16
CA ARG A 82 37.85 -12.88 -41.90
C ARG A 82 37.68 -12.58 -43.37
N LYS A 83 36.45 -12.60 -43.88
CA LYS A 83 36.17 -12.38 -45.30
C LYS A 83 35.80 -10.94 -45.61
N TYR A 84 36.24 -10.01 -44.78
CA TYR A 84 35.95 -8.59 -44.96
C TYR A 84 37.24 -7.78 -45.00
N PRO A 85 37.18 -6.57 -45.55
CA PRO A 85 38.43 -5.88 -45.93
C PRO A 85 39.41 -5.67 -44.80
N LEU A 86 38.94 -5.42 -43.58
CA LEU A 86 39.81 -5.03 -42.49
C LEU A 86 39.82 -6.08 -41.37
N HIS A 87 39.88 -7.36 -41.75
CA HIS A 87 39.91 -8.42 -40.76
C HIS A 87 41.27 -8.53 -40.07
N GLN A 88 42.33 -8.02 -40.70
CA GLN A 88 43.67 -8.19 -40.14
C GLN A 88 43.79 -7.52 -38.77
N LEU A 89 43.19 -6.34 -38.61
CA LEU A 89 43.24 -5.68 -37.31
C LEU A 89 42.40 -6.38 -36.26
N LEU A 90 41.61 -7.38 -36.65
CA LEU A 90 40.83 -8.14 -35.68
C LEU A 90 41.75 -8.93 -34.76
N GLN A 91 41.26 -9.22 -33.56
CA GLN A 91 41.98 -10.03 -32.59
C GLN A 91 41.17 -11.30 -32.30
N ASP A 92 41.61 -12.05 -31.30
CA ASP A 92 40.90 -13.25 -30.89
C ASP A 92 39.55 -12.89 -30.28
N GLU A 93 38.79 -13.92 -29.91
CA GLU A 93 37.50 -13.70 -29.27
C GLU A 93 37.67 -12.92 -27.98
N SER A 94 38.66 -13.28 -27.17
CA SER A 94 38.87 -12.61 -25.91
C SER A 94 39.26 -11.15 -26.14
N SER A 95 39.10 -10.35 -25.10
CA SER A 95 39.32 -8.91 -25.10
C SER A 95 38.16 -8.19 -25.78
N TYR A 96 37.13 -8.90 -26.20
CA TYR A 96 35.96 -8.31 -26.83
C TYR A 96 34.70 -8.79 -26.11
N ILE A 97 33.77 -7.87 -25.92
CA ILE A 97 32.45 -8.19 -25.38
C ILE A 97 31.41 -7.49 -26.23
N PHE A 98 30.19 -8.02 -26.20
CA PHE A 98 29.12 -7.45 -26.98
C PHE A 98 28.51 -6.25 -26.26
N VAL A 99 27.61 -5.56 -26.97
CA VAL A 99 26.91 -4.41 -26.41
C VAL A 99 25.73 -4.12 -27.32
N SER A 100 24.68 -3.55 -26.74
CA SER A 100 23.47 -3.21 -27.47
C SER A 100 22.63 -2.31 -26.58
N VAL A 101 21.39 -2.05 -27.01
CA VAL A 101 20.45 -1.25 -26.26
C VAL A 101 19.23 -2.10 -25.95
N THR A 102 18.83 -2.13 -24.68
CA THR A 102 17.71 -2.92 -24.24
C THR A 102 16.41 -2.14 -24.38
N GLN A 103 15.28 -2.86 -24.26
CA GLN A 103 13.98 -2.20 -24.29
C GLN A 103 13.93 -1.07 -23.27
N GLU A 104 14.56 -1.24 -22.12
CA GLU A 104 14.68 -0.18 -21.14
C GLU A 104 15.61 0.93 -21.61
N ALA A 105 16.12 0.84 -22.85
CA ALA A 105 16.98 1.87 -23.42
C ALA A 105 18.22 2.10 -22.56
N GLU A 106 18.97 1.03 -22.35
CA GLU A 106 20.20 1.09 -21.57
C GLU A 106 21.37 0.63 -22.42
N ARG A 107 22.45 1.40 -22.39
CA ARG A 107 23.73 1.08 -23.02
C ARG A 107 24.44 0.06 -22.14
N GLU A 108 23.99 -1.19 -22.25
CA GLU A 108 24.41 -2.28 -21.38
C GLU A 108 25.41 -3.17 -22.12
N GLU A 109 26.57 -3.38 -21.50
CA GLU A 109 27.59 -4.27 -22.03
C GLU A 109 27.50 -5.62 -21.35
N PHE A 110 27.38 -6.68 -22.14
CA PHE A 110 27.07 -8.00 -21.62
C PHE A 110 28.37 -8.74 -21.32
N PHE A 111 28.89 -8.54 -20.12
CA PHE A 111 30.06 -9.30 -19.68
C PHE A 111 29.74 -10.78 -19.58
N ASP A 112 28.58 -11.11 -19.02
CA ASP A 112 28.20 -12.49 -18.79
C ASP A 112 27.71 -13.07 -20.10
N GLU A 113 28.65 -13.59 -20.90
CA GLU A 113 28.31 -14.05 -22.24
C GLU A 113 27.33 -15.22 -22.23
N THR A 114 27.19 -15.92 -21.11
CA THR A 114 26.37 -17.14 -21.12
C THR A 114 24.92 -16.86 -21.45
N ARG A 115 24.48 -15.62 -21.34
CA ARG A 115 23.09 -15.28 -21.66
C ARG A 115 22.82 -15.52 -23.13
N ARG A 116 21.56 -15.79 -23.45
CA ARG A 116 21.15 -16.09 -24.82
C ARG A 116 20.34 -14.93 -25.39
N LEU A 117 19.98 -15.06 -26.67
CA LEU A 117 19.37 -13.95 -27.39
C LEU A 117 18.04 -13.52 -26.78
N CYS A 118 17.17 -14.48 -26.50
CA CYS A 118 15.85 -14.14 -25.99
C CYS A 118 15.94 -13.37 -24.69
N ASP A 119 16.83 -13.79 -23.79
CA ASP A 119 17.03 -13.08 -22.53
C ASP A 119 17.58 -11.69 -22.75
N LEU A 120 18.15 -11.41 -23.93
CA LEU A 120 18.78 -10.12 -24.16
C LEU A 120 17.78 -8.98 -24.13
N ARG A 121 16.58 -9.19 -24.69
CA ARG A 121 15.57 -8.13 -24.78
C ARG A 121 16.13 -6.91 -25.50
N LEU A 122 16.81 -7.16 -26.61
CA LEU A 122 17.41 -6.08 -27.38
C LEU A 122 16.33 -5.23 -28.02
N PHE A 123 16.59 -3.92 -28.12
CA PHE A 123 15.68 -3.04 -28.84
C PHE A 123 15.63 -3.42 -30.31
N GLN A 124 16.79 -3.50 -30.95
CA GLN A 124 16.91 -3.96 -32.32
C GLN A 124 18.03 -4.98 -32.42
N PRO A 125 17.99 -5.85 -33.41
CA PRO A 125 19.02 -6.88 -33.51
C PRO A 125 20.35 -6.36 -34.02
N PHE A 126 21.04 -5.55 -33.22
CA PHE A 126 22.38 -5.09 -33.56
C PHE A 126 23.28 -5.29 -32.37
N LEU A 127 24.52 -5.71 -32.62
CA LEU A 127 25.49 -5.97 -31.57
C LEU A 127 26.82 -5.33 -31.92
N LYS A 128 27.42 -4.65 -30.95
CA LYS A 128 28.69 -3.98 -31.11
C LYS A 128 29.74 -4.69 -30.27
N VAL A 129 30.97 -4.75 -30.78
CA VAL A 129 32.05 -5.47 -30.12
C VAL A 129 33.11 -4.46 -29.71
N ILE A 130 33.46 -4.44 -28.43
CA ILE A 130 34.49 -3.56 -27.89
C ILE A 130 35.31 -4.32 -26.86
N GLU A 131 36.37 -3.67 -26.40
CA GLU A 131 37.19 -4.24 -25.34
C GLU A 131 36.47 -4.12 -24.01
N PRO A 132 36.23 -5.21 -23.30
CA PRO A 132 35.61 -5.11 -21.97
C PRO A 132 36.37 -4.12 -21.11
N VAL A 133 35.63 -3.21 -20.48
CA VAL A 133 36.21 -2.18 -19.62
C VAL A 133 35.41 -2.15 -18.33
N GLY A 134 36.10 -2.17 -17.20
CA GLY A 134 35.49 -2.08 -15.90
C GLY A 134 35.48 -3.41 -15.18
N ASN A 135 34.75 -3.42 -14.06
CA ASN A 135 34.66 -4.60 -13.20
C ASN A 135 33.61 -5.54 -13.76
N ARG A 136 34.03 -6.69 -14.27
CA ARG A 136 33.08 -7.63 -14.87
C ARG A 136 32.08 -8.12 -13.84
N GLU A 137 32.56 -8.48 -12.65
CA GLU A 137 31.67 -8.99 -11.62
C GLU A 137 30.69 -7.93 -11.17
N GLU A 138 31.15 -6.69 -11.00
CA GLU A 138 30.26 -5.61 -10.62
C GLU A 138 29.17 -5.39 -11.68
N LYS A 139 29.56 -5.43 -12.95
CA LYS A 139 28.59 -5.18 -14.01
C LYS A 139 27.56 -6.30 -14.08
N ILE A 140 27.97 -7.54 -13.86
CA ILE A 140 27.01 -8.65 -13.93
C ILE A 140 25.97 -8.51 -12.84
N LEU A 141 26.40 -8.15 -11.62
CA LEU A 141 25.45 -7.98 -10.53
C LEU A 141 24.45 -6.88 -10.84
N ASN A 142 24.92 -5.77 -11.42
CA ASN A 142 24.02 -4.66 -11.69
C ASN A 142 22.90 -5.08 -12.63
N ARG A 143 23.19 -5.95 -13.58
CA ARG A 143 22.12 -6.46 -14.44
C ARG A 143 21.14 -7.32 -13.66
N GLU A 144 21.64 -8.11 -12.72
CA GLU A 144 20.75 -8.93 -11.89
C GLU A 144 19.84 -8.05 -11.05
N ILE A 145 20.40 -7.01 -10.43
CA ILE A 145 19.59 -6.11 -9.61
C ILE A 145 18.56 -5.41 -10.48
N GLY A 146 18.98 -4.90 -11.64
CA GLY A 146 18.06 -4.18 -12.49
C GLY A 146 16.92 -5.04 -12.98
N PHE A 147 17.18 -6.32 -13.25
CA PHE A 147 16.11 -7.20 -13.70
C PHE A 147 15.09 -7.45 -12.61
N ALA A 148 15.55 -7.52 -11.35
CA ALA A 148 14.64 -7.80 -10.25
C ALA A 148 13.76 -6.60 -9.95
N ILE A 149 14.35 -5.42 -9.81
CA ILE A 149 13.57 -4.23 -9.43
C ILE A 149 12.90 -3.57 -10.61
N GLY A 150 13.11 -4.06 -11.82
CA GLY A 150 12.35 -3.63 -12.97
C GLY A 150 12.88 -2.41 -13.69
N MET A 151 13.88 -1.74 -13.15
CA MET A 151 14.41 -0.53 -13.76
C MET A 151 15.93 -0.56 -13.70
N PRO A 152 16.61 -0.10 -14.75
CA PRO A 152 18.07 -0.19 -14.77
C PRO A 152 18.69 0.55 -13.60
N VAL A 153 19.74 -0.06 -13.04
CA VAL A 153 20.43 0.57 -11.92
C VAL A 153 21.16 1.83 -12.36
N CYS A 154 21.52 1.92 -13.63
CA CYS A 154 22.18 3.12 -14.13
C CYS A 154 21.32 4.35 -13.94
N GLU A 155 19.99 4.18 -13.84
CA GLU A 155 19.11 5.33 -13.71
C GLU A 155 19.42 6.13 -12.46
N PHE A 156 19.62 5.45 -11.33
CA PHE A 156 19.91 6.16 -10.10
C PHE A 156 21.24 6.87 -10.17
N ASP A 157 22.14 6.42 -11.05
CA ASP A 157 23.39 7.14 -11.25
C ASP A 157 23.14 8.50 -11.88
N MET A 158 22.19 8.58 -12.81
CA MET A 158 21.91 9.84 -13.48
C MET A 158 21.33 10.87 -12.52
N VAL A 159 20.47 10.45 -11.59
CA VAL A 159 19.78 11.39 -10.73
C VAL A 159 20.79 12.31 -10.04
N LYS A 160 20.56 13.61 -10.16
CA LYS A 160 21.47 14.62 -9.63
C LYS A 160 21.09 15.11 -8.26
N ASP A 161 19.97 14.67 -7.71
CA ASP A 161 19.52 15.16 -6.41
C ASP A 161 20.50 14.71 -5.34
N PRO A 162 21.08 15.63 -4.57
CA PRO A 162 22.04 15.21 -3.54
C PRO A 162 21.44 14.30 -2.49
N GLU A 163 20.15 14.43 -2.20
CA GLU A 163 19.54 13.52 -1.22
C GLU A 163 19.51 12.10 -1.75
N VAL A 164 19.19 11.92 -3.03
CA VAL A 164 19.17 10.58 -3.60
C VAL A 164 20.54 9.94 -3.54
N GLN A 165 21.58 10.72 -3.83
CA GLN A 165 22.93 10.17 -3.83
C GLN A 165 23.42 9.88 -2.42
N ASP A 166 23.10 10.74 -1.45
CA ASP A 166 23.51 10.47 -0.09
C ASP A 166 22.86 9.20 0.45
N PHE A 167 21.59 8.97 0.10
CA PHE A 167 20.93 7.76 0.54
C PHE A 167 21.61 6.52 -0.03
N ARG A 168 22.00 6.58 -1.30
CA ARG A 168 22.57 5.41 -1.94
C ARG A 168 23.85 4.96 -1.24
N ARG A 169 24.69 5.90 -0.83
CA ARG A 169 25.96 5.55 -0.21
C ARG A 169 25.90 5.53 1.30
N ASN A 170 24.88 6.14 1.91
CA ASN A 170 24.79 6.14 3.36
C ASN A 170 24.06 4.91 3.88
N ILE A 171 23.08 4.41 3.12
CA ILE A 171 22.39 3.20 3.53
C ILE A 171 23.35 2.04 3.61
N LEU A 172 24.41 2.05 2.79
CA LEU A 172 25.27 0.89 2.67
C LEU A 172 25.87 0.47 4.00
N ASN A 173 26.07 1.41 4.93
CA ASN A 173 26.57 0.98 6.22
C ASN A 173 25.56 0.11 6.94
N VAL A 174 24.28 0.26 6.61
CA VAL A 174 23.27 -0.67 7.12
C VAL A 174 23.41 -2.03 6.46
N CYS A 175 23.62 -2.06 5.15
CA CYS A 175 23.80 -3.34 4.46
C CYS A 175 25.02 -4.07 5.01
N LYS A 176 26.09 -3.36 5.28
CA LYS A 176 27.30 -4.01 5.77
C LYS A 176 27.08 -4.64 7.13
N GLU A 177 26.44 -3.93 8.05
CA GLU A 177 26.27 -4.45 9.40
C GLU A 177 25.40 -5.70 9.40
N ALA A 178 24.30 -5.69 8.63
CA ALA A 178 23.48 -6.89 8.55
C ALA A 178 24.25 -8.05 7.94
N VAL A 179 24.98 -7.80 6.86
CA VAL A 179 25.70 -8.87 6.18
C VAL A 179 26.80 -9.42 7.08
N ASP A 180 27.39 -8.57 7.93
CA ASP A 180 28.40 -9.05 8.86
C ASP A 180 27.74 -9.82 10.00
N LEU A 181 26.57 -9.40 10.43
CA LEU A 181 25.90 -10.06 11.53
C LEU A 181 25.48 -11.47 11.17
N ARG A 182 24.93 -11.66 9.96
CA ARG A 182 24.55 -13.02 9.56
C ARG A 182 25.76 -13.94 9.53
N ASP A 183 26.95 -13.38 9.37
CA ASP A 183 28.18 -14.17 9.29
C ASP A 183 28.94 -14.18 10.60
N LEU A 184 28.31 -13.78 11.70
CA LEU A 184 28.99 -13.76 12.98
C LEU A 184 29.43 -15.16 13.40
N ASN A 185 28.56 -16.14 13.21
CA ASN A 185 28.80 -17.52 13.64
C ASN A 185 28.44 -18.46 12.50
N SER A 186 29.38 -18.74 11.64
CA SER A 186 29.12 -19.63 10.52
C SER A 186 29.40 -21.07 10.92
N PRO A 187 28.78 -22.03 10.21
CA PRO A 187 27.77 -21.72 9.20
C PRO A 187 26.41 -21.59 9.86
N HIS A 188 26.41 -21.63 11.19
CA HIS A 188 25.15 -21.60 11.92
C HIS A 188 24.39 -20.31 11.65
N SER A 189 25.04 -19.16 11.84
CA SER A 189 24.35 -17.90 11.69
C SER A 189 23.79 -17.73 10.29
N ARG A 190 24.58 -18.13 9.28
CA ARG A 190 24.07 -18.05 7.92
C ARG A 190 22.87 -18.95 7.72
N ALA A 191 22.74 -20.00 8.52
CA ALA A 191 21.62 -20.92 8.36
C ALA A 191 20.31 -20.28 8.82
N MET A 192 20.32 -19.67 10.00
CA MET A 192 19.09 -19.09 10.52
C MET A 192 18.57 -17.98 9.62
N TYR A 193 19.47 -17.25 8.97
CA TYR A 193 19.03 -16.23 8.03
C TYR A 193 18.22 -16.84 6.90
N VAL A 194 18.71 -17.94 6.34
CA VAL A 194 18.04 -18.54 5.19
C VAL A 194 16.78 -19.27 5.62
N TYR A 195 16.81 -19.95 6.77
CA TYR A 195 15.69 -20.74 7.27
C TYR A 195 15.37 -20.29 8.68
N PRO A 196 14.84 -19.08 8.84
CA PRO A 196 14.64 -18.54 10.18
C PRO A 196 13.58 -19.33 10.92
N PRO A 197 13.69 -19.45 12.23
CA PRO A 197 12.67 -20.19 12.99
C PRO A 197 11.31 -19.54 12.83
N ASN A 198 10.34 -20.33 12.38
CA ASN A 198 8.97 -19.87 12.23
C ASN A 198 8.20 -20.16 13.52
N VAL A 199 8.51 -19.38 14.54
CA VAL A 199 7.95 -19.56 15.86
C VAL A 199 6.91 -18.48 16.12
N GLU A 200 6.21 -18.62 17.23
CA GLU A 200 5.25 -17.63 17.69
C GLU A 200 5.81 -16.89 18.88
N SER A 201 5.19 -15.75 19.20
CA SER A 201 5.71 -14.86 20.21
C SER A 201 5.37 -15.30 21.64
N SER A 202 4.43 -16.22 21.81
CA SER A 202 4.00 -16.62 23.14
C SER A 202 4.44 -18.05 23.44
N PRO A 203 5.39 -18.25 24.35
CA PRO A 203 5.75 -19.63 24.73
C PRO A 203 4.61 -20.42 25.31
N GLU A 204 3.73 -19.79 26.08
CA GLU A 204 2.70 -20.51 26.83
C GLU A 204 1.46 -20.73 25.98
N LEU A 205 1.05 -21.98 25.85
CA LEU A 205 -0.12 -22.31 25.06
C LEU A 205 -1.37 -21.70 25.68
N PRO A 206 -2.36 -21.35 24.85
CA PRO A 206 -3.66 -20.97 25.39
C PRO A 206 -4.26 -22.12 26.16
N LYS A 207 -4.97 -21.78 27.25
CA LYS A 207 -5.49 -22.82 28.12
C LYS A 207 -6.48 -23.72 27.39
N HIS A 208 -7.16 -23.19 26.38
CA HIS A 208 -8.11 -24.01 25.64
C HIS A 208 -7.41 -25.05 24.78
N ILE A 209 -6.18 -24.77 24.34
CA ILE A 209 -5.46 -25.71 23.50
C ILE A 209 -4.55 -26.62 24.33
N TYR A 210 -4.08 -26.15 25.48
CA TYR A 210 -3.32 -27.02 26.37
C TYR A 210 -4.15 -28.21 26.79
N ASN A 211 -5.47 -28.11 26.70
CA ASN A 211 -6.34 -29.22 27.04
C ASN A 211 -6.43 -30.26 25.93
N LYS A 212 -5.89 -29.97 24.75
CA LYS A 212 -5.85 -30.97 23.69
C LYS A 212 -4.66 -31.91 23.82
N LEU A 213 -3.77 -31.66 24.77
CA LEU A 213 -2.63 -32.53 25.05
C LEU A 213 -2.90 -33.28 26.34
N ASP A 214 -2.91 -34.61 26.27
CA ASP A 214 -3.09 -35.42 27.47
C ASP A 214 -1.87 -35.24 28.35
N LYS A 215 -2.03 -34.48 29.43
CA LYS A 215 -0.92 -34.14 30.33
C LYS A 215 0.18 -33.40 29.59
N GLY A 216 -0.18 -32.72 28.51
CA GLY A 216 0.80 -32.00 27.71
C GLY A 216 1.78 -32.90 26.99
N GLN A 217 1.31 -33.97 26.37
CA GLN A 217 2.14 -34.87 25.61
C GLN A 217 1.76 -34.77 24.14
N ILE A 218 2.77 -34.64 23.29
CA ILE A 218 2.57 -34.51 21.84
C ILE A 218 3.06 -35.78 21.17
N ILE A 219 2.24 -36.33 20.28
CA ILE A 219 2.61 -37.51 19.52
C ILE A 219 3.15 -37.02 18.17
N VAL A 220 4.47 -36.97 18.05
CA VAL A 220 5.15 -36.48 16.86
C VAL A 220 5.76 -37.67 16.14
N VAL A 221 5.48 -37.78 14.84
CA VAL A 221 6.07 -38.81 14.01
C VAL A 221 7.36 -38.26 13.42
N ILE A 222 8.41 -39.07 13.45
CA ILE A 222 9.71 -38.68 12.94
C ILE A 222 10.10 -39.64 11.82
N TRP A 223 10.39 -39.09 10.65
CA TRP A 223 10.78 -39.87 9.49
C TRP A 223 12.28 -39.74 9.29
N VAL A 224 12.99 -40.86 9.33
CA VAL A 224 14.43 -40.90 9.12
C VAL A 224 14.67 -41.61 7.80
N ILE A 225 15.27 -40.89 6.85
CA ILE A 225 15.55 -41.46 5.54
C ILE A 225 17.05 -41.65 5.41
N VAL A 226 17.54 -42.83 5.79
CA VAL A 226 18.96 -43.14 5.71
C VAL A 226 19.26 -44.26 4.73
N SER A 227 18.26 -45.04 4.33
CA SER A 227 18.52 -46.12 3.40
C SER A 227 19.01 -45.57 2.06
N PRO A 228 20.09 -46.11 1.51
CA PRO A 228 20.58 -45.60 0.23
C PRO A 228 19.54 -45.65 -0.88
N ASN A 229 18.67 -46.66 -0.87
CA ASN A 229 17.59 -46.75 -1.86
C ASN A 229 16.36 -45.98 -1.39
N ASN A 230 16.56 -44.73 -1.01
CA ASN A 230 15.50 -43.79 -0.63
C ASN A 230 14.38 -44.49 0.12
N ASP A 231 14.76 -45.28 1.12
CA ASP A 231 13.81 -45.98 1.97
C ASP A 231 13.54 -45.16 3.22
N LYS A 232 12.27 -44.90 3.49
CA LYS A 232 11.86 -44.02 4.56
C LYS A 232 11.46 -44.85 5.78
N GLN A 233 11.97 -44.45 6.95
CA GLN A 233 11.59 -45.07 8.21
C GLN A 233 10.82 -44.05 9.04
N LYS A 234 9.79 -44.51 9.73
CA LYS A 234 8.94 -43.66 10.54
C LYS A 234 8.95 -44.14 11.97
N TYR A 235 9.06 -43.21 12.91
CA TYR A 235 8.93 -43.52 14.32
C TYR A 235 7.80 -42.68 14.89
N THR A 236 7.29 -43.11 16.04
CA THR A 236 6.26 -42.38 16.75
C THR A 236 6.78 -42.03 18.14
N LEU A 237 6.66 -40.76 18.50
CA LEU A 237 7.20 -40.26 19.76
C LEU A 237 6.09 -39.61 20.57
N LYS A 238 6.18 -39.74 21.88
CA LYS A 238 5.30 -39.03 22.80
C LYS A 238 6.20 -38.22 23.73
N ILE A 239 6.21 -36.90 23.54
CA ILE A 239 7.13 -36.04 24.26
C ILE A 239 6.40 -34.81 24.76
N ASN A 240 7.00 -34.15 25.74
CA ASN A 240 6.42 -32.95 26.30
C ASN A 240 6.31 -31.86 25.24
N HIS A 241 5.38 -30.93 25.45
CA HIS A 241 5.21 -29.83 24.51
C HIS A 241 6.34 -28.82 24.61
N ASP A 242 7.01 -28.75 25.76
CA ASP A 242 8.01 -27.73 26.02
C ASP A 242 9.44 -28.19 25.74
N CYS A 243 9.62 -29.40 25.22
CA CYS A 243 10.95 -29.88 24.91
C CYS A 243 11.54 -29.12 23.73
N VAL A 244 12.82 -28.77 23.83
CA VAL A 244 13.52 -28.10 22.74
C VAL A 244 13.78 -29.10 21.62
N PRO A 245 13.94 -28.65 20.37
CA PRO A 245 14.09 -29.62 19.27
C PRO A 245 15.24 -30.57 19.44
N GLU A 246 16.34 -30.15 20.06
CA GLU A 246 17.47 -31.06 20.22
C GLU A 246 17.09 -32.27 21.07
N GLN A 247 16.31 -32.05 22.13
CA GLN A 247 15.83 -33.17 22.94
C GLN A 247 14.95 -34.10 22.10
N VAL A 248 14.13 -33.52 21.23
CA VAL A 248 13.36 -34.35 20.29
C VAL A 248 14.31 -35.17 19.44
N ILE A 249 15.38 -34.54 18.94
CA ILE A 249 16.42 -35.30 18.26
C ILE A 249 17.10 -36.26 19.22
N ALA A 250 17.45 -35.77 20.42
CA ALA A 250 18.15 -36.61 21.37
C ALA A 250 17.32 -37.83 21.75
N GLU A 251 16.02 -37.64 21.95
CA GLU A 251 15.15 -38.77 22.27
C GLU A 251 14.86 -39.60 21.03
N ALA A 252 14.86 -38.98 19.85
CA ALA A 252 14.52 -39.72 18.63
C ALA A 252 15.49 -40.84 18.37
N ILE A 253 16.79 -40.59 18.53
CA ILE A 253 17.79 -41.60 18.21
C ILE A 253 17.61 -42.81 19.10
N ARG A 254 17.42 -42.60 20.41
CA ARG A 254 17.33 -43.71 21.34
C ARG A 254 16.19 -44.64 20.95
N LYS A 255 15.06 -44.08 20.52
CA LYS A 255 13.99 -44.92 20.02
C LYS A 255 14.44 -45.73 18.82
N LYS A 256 15.19 -45.11 17.90
CA LYS A 256 15.83 -45.87 16.84
C LYS A 256 16.97 -46.70 17.37
N THR A 257 17.54 -46.31 18.51
CA THR A 257 18.68 -47.02 19.08
C THR A 257 19.86 -47.00 18.11
N GLN A 275 27.40 -30.06 16.85
CA GLN A 275 26.76 -30.33 18.14
C GLN A 275 26.06 -31.68 18.15
N GLY A 276 24.74 -31.65 17.95
CA GLY A 276 23.97 -32.87 17.87
C GLY A 276 24.14 -33.62 16.57
N LYS A 277 24.61 -32.93 15.52
CA LYS A 277 24.86 -33.49 14.20
C LYS A 277 23.57 -33.63 13.40
N TYR A 278 22.42 -33.21 13.93
CA TYR A 278 21.16 -33.44 13.26
C TYR A 278 20.23 -32.26 13.49
N ILE A 279 19.31 -32.05 12.53
CA ILE A 279 18.29 -31.02 12.62
C ILE A 279 16.98 -31.60 12.12
N LEU A 280 15.88 -31.06 12.64
CA LEU A 280 14.55 -31.52 12.30
C LEU A 280 13.96 -30.62 11.22
N LYS A 281 13.45 -31.22 10.16
CA LYS A 281 12.83 -30.49 9.07
C LYS A 281 11.36 -30.86 9.00
N VAL A 282 10.53 -29.92 8.56
CA VAL A 282 9.11 -30.20 8.39
C VAL A 282 8.93 -31.03 7.14
N CYS A 283 8.38 -32.22 7.27
CA CYS A 283 8.27 -33.13 6.14
C CYS A 283 7.39 -32.51 5.07
N GLY A 284 8.00 -32.07 3.98
CA GLY A 284 7.23 -31.62 2.85
C GLY A 284 7.49 -30.18 2.40
N CYS A 285 7.75 -29.27 3.34
CA CYS A 285 7.78 -27.85 3.01
C CYS A 285 9.08 -27.16 3.40
N ASP A 286 10.10 -27.91 3.80
CA ASP A 286 11.42 -27.37 4.13
C ASP A 286 11.33 -26.11 5.01
N GLU A 287 10.87 -26.34 6.23
CA GLU A 287 11.04 -25.42 7.35
C GLU A 287 11.80 -26.17 8.43
N TYR A 288 12.80 -25.53 9.02
CA TYR A 288 13.74 -26.22 9.88
C TYR A 288 13.65 -25.70 11.31
N PHE A 289 13.72 -26.63 12.26
CA PHE A 289 13.68 -26.30 13.68
C PHE A 289 15.12 -26.12 14.14
N LEU A 290 15.62 -24.90 14.01
CA LEU A 290 17.01 -24.59 14.33
C LEU A 290 17.18 -23.99 15.72
N GLU A 291 16.42 -22.96 16.03
CA GLU A 291 16.60 -22.26 17.30
C GLU A 291 16.07 -23.08 18.46
N LYS A 292 16.62 -22.82 19.65
CA LYS A 292 16.26 -23.54 20.87
C LYS A 292 14.99 -22.93 21.45
N TYR A 293 13.86 -23.35 20.92
CA TYR A 293 12.55 -22.92 21.38
C TYR A 293 11.69 -24.13 21.75
N PRO A 294 10.77 -23.98 22.68
CA PRO A 294 9.87 -25.09 22.99
C PRO A 294 9.16 -25.59 21.74
N LEU A 295 9.11 -26.91 21.59
CA LEU A 295 8.62 -27.49 20.35
C LEU A 295 7.19 -27.09 20.06
N SER A 296 6.43 -26.70 21.09
CA SER A 296 5.06 -26.28 20.88
C SER A 296 4.95 -24.86 20.36
N GLN A 297 6.05 -24.10 20.40
CA GLN A 297 5.99 -22.71 19.97
C GLN A 297 6.09 -22.57 18.47
N TYR A 298 6.66 -23.55 17.78
CA TYR A 298 6.77 -23.44 16.34
C TYR A 298 5.38 -23.48 15.70
N LYS A 299 5.18 -22.60 14.72
CA LYS A 299 3.83 -22.42 14.16
C LYS A 299 3.30 -23.71 13.58
N TYR A 300 4.17 -24.54 13.00
CA TYR A 300 3.71 -25.80 12.43
C TYR A 300 3.20 -26.73 13.52
N ILE A 301 3.97 -26.88 14.60
CA ILE A 301 3.56 -27.78 15.67
C ILE A 301 2.29 -27.27 16.34
N ARG A 302 2.23 -25.96 16.60
CA ARG A 302 1.04 -25.40 17.21
C ARG A 302 -0.19 -25.64 16.36
N SER A 303 -0.07 -25.45 15.04
CA SER A 303 -1.21 -25.63 14.15
C SER A 303 -1.70 -27.06 14.17
N CYS A 304 -0.78 -28.03 14.17
CA CYS A 304 -1.19 -29.43 14.16
C CYS A 304 -2.02 -29.78 15.39
N ILE A 305 -1.68 -29.21 16.54
CA ILE A 305 -2.51 -29.40 17.72
C ILE A 305 -3.92 -28.89 17.46
N MET A 306 -4.03 -27.66 16.97
CA MET A 306 -5.34 -27.06 16.73
C MET A 306 -6.18 -27.95 15.83
N LEU A 307 -5.61 -28.39 14.73
CA LEU A 307 -6.32 -29.24 13.78
C LEU A 307 -6.31 -30.70 14.19
N GLY A 308 -5.63 -31.04 15.29
CA GLY A 308 -5.63 -32.41 15.75
C GLY A 308 -4.99 -33.39 14.80
N ARG A 309 -4.25 -32.90 13.81
CA ARG A 309 -3.57 -33.77 12.87
C ARG A 309 -2.27 -34.29 13.47
N MET A 310 -1.66 -35.25 12.77
CA MET A 310 -0.41 -35.84 13.24
C MET A 310 0.76 -35.06 12.67
N PRO A 311 1.62 -34.48 13.51
CA PRO A 311 2.74 -33.69 12.98
C PRO A 311 3.86 -34.62 12.51
N ASN A 312 4.29 -34.41 11.27
CA ASN A 312 5.35 -35.22 10.66
C ASN A 312 6.63 -34.39 10.56
N LEU A 313 7.73 -34.98 11.01
CA LEU A 313 9.04 -34.35 10.91
C LEU A 313 10.03 -35.37 10.41
N MET A 314 11.10 -34.89 9.80
CA MET A 314 12.17 -35.75 9.29
C MET A 314 13.51 -35.27 9.83
N LEU A 315 14.42 -36.21 10.00
CA LEU A 315 15.72 -35.94 10.58
C LEU A 315 16.75 -35.82 9.47
N MET A 316 17.50 -34.72 9.47
CA MET A 316 18.52 -34.46 8.47
C MET A 316 19.82 -34.06 9.15
N ALA A 317 20.93 -34.40 8.50
CA ALA A 317 22.24 -34.08 9.03
C ALA A 317 22.61 -32.64 8.73
N LYS A 318 23.21 -31.97 9.71
CA LYS A 318 23.55 -30.56 9.53
C LYS A 318 24.41 -30.35 8.29
N GLU A 319 25.31 -31.30 8.02
CA GLU A 319 26.17 -31.16 6.84
C GLU A 319 25.34 -31.17 5.57
N SER A 320 24.33 -32.04 5.50
CA SER A 320 23.49 -32.10 4.31
C SER A 320 22.68 -30.83 4.11
N LEU A 321 22.62 -29.96 5.12
CA LEU A 321 21.98 -28.66 4.99
C LEU A 321 22.97 -27.53 4.82
N TYR A 322 24.04 -27.51 5.62
CA TYR A 322 25.04 -26.46 5.48
C TYR A 322 25.67 -26.47 4.10
N SER A 323 25.70 -27.62 3.44
CA SER A 323 26.27 -27.68 2.10
C SER A 323 25.49 -26.80 1.13
N GLN A 324 24.16 -26.84 1.21
CA GLN A 324 23.35 -26.07 0.27
C GLN A 324 23.53 -24.58 0.46
N LEU A 325 23.87 -24.14 1.67
CA LEU A 325 24.03 -22.71 1.92
C LEU A 325 25.26 -22.20 1.19
N PRO A 326 25.11 -21.48 0.08
CA PRO A 326 26.28 -21.02 -0.66
C PRO A 326 26.80 -19.72 -0.08
N MET A 327 28.13 -19.63 0.02
CA MET A 327 28.76 -18.44 0.57
C MET A 327 28.37 -17.23 -0.29
N ASP A 328 27.94 -16.16 0.36
CA ASP A 328 27.53 -14.94 -0.32
C ASP A 328 28.44 -13.79 0.09
N CYS A 329 28.95 -13.08 -0.90
CA CYS A 329 29.85 -11.96 -0.68
C CYS A 329 29.15 -10.66 -1.04
N PHE A 330 29.20 -9.69 -0.13
CA PHE A 330 28.63 -8.38 -0.36
C PHE A 330 29.78 -7.40 -0.59
N THR A 331 29.85 -6.86 -1.81
CA THR A 331 30.90 -5.95 -2.20
C THR A 331 30.34 -4.54 -2.27
N MET A 332 30.99 -3.60 -1.60
CA MET A 332 30.54 -2.22 -1.63
C MET A 332 30.60 -1.71 -3.07
N PRO A 333 29.47 -1.25 -3.62
CA PRO A 333 29.43 -0.93 -5.04
C PRO A 333 30.37 0.21 -5.40
N SER A 334 30.45 0.49 -6.70
CA SER A 334 31.36 1.52 -7.15
C SER A 334 31.00 2.89 -6.60
N TYR A 335 29.70 3.23 -6.62
CA TYR A 335 29.30 4.56 -6.19
C TYR A 335 29.64 4.83 -4.73
N SER A 336 29.79 3.78 -3.92
CA SER A 336 30.15 3.99 -2.52
C SER A 336 31.51 4.66 -2.40
N ARG A 337 32.48 4.20 -3.20
CA ARG A 337 33.81 4.80 -3.15
C ARG A 337 33.82 6.20 -3.77
N ARG A 338 32.98 6.44 -4.76
CA ARG A 338 32.88 7.76 -5.37
C ARG A 338 32.44 8.76 -4.31
N ILE A 339 33.33 9.69 -3.97
CA ILE A 339 33.04 10.68 -2.93
C ILE A 339 32.98 10.00 -1.58
N THR A 350 28.51 28.80 4.46
CA THR A 350 29.40 29.12 5.56
C THR A 350 28.64 29.71 6.74
N SER A 351 28.13 30.92 6.56
CA SER A 351 27.37 31.60 7.61
C SER A 351 26.01 30.93 7.75
N THR A 352 25.77 30.29 8.89
CA THR A 352 24.51 29.61 9.17
C THR A 352 23.78 30.32 10.28
N LYS A 353 22.52 30.67 10.04
CA LYS A 353 21.66 31.27 11.04
C LYS A 353 20.65 30.23 11.51
N SER A 354 20.57 30.02 12.82
CA SER A 354 19.56 29.13 13.36
C SER A 354 18.19 29.73 13.11
N LEU A 355 17.19 28.85 13.02
CA LEU A 355 15.85 29.30 12.66
C LEU A 355 15.34 30.34 13.66
N TRP A 356 15.56 30.10 14.94
CA TRP A 356 14.94 30.93 15.97
C TRP A 356 15.44 32.37 15.92
N VAL A 357 16.62 32.62 15.37
CA VAL A 357 17.12 33.99 15.29
C VAL A 357 16.34 34.79 14.27
N ILE A 358 16.00 34.19 13.13
CA ILE A 358 15.23 34.90 12.12
C ILE A 358 13.95 35.44 12.76
N ASN A 359 13.56 36.65 12.37
CA ASN A 359 12.36 37.29 12.89
C ASN A 359 11.57 37.82 11.70
N SER A 360 10.54 37.08 11.31
CA SER A 360 9.73 37.46 10.16
C SER A 360 8.54 36.52 10.09
N ALA A 361 7.71 36.71 9.08
CA ALA A 361 6.57 35.86 8.82
C ALA A 361 6.79 35.10 7.53
N LEU A 362 6.43 33.83 7.52
CA LEU A 362 6.62 33.03 6.32
C LEU A 362 5.87 33.65 5.15
N ARG A 363 6.60 34.18 4.17
CA ARG A 363 6.02 34.72 2.96
C ARG A 363 6.61 33.98 1.77
N ILE A 364 5.76 33.62 0.82
CA ILE A 364 6.17 32.84 -0.34
C ILE A 364 5.62 33.51 -1.58
N LYS A 365 6.43 33.60 -2.63
CA LYS A 365 6.04 34.27 -3.85
C LYS A 365 5.66 33.25 -4.91
N ILE A 366 4.52 33.46 -5.54
CA ILE A 366 4.06 32.61 -6.65
C ILE A 366 4.27 33.39 -7.94
N LEU A 367 5.16 32.89 -8.80
CA LEU A 367 5.56 33.64 -9.97
C LEU A 367 4.65 33.36 -11.16
N CYS A 368 4.56 32.09 -11.57
CA CYS A 368 3.76 31.76 -12.74
C CYS A 368 3.62 30.26 -12.80
N ALA A 369 2.68 29.80 -13.62
CA ALA A 369 2.46 28.39 -13.86
C ALA A 369 2.76 28.10 -15.33
N THR A 370 3.63 27.12 -15.56
CA THR A 370 4.13 26.90 -16.92
C THR A 370 2.98 26.64 -17.89
N TYR A 371 2.06 25.77 -17.52
CA TYR A 371 0.92 25.55 -18.40
C TYR A 371 -0.11 24.70 -17.66
N VAL A 372 -1.37 25.09 -17.80
CA VAL A 372 -2.48 24.40 -17.17
C VAL A 372 -3.45 23.98 -18.26
N ASN A 373 -4.01 22.78 -18.11
CA ASN A 373 -4.90 22.21 -19.13
C ASN A 373 -6.35 22.46 -18.75
N VAL A 374 -6.81 23.68 -19.01
CA VAL A 374 -8.19 24.06 -18.75
C VAL A 374 -8.72 24.82 -19.95
N ASN A 375 -10.04 24.80 -20.08
CA ASN A 375 -10.72 25.38 -21.23
C ASN A 375 -11.16 26.79 -20.90
N ILE A 376 -10.88 27.73 -21.82
CA ILE A 376 -11.20 29.13 -21.57
C ILE A 376 -12.71 29.31 -21.39
N ARG A 377 -13.50 28.66 -22.23
CA ARG A 377 -14.95 28.83 -22.18
C ARG A 377 -15.51 28.36 -20.84
N ASP A 378 -15.04 27.21 -20.35
CA ASP A 378 -15.67 26.60 -19.19
C ASP A 378 -15.15 27.19 -17.87
N ILE A 379 -13.87 27.52 -17.80
CA ILE A 379 -13.27 28.02 -16.57
C ILE A 379 -13.15 29.54 -16.67
N ASP A 380 -13.68 30.23 -15.66
CA ASP A 380 -13.61 31.69 -15.65
C ASP A 380 -12.21 32.16 -15.27
N LYS A 381 -11.74 31.80 -14.09
CA LYS A 381 -10.44 32.21 -13.60
C LYS A 381 -9.78 31.04 -12.92
N ILE A 382 -8.54 31.24 -12.50
CA ILE A 382 -7.80 30.23 -11.75
C ILE A 382 -6.94 30.93 -10.72
N TYR A 383 -6.59 30.19 -9.67
CA TYR A 383 -5.77 30.73 -8.60
C TYR A 383 -5.03 29.60 -7.93
N VAL A 384 -4.03 29.95 -7.12
CA VAL A 384 -3.20 28.99 -6.42
C VAL A 384 -3.50 29.11 -4.93
N ARG A 385 -3.87 28.01 -4.31
CA ARG A 385 -4.29 27.98 -2.91
C ARG A 385 -3.21 27.26 -2.11
N THR A 386 -2.74 27.89 -1.04
CA THR A 386 -1.59 27.36 -0.31
C THR A 386 -1.86 27.36 1.18
N GLY A 387 -1.16 26.48 1.88
CA GLY A 387 -1.29 26.40 3.33
C GLY A 387 -0.08 25.73 3.93
N ILE A 388 0.21 26.08 5.17
CA ILE A 388 1.38 25.55 5.87
C ILE A 388 0.86 24.42 6.77
N TYR A 389 0.85 23.21 6.23
CA TYR A 389 0.39 22.06 6.98
C TYR A 389 1.51 21.45 7.80
N HIS A 390 1.14 20.84 8.93
CA HIS A 390 2.06 20.05 9.74
C HIS A 390 1.39 18.71 10.00
N GLY A 391 1.59 17.77 9.09
CA GLY A 391 1.02 16.45 9.29
C GLY A 391 -0.49 16.47 9.26
N GLY A 392 -1.07 17.07 8.23
CA GLY A 392 -2.49 17.00 8.01
C GLY A 392 -3.31 18.12 8.60
N GLU A 393 -2.76 18.89 9.53
CA GLU A 393 -3.50 20.00 10.11
C GLU A 393 -2.83 21.31 9.74
N PRO A 394 -3.56 22.31 9.26
CA PRO A 394 -2.94 23.59 8.96
C PRO A 394 -2.29 24.19 10.18
N LEU A 395 -1.13 24.79 9.98
CA LEU A 395 -0.48 25.54 11.05
C LEU A 395 -0.95 26.99 11.10
N CYS A 396 -1.70 27.42 10.10
CA CYS A 396 -2.21 28.78 10.02
C CYS A 396 -3.24 28.81 8.90
N ASP A 397 -3.87 29.96 8.72
CA ASP A 397 -4.90 30.10 7.70
C ASP A 397 -4.32 29.86 6.31
N ASN A 398 -5.09 29.18 5.47
CA ASN A 398 -4.72 29.06 4.08
C ASN A 398 -4.64 30.45 3.45
N VAL A 399 -4.02 30.51 2.27
CA VAL A 399 -3.93 31.74 1.50
C VAL A 399 -4.27 31.44 0.05
N ASN A 400 -4.71 32.47 -0.66
CA ASN A 400 -5.12 32.36 -2.05
C ASN A 400 -4.43 33.44 -2.87
N THR A 401 -4.31 33.20 -4.16
CA THR A 401 -3.81 34.20 -5.09
C THR A 401 -4.98 34.78 -5.88
N GLN A 402 -4.85 36.05 -6.23
CA GLN A 402 -5.88 36.70 -7.03
C GLN A 402 -6.26 35.81 -8.19
N ARG A 403 -7.52 35.90 -8.60
CA ARG A 403 -8.00 35.09 -9.71
C ARG A 403 -7.58 35.74 -11.02
N VAL A 404 -6.68 35.09 -11.74
CA VAL A 404 -6.22 35.60 -13.03
C VAL A 404 -6.95 34.84 -14.14
N PRO A 405 -7.04 35.39 -15.34
CA PRO A 405 -7.77 34.71 -16.40
C PRO A 405 -7.11 33.39 -16.76
N CYS A 406 -7.95 32.46 -17.25
CA CYS A 406 -7.47 31.12 -17.58
C CYS A 406 -6.38 31.15 -18.64
N SER A 407 -6.53 31.97 -19.67
CA SER A 407 -5.61 31.93 -20.80
C SER A 407 -4.21 32.38 -20.38
N ASN A 408 -4.10 33.29 -19.43
CA ASN A 408 -2.81 33.82 -18.99
C ASN A 408 -2.60 33.54 -17.51
N PRO A 409 -1.93 32.44 -17.14
CA PRO A 409 -1.64 32.13 -15.74
C PRO A 409 -0.33 32.72 -15.21
N ARG A 410 -0.37 33.99 -14.83
CA ARG A 410 0.78 34.64 -14.21
C ARG A 410 0.32 35.45 -13.01
N TRP A 411 0.97 35.25 -11.86
CA TRP A 411 0.55 35.88 -10.62
C TRP A 411 1.59 36.85 -10.07
N ASN A 412 2.81 36.39 -9.82
CA ASN A 412 3.86 37.23 -9.27
C ASN A 412 3.37 38.01 -8.04
N GLU A 413 2.98 37.25 -7.03
CA GLU A 413 2.43 37.83 -5.80
C GLU A 413 3.09 37.19 -4.59
N TRP A 414 3.28 38.00 -3.55
CA TRP A 414 3.92 37.54 -2.32
C TRP A 414 2.82 37.09 -1.35
N LEU A 415 2.43 35.82 -1.45
CA LEU A 415 1.56 35.27 -0.43
C LEU A 415 2.21 35.44 0.94
N ASN A 416 1.41 35.80 1.93
CA ASN A 416 1.95 36.15 3.23
C ASN A 416 1.18 35.39 4.30
N TYR A 417 1.91 34.66 5.14
CA TYR A 417 1.33 33.81 6.17
C TYR A 417 1.61 34.40 7.55
N ASP A 418 0.80 34.00 8.52
CA ASP A 418 0.92 34.51 9.87
C ASP A 418 1.79 33.66 10.77
N ILE A 419 2.39 32.59 10.24
CA ILE A 419 3.24 31.72 11.02
C ILE A 419 4.62 32.38 11.14
N TYR A 420 4.97 32.83 12.33
CA TYR A 420 6.29 33.36 12.58
C TYR A 420 7.34 32.33 12.21
N ILE A 421 8.43 32.78 11.59
CA ILE A 421 9.46 31.83 11.13
C ILE A 421 10.03 31.00 12.28
N PRO A 422 10.42 31.59 13.41
CA PRO A 422 10.98 30.77 14.49
C PRO A 422 10.03 29.71 15.01
N ASP A 423 8.74 29.80 14.71
CA ASP A 423 7.76 28.85 15.18
C ASP A 423 7.45 27.76 14.16
N LEU A 424 8.16 27.71 13.06
CA LEU A 424 7.89 26.69 12.06
C LEU A 424 8.30 25.33 12.61
N PRO A 425 7.41 24.36 12.66
CA PRO A 425 7.81 23.03 13.14
C PRO A 425 8.74 22.35 12.15
N ARG A 426 9.59 21.47 12.67
CA ARG A 426 10.57 20.81 11.83
C ARG A 426 9.92 20.08 10.66
N ALA A 427 8.80 19.41 10.90
CA ALA A 427 8.11 18.68 9.84
C ALA A 427 7.10 19.52 9.09
N ALA A 428 7.25 20.84 9.13
CA ALA A 428 6.34 21.72 8.40
C ALA A 428 6.44 21.45 6.90
N ARG A 429 5.34 21.68 6.21
CA ARG A 429 5.35 21.50 4.76
C ARG A 429 4.70 22.69 4.08
N LEU A 430 4.42 22.55 2.79
CA LEU A 430 3.75 23.59 2.01
C LEU A 430 2.88 22.90 0.98
N CYS A 431 1.58 22.85 1.23
CA CYS A 431 0.63 22.23 0.32
C CYS A 431 0.03 23.31 -0.55
N LEU A 432 0.02 23.10 -1.87
CA LEU A 432 -0.50 24.10 -2.77
C LEU A 432 -1.14 23.43 -3.97
N SER A 433 -2.00 24.19 -4.64
CA SER A 433 -2.86 23.64 -5.68
C SER A 433 -3.21 24.72 -6.68
N ILE A 434 -3.72 24.30 -7.84
CA ILE A 434 -4.23 25.21 -8.85
C ILE A 434 -5.71 24.89 -9.02
N CYS A 435 -6.57 25.78 -8.55
CA CYS A 435 -8.00 25.56 -8.57
C CYS A 435 -8.65 26.54 -9.53
N SER A 436 -9.74 26.09 -10.15
CA SER A 436 -10.45 26.87 -11.14
C SER A 436 -11.82 27.27 -10.61
N VAL A 437 -12.10 28.56 -10.62
CA VAL A 437 -13.35 29.09 -10.10
C VAL A 437 -14.36 29.14 -11.23
N LYS A 438 -15.48 28.45 -11.07
CA LYS A 438 -16.52 28.42 -12.09
C LYS A 438 -17.49 29.59 -11.94
N GLY A 439 -18.12 29.71 -10.78
CA GLY A 439 -19.06 30.78 -10.56
C GLY A 439 -20.14 30.73 -11.63
N ARG A 440 -20.36 31.87 -12.28
CA ARG A 440 -21.23 31.98 -13.44
C ARG A 440 -22.68 31.67 -13.14
N LYS A 441 -23.07 31.62 -11.87
CA LYS A 441 -24.46 31.35 -11.52
C LYS A 441 -24.72 31.91 -10.13
N GLY A 442 -25.47 33.00 -10.04
CA GLY A 442 -25.77 33.58 -8.75
C GLY A 442 -24.49 33.92 -8.01
N ALA A 443 -24.40 33.44 -6.78
CA ALA A 443 -23.21 33.60 -5.94
C ALA A 443 -22.74 32.24 -5.44
N LYS A 444 -22.73 31.24 -6.32
CA LYS A 444 -22.36 29.88 -5.96
C LYS A 444 -21.05 29.55 -6.67
N GLU A 445 -19.94 29.92 -6.04
CA GLU A 445 -18.63 29.59 -6.59
C GLU A 445 -18.47 28.08 -6.65
N GLU A 446 -17.96 27.58 -7.77
CA GLU A 446 -17.71 26.16 -7.96
C GLU A 446 -16.22 25.96 -8.16
N HIS A 447 -15.56 25.39 -7.16
CA HIS A 447 -14.11 25.25 -7.15
C HIS A 447 -13.74 23.80 -7.42
N CYS A 448 -12.79 23.59 -8.32
CA CYS A 448 -12.32 22.25 -8.65
C CYS A 448 -10.83 22.27 -8.90
N PRO A 449 -10.02 21.73 -7.98
CA PRO A 449 -8.57 21.80 -8.16
C PRO A 449 -8.12 21.09 -9.42
N LEU A 450 -7.07 21.63 -10.04
CA LEU A 450 -6.50 21.06 -11.26
C LEU A 450 -5.16 20.38 -11.05
N ALA A 451 -4.44 20.70 -9.99
CA ALA A 451 -3.17 20.07 -9.70
C ALA A 451 -2.84 20.33 -8.25
N TRP A 452 -1.81 19.65 -7.77
CA TRP A 452 -1.38 19.82 -6.38
C TRP A 452 0.07 19.44 -6.24
N GLY A 453 0.66 19.82 -5.13
CA GLY A 453 2.01 19.40 -4.82
C GLY A 453 2.54 20.00 -3.55
N ASN A 454 3.13 19.18 -2.70
CA ASN A 454 3.69 19.63 -1.43
C ASN A 454 5.20 19.72 -1.54
N ILE A 455 5.81 20.48 -0.64
CA ILE A 455 7.26 20.52 -0.55
C ILE A 455 7.65 20.78 0.90
N ASN A 456 8.59 20.01 1.42
CA ASN A 456 9.07 20.24 2.75
C ASN A 456 9.77 21.59 2.83
N LEU A 457 9.52 22.33 3.89
CA LEU A 457 10.16 23.63 4.05
C LEU A 457 11.56 23.52 4.60
N PHE A 458 11.99 22.33 4.98
CA PHE A 458 13.31 22.10 5.53
C PHE A 458 14.03 21.02 4.73
N ASP A 459 15.27 21.28 4.39
CA ASP A 459 16.09 20.32 3.66
C ASP A 459 16.39 19.10 4.53
N TYR A 460 16.61 17.96 3.87
CA TYR A 460 16.96 16.76 4.60
C TYR A 460 18.18 16.94 5.48
N THR A 461 18.88 18.07 5.36
CA THR A 461 20.00 18.40 6.23
C THR A 461 19.64 19.44 7.27
N ASP A 462 18.35 19.62 7.55
CA ASP A 462 17.89 20.60 8.53
C ASP A 462 18.09 22.03 8.04
N THR A 463 17.85 22.26 6.75
CA THR A 463 18.05 23.57 6.15
C THR A 463 16.73 24.04 5.55
N LEU A 464 16.41 25.31 5.77
CA LEU A 464 15.16 25.87 5.29
C LEU A 464 15.29 26.30 3.84
N VAL A 465 14.41 25.77 2.99
CA VAL A 465 14.52 26.08 1.56
C VAL A 465 14.53 27.59 1.38
N SER A 466 15.16 28.03 0.30
CA SER A 466 15.25 29.44 -0.01
C SER A 466 15.49 29.57 -1.50
N GLY A 467 15.53 30.82 -1.97
CA GLY A 467 15.78 31.06 -3.37
C GLY A 467 14.67 30.51 -4.23
N LYS A 468 14.86 30.64 -5.53
CA LYS A 468 13.81 30.28 -6.47
C LYS A 468 13.68 28.77 -6.57
N MET A 469 12.54 28.32 -7.10
CA MET A 469 12.25 26.91 -7.20
C MET A 469 11.21 26.70 -8.28
N ALA A 470 11.20 25.50 -8.85
CA ALA A 470 10.22 25.09 -9.82
C ALA A 470 9.65 23.76 -9.39
N LEU A 471 8.35 23.58 -9.55
CA LEU A 471 7.65 22.40 -9.08
C LEU A 471 6.73 21.91 -10.17
N ASN A 472 6.78 20.63 -10.48
CA ASN A 472 5.84 20.01 -11.41
C ASN A 472 4.73 19.36 -10.59
N LEU A 473 3.50 19.74 -10.89
CA LEU A 473 2.38 19.32 -10.07
C LEU A 473 1.88 17.95 -10.51
N TRP A 474 1.08 17.37 -9.67
CA TRP A 474 0.56 16.03 -9.86
C TRP A 474 -0.91 16.08 -10.27
N PRO A 475 -1.38 15.06 -10.99
CA PRO A 475 -2.81 14.97 -11.27
C PRO A 475 -3.59 14.84 -9.98
N VAL A 476 -4.76 15.45 -9.94
CA VAL A 476 -5.56 15.37 -8.71
C VAL A 476 -6.04 13.94 -8.51
N PRO A 477 -5.92 13.37 -7.31
CA PRO A 477 -6.37 11.99 -7.12
C PRO A 477 -7.86 11.88 -7.32
N HIS A 478 -8.27 11.23 -8.41
CA HIS A 478 -9.69 11.21 -8.75
C HIS A 478 -10.49 10.52 -7.65
N GLY A 479 -11.59 11.15 -7.26
CA GLY A 479 -12.27 10.83 -6.05
C GLY A 479 -11.97 11.77 -4.90
N LEU A 480 -11.00 12.66 -5.07
CA LEU A 480 -10.66 13.67 -4.07
C LEU A 480 -11.33 14.97 -4.44
N GLU A 481 -12.33 15.37 -3.68
CA GLU A 481 -13.03 16.62 -3.92
C GLU A 481 -12.40 17.80 -3.20
N ASP A 482 -11.50 17.56 -2.26
CA ASP A 482 -10.87 18.64 -1.52
C ASP A 482 -9.96 19.44 -2.41
N LEU A 483 -9.64 20.67 -1.98
CA LEU A 483 -8.85 21.59 -2.78
C LEU A 483 -7.36 21.53 -2.50
N LEU A 484 -6.94 20.83 -1.46
CA LEU A 484 -5.53 20.57 -1.22
C LEU A 484 -5.36 19.10 -0.87
N ASN A 485 -4.13 18.62 -1.00
CA ASN A 485 -3.80 17.22 -0.72
C ASN A 485 -2.63 17.19 0.26
N PRO A 486 -2.88 17.53 1.52
CA PRO A 486 -1.80 17.50 2.51
C PRO A 486 -1.22 16.13 2.73
N ILE A 487 -1.94 15.07 2.34
CA ILE A 487 -1.46 13.71 2.57
C ILE A 487 -0.62 13.18 1.42
N GLY A 488 -0.61 13.84 0.27
CA GLY A 488 0.15 13.34 -0.86
C GLY A 488 1.64 13.43 -0.63
N VAL A 489 2.38 12.75 -1.52
CA VAL A 489 3.83 12.70 -1.40
C VAL A 489 4.43 14.04 -1.81
N THR A 490 5.58 14.35 -1.23
CA THR A 490 6.27 15.59 -1.54
C THR A 490 7.08 15.44 -2.83
N GLY A 491 7.76 16.51 -3.21
CA GLY A 491 8.64 16.49 -4.36
C GLY A 491 7.92 16.77 -5.66
N SER A 492 8.71 17.09 -6.67
CA SER A 492 8.18 17.41 -7.99
C SER A 492 7.65 16.17 -8.67
N ASN A 493 6.84 16.39 -9.70
CA ASN A 493 6.41 15.28 -10.54
C ASN A 493 7.57 14.87 -11.44
N PRO A 494 8.01 13.61 -11.38
CA PRO A 494 9.15 13.23 -12.23
C PRO A 494 8.90 13.50 -13.70
N ASN A 495 7.67 13.29 -14.17
CA ASN A 495 7.34 13.66 -15.53
C ASN A 495 7.49 15.17 -15.70
N LYS A 496 7.95 15.58 -16.89
CA LYS A 496 8.21 16.99 -17.13
C LYS A 496 7.14 17.67 -17.96
N GLU A 497 6.22 16.92 -18.57
CA GLU A 497 5.15 17.51 -19.37
C GLU A 497 3.88 17.65 -18.53
N THR A 498 3.98 18.40 -17.46
CA THR A 498 2.89 18.63 -16.54
C THR A 498 2.98 20.05 -15.99
N PRO A 499 1.90 20.57 -15.44
CA PRO A 499 1.90 21.97 -14.96
C PRO A 499 3.03 22.26 -14.01
N CYS A 500 3.93 23.16 -14.41
CA CYS A 500 5.05 23.56 -13.59
C CYS A 500 4.75 24.91 -12.98
N LEU A 501 4.87 25.00 -11.66
CA LEU A 501 4.58 26.22 -10.92
C LEU A 501 5.88 26.72 -10.30
N GLU A 502 6.37 27.85 -10.78
CA GLU A 502 7.58 28.44 -10.23
C GLU A 502 7.25 29.18 -8.95
N LEU A 503 8.02 28.91 -7.91
CA LEU A 503 7.91 29.57 -6.62
C LEU A 503 9.16 30.41 -6.39
N GLU A 504 9.23 31.03 -5.23
CA GLU A 504 10.43 31.77 -4.84
C GLU A 504 10.33 32.05 -3.35
N PHE A 505 11.21 31.47 -2.56
CA PHE A 505 11.17 31.60 -1.13
C PHE A 505 12.08 32.73 -0.67
N ASP A 506 11.62 33.49 0.30
CA ASP A 506 12.37 34.65 0.75
C ASP A 506 13.77 34.25 1.20
N TRP A 507 14.77 34.99 0.75
CA TRP A 507 16.16 34.73 1.11
C TRP A 507 16.53 35.58 2.31
N PHE A 508 17.08 34.94 3.35
CA PHE A 508 17.37 35.60 4.61
C PHE A 508 18.86 35.88 4.79
N SER A 509 19.57 36.18 3.70
CA SER A 509 20.95 36.64 3.72
C SER A 509 21.96 35.53 4.01
N SER A 510 21.51 34.32 4.32
CA SER A 510 22.42 33.22 4.61
C SER A 510 21.61 31.93 4.58
N VAL A 511 22.22 30.85 5.04
CA VAL A 511 21.55 29.57 5.16
C VAL A 511 20.94 29.48 6.56
N VAL A 512 19.69 29.07 6.63
CA VAL A 512 18.95 28.97 7.88
C VAL A 512 18.76 27.49 8.18
N LYS A 513 19.27 27.05 9.33
CA LYS A 513 19.19 25.67 9.77
C LYS A 513 18.22 25.56 10.93
N PHE A 514 17.51 24.44 11.00
CA PHE A 514 16.71 24.19 12.18
C PHE A 514 17.64 23.98 13.38
N PRO A 515 17.31 24.56 14.54
CA PRO A 515 18.21 24.43 15.70
C PRO A 515 18.44 22.98 16.07
N ASP A 516 19.64 22.70 16.58
CA ASP A 516 19.96 21.36 17.04
C ASP A 516 19.31 21.10 18.39
N MET A 517 19.22 19.81 18.74
CA MET A 517 18.57 19.43 19.98
C MET A 517 19.23 20.07 21.19
N SER A 518 20.52 20.38 21.10
CA SER A 518 21.18 21.02 22.23
C SER A 518 20.51 22.33 22.60
N VAL A 519 20.26 23.19 21.60
CA VAL A 519 19.61 24.46 21.87
C VAL A 519 18.15 24.27 22.22
N ILE A 520 17.47 23.35 21.55
CA ILE A 520 16.04 23.18 21.77
C ILE A 520 15.76 22.78 23.20
N GLU A 521 16.52 21.82 23.73
CA GLU A 521 16.30 21.40 25.11
C GLU A 521 16.50 22.54 26.08
N GLU A 522 17.54 23.36 25.86
CA GLU A 522 17.79 24.49 26.75
C GLU A 522 16.65 25.48 26.70
N HIS A 523 16.11 25.75 25.50
CA HIS A 523 15.00 26.68 25.40
C HIS A 523 13.80 26.20 26.21
N ALA A 524 13.53 24.89 26.19
CA ALA A 524 12.42 24.35 26.96
C ALA A 524 12.65 24.55 28.45
N ASN A 525 13.88 24.32 28.93
CA ASN A 525 14.16 24.47 30.35
C ASN A 525 13.87 25.88 30.83
N TRP A 526 14.23 26.89 30.02
CA TRP A 526 14.02 28.26 30.43
C TRP A 526 12.54 28.58 30.59
N SER A 527 11.71 28.11 29.66
CA SER A 527 10.30 28.44 29.65
C SER A 527 9.45 27.52 30.54
N VAL A 528 10.09 26.65 31.30
CA VAL A 528 9.36 25.75 32.19
C VAL A 528 9.52 26.19 33.64
N LEU A 551 2.69 18.38 43.28
CA LEU A 551 1.27 18.68 43.14
C LEU A 551 0.50 17.46 42.64
N ARG A 552 -0.05 16.69 43.56
CA ARG A 552 -0.87 15.54 43.19
C ARG A 552 -2.23 16.02 42.68
N GLU A 553 -2.94 15.10 42.03
CA GLU A 553 -4.24 15.40 41.44
C GLU A 553 -5.21 14.25 41.74
N ASN A 554 -6.49 14.61 41.84
CA ASN A 554 -7.54 13.63 42.08
C ASN A 554 -8.18 13.11 40.81
N ASP A 555 -7.99 13.82 39.70
CA ASP A 555 -8.65 13.49 38.42
C ASP A 555 -7.78 12.59 37.56
N LYS A 556 -7.23 11.54 38.16
CA LYS A 556 -6.55 10.52 37.38
C LYS A 556 -7.54 9.72 36.57
N GLU A 557 -8.81 9.73 36.95
CA GLU A 557 -9.83 9.03 36.18
C GLU A 557 -9.97 9.64 34.80
N GLN A 558 -9.93 10.97 34.71
CA GLN A 558 -10.07 11.61 33.41
C GLN A 558 -8.92 11.25 32.49
N LEU A 559 -7.70 11.25 33.00
CA LEU A 559 -6.56 10.84 32.18
C LEU A 559 -6.74 9.41 31.71
N LYS A 560 -7.15 8.52 32.62
CA LYS A 560 -7.41 7.14 32.22
C LYS A 560 -8.54 7.08 31.20
N ALA A 561 -9.61 7.86 31.43
CA ALA A 561 -10.74 7.82 30.52
C ALA A 561 -10.33 8.21 29.12
N ILE A 562 -9.54 9.28 28.99
CA ILE A 562 -9.07 9.71 27.67
C ILE A 562 -8.15 8.65 27.08
N SER A 563 -7.18 8.20 27.86
CA SER A 563 -6.14 7.32 27.33
C SER A 563 -6.72 6.04 26.74
N THR A 564 -7.85 5.59 27.26
CA THR A 564 -8.49 4.37 26.77
C THR A 564 -9.38 4.61 25.57
N ARG A 565 -9.49 5.86 25.11
CA ARG A 565 -10.44 6.15 24.05
C ARG A 565 -9.93 5.65 22.70
N ASP A 566 -10.81 5.77 21.72
CA ASP A 566 -10.47 5.42 20.35
C ASP A 566 -9.35 6.32 19.83
N PRO A 567 -8.57 5.85 18.87
CA PRO A 567 -7.65 6.76 18.18
C PRO A 567 -8.36 7.89 17.46
N LEU A 568 -9.55 7.65 16.93
CA LEU A 568 -10.31 8.64 16.17
C LEU A 568 -11.43 9.27 16.97
N SER A 569 -11.48 9.04 18.28
CA SER A 569 -12.54 9.61 19.09
C SER A 569 -12.45 11.13 19.11
N GLU A 570 -13.60 11.77 19.26
CA GLU A 570 -13.63 13.22 19.38
C GLU A 570 -12.75 13.65 20.53
N ILE A 571 -11.98 14.71 20.31
CA ILE A 571 -11.18 15.33 21.35
C ILE A 571 -11.57 16.79 21.41
N THR A 572 -12.06 17.23 22.55
CA THR A 572 -12.59 18.58 22.68
C THR A 572 -11.52 19.55 23.16
N GLU A 573 -11.78 20.83 22.96
CA GLU A 573 -10.80 21.84 23.31
C GLU A 573 -10.53 21.83 24.80
N GLN A 574 -11.55 21.60 25.62
CA GLN A 574 -11.33 21.57 27.06
C GLN A 574 -10.40 20.42 27.44
N GLU A 575 -10.56 19.27 26.78
CA GLU A 575 -9.68 18.13 27.07
C GLU A 575 -8.24 18.44 26.69
N LYS A 576 -8.03 18.90 25.46
CA LYS A 576 -6.68 19.23 25.03
C LYS A 576 -6.01 20.17 26.02
N ASP A 577 -6.73 21.20 26.44
CA ASP A 577 -6.19 22.08 27.47
C ASP A 577 -5.95 21.32 28.76
N PHE A 578 -6.81 20.34 29.05
CA PHE A 578 -6.62 19.52 30.23
C PHE A 578 -5.40 18.63 30.10
N LEU A 579 -5.29 17.93 28.97
CA LEU A 579 -4.15 17.05 28.76
C LEU A 579 -2.85 17.81 28.84
N TRP A 580 -2.72 18.89 28.08
CA TRP A 580 -1.47 19.63 28.07
C TRP A 580 -1.14 20.16 29.45
N SER A 581 -2.14 20.69 30.16
CA SER A 581 -1.88 21.23 31.47
C SER A 581 -1.34 20.18 32.44
N HIS A 582 -1.65 18.91 32.19
CA HIS A 582 -1.19 17.79 33.02
C HIS A 582 -0.21 16.91 32.26
N ARG A 583 0.63 17.50 31.42
CA ARG A 583 1.55 16.70 30.63
C ARG A 583 2.56 15.99 31.51
N HIS A 584 3.04 16.66 32.56
CA HIS A 584 4.05 16.05 33.41
C HIS A 584 3.54 14.79 34.11
N TYR A 585 2.23 14.67 34.31
CA TYR A 585 1.67 13.49 34.95
C TYR A 585 1.16 12.47 33.96
N CYS A 586 1.36 12.68 32.66
CA CYS A 586 0.89 11.73 31.68
C CYS A 586 1.83 10.54 31.51
N VAL A 587 3.05 10.62 32.05
CA VAL A 587 3.96 9.48 31.92
C VAL A 587 3.39 8.28 32.65
N THR A 588 2.80 8.48 33.82
CA THR A 588 2.21 7.39 34.58
C THR A 588 1.17 6.63 33.78
N ILE A 589 0.75 7.14 32.62
CA ILE A 589 -0.15 6.42 31.73
C ILE A 589 0.50 6.42 30.36
N PRO A 590 1.60 5.70 30.17
CA PRO A 590 2.40 5.89 28.96
C PRO A 590 1.63 5.73 27.68
N GLU A 591 0.60 4.90 27.65
CA GLU A 591 -0.16 4.77 26.41
C GLU A 591 -1.01 6.00 26.11
N ILE A 592 -0.88 7.07 26.91
CA ILE A 592 -1.59 8.31 26.66
C ILE A 592 -0.84 9.22 25.71
N LEU A 593 0.36 8.85 25.29
CA LEU A 593 1.17 9.76 24.46
C LEU A 593 0.47 10.14 23.16
N PRO A 594 -0.13 9.22 22.41
CA PRO A 594 -0.76 9.64 21.17
C PRO A 594 -1.77 10.76 21.36
N LYS A 595 -2.51 10.75 22.47
CA LYS A 595 -3.45 11.82 22.74
C LYS A 595 -2.74 13.09 23.20
N LEU A 596 -1.72 12.95 24.05
CA LEU A 596 -1.01 14.12 24.55
C LEU A 596 -0.25 14.85 23.46
N LEU A 597 0.05 14.17 22.35
CA LEU A 597 0.74 14.84 21.25
C LEU A 597 -0.21 15.73 20.47
N LEU A 598 -1.45 15.27 20.26
CA LEU A 598 -2.41 16.10 19.55
C LEU A 598 -2.76 17.37 20.30
N SER A 599 -2.67 17.36 21.62
CA SER A 599 -3.01 18.54 22.38
C SER A 599 -1.95 19.62 22.30
N VAL A 600 -0.79 19.33 21.73
CA VAL A 600 0.28 20.31 21.61
C VAL A 600 0.05 21.11 20.35
N LYS A 601 0.21 22.43 20.46
CA LYS A 601 0.08 23.29 19.29
C LYS A 601 1.43 23.35 18.59
N TRP A 602 1.53 22.66 17.46
CA TRP A 602 2.81 22.53 16.79
C TRP A 602 3.32 23.84 16.22
N ASN A 603 2.48 24.88 16.17
CA ASN A 603 2.89 26.16 15.63
C ASN A 603 3.38 27.13 16.69
N SER A 604 4.00 26.62 17.75
CA SER A 604 4.62 27.49 18.75
C SER A 604 5.80 26.78 19.36
N ARG A 605 7.00 27.31 19.11
CA ARG A 605 8.22 26.62 19.50
C ARG A 605 8.40 26.54 21.01
N ASP A 606 7.61 27.26 21.80
CA ASP A 606 7.67 27.06 23.24
C ASP A 606 6.94 25.78 23.63
N GLU A 607 5.82 25.48 22.97
CA GLU A 607 5.13 24.22 23.22
C GLU A 607 5.99 23.05 22.77
N VAL A 608 6.46 23.07 21.53
CA VAL A 608 7.14 21.92 20.96
C VAL A 608 8.42 21.62 21.72
N ALA A 609 9.19 22.65 22.05
CA ALA A 609 10.44 22.43 22.77
C ALA A 609 10.20 21.68 24.08
N GLN A 610 9.02 21.85 24.67
CA GLN A 610 8.72 21.15 25.91
C GLN A 610 8.24 19.72 25.63
N MET A 611 7.54 19.52 24.53
CA MET A 611 7.15 18.16 24.17
C MET A 611 8.36 17.32 23.79
N TYR A 612 9.42 17.96 23.30
CA TYR A 612 10.64 17.23 22.98
C TYR A 612 11.34 16.77 24.26
N CYS A 613 11.49 17.67 25.22
CA CYS A 613 12.16 17.31 26.47
C CYS A 613 11.39 16.23 27.20
N LEU A 614 10.13 16.02 26.81
CA LEU A 614 9.28 15.06 27.49
C LEU A 614 9.28 13.73 26.77
N VAL A 615 9.24 13.74 25.43
CA VAL A 615 9.33 12.53 24.64
C VAL A 615 10.67 11.85 24.80
N LYS A 616 11.69 12.58 25.23
CA LYS A 616 13.01 12.01 25.41
C LYS A 616 13.08 11.06 26.59
N ASP A 617 12.06 11.00 27.43
CA ASP A 617 12.06 10.14 28.61
C ASP A 617 10.78 9.30 28.70
N TRP A 618 9.98 9.28 27.66
CA TRP A 618 8.72 8.57 27.74
C TRP A 618 8.98 7.09 28.00
N PRO A 619 8.32 6.49 28.98
CA PRO A 619 8.49 5.06 29.18
C PRO A 619 8.10 4.30 27.94
N PRO A 620 8.81 3.22 27.62
CA PRO A 620 8.53 2.50 26.38
C PRO A 620 7.11 1.97 26.38
N ILE A 621 6.57 1.82 25.18
CA ILE A 621 5.16 1.53 24.98
C ILE A 621 5.01 0.31 24.09
N LYS A 622 3.86 -0.34 24.20
CA LYS A 622 3.64 -1.57 23.46
C LYS A 622 3.76 -1.29 21.96
N PRO A 623 4.33 -2.22 21.20
CA PRO A 623 4.50 -1.98 19.77
C PRO A 623 3.20 -1.70 19.03
N GLU A 624 2.07 -2.25 19.49
CA GLU A 624 0.80 -1.94 18.85
C GLU A 624 0.46 -0.47 18.97
N GLN A 625 0.73 0.12 20.13
CA GLN A 625 0.47 1.54 20.31
C GLN A 625 1.51 2.41 19.60
N ALA A 626 2.76 1.95 19.54
CA ALA A 626 3.79 2.72 18.87
C ALA A 626 3.58 2.74 17.36
N MET A 627 2.97 1.70 16.79
CA MET A 627 2.70 1.72 15.36
C MET A 627 1.75 2.84 14.98
N GLU A 628 0.94 3.31 15.95
CA GLU A 628 0.04 4.42 15.66
C GLU A 628 0.80 5.72 15.52
N LEU A 629 1.93 5.85 16.18
CA LEU A 629 2.76 7.05 16.09
C LEU A 629 3.54 7.13 14.80
N LEU A 630 3.21 6.31 13.81
CA LEU A 630 3.93 6.32 12.55
C LEU A 630 3.06 6.68 11.36
N ASP A 631 1.75 6.82 11.54
CA ASP A 631 0.89 7.19 10.42
C ASP A 631 0.97 8.69 10.21
N CYS A 632 0.11 9.21 9.33
CA CYS A 632 0.25 10.58 8.84
C CYS A 632 -0.02 11.64 9.89
N ASN A 633 -0.59 11.28 11.04
CA ASN A 633 -0.95 12.30 12.02
C ASN A 633 0.24 12.79 12.83
N TYR A 634 1.35 12.08 12.82
CA TYR A 634 2.50 12.39 13.67
C TYR A 634 3.75 12.47 12.80
N PRO A 635 4.07 13.65 12.28
CA PRO A 635 5.22 13.78 11.39
C PRO A 635 6.52 14.18 12.05
N ASP A 636 6.51 14.53 13.32
CA ASP A 636 7.73 15.05 13.93
C ASP A 636 8.81 14.00 13.91
N PRO A 637 10.06 14.35 13.57
CA PRO A 637 11.12 13.34 13.61
C PRO A 637 11.36 12.75 14.98
N MET A 638 11.25 13.54 16.04
CA MET A 638 11.52 13.02 17.37
C MET A 638 10.39 12.14 17.88
N VAL A 639 9.18 12.34 17.36
CA VAL A 639 8.07 11.46 17.69
C VAL A 639 8.18 10.15 16.90
N ARG A 640 8.50 10.24 15.62
CA ARG A 640 8.68 9.03 14.83
C ARG A 640 9.94 8.29 15.23
N GLY A 641 10.94 8.99 15.75
CA GLY A 641 12.12 8.31 16.25
C GLY A 641 11.83 7.49 17.49
N PHE A 642 10.96 8.00 18.36
CA PHE A 642 10.58 7.26 19.55
C PHE A 642 9.82 5.99 19.19
N ALA A 643 8.91 6.08 18.23
CA ALA A 643 8.11 4.93 17.87
C ALA A 643 8.97 3.80 17.34
N VAL A 644 10.03 4.11 16.60
CA VAL A 644 10.88 3.07 16.06
C VAL A 644 11.70 2.42 17.17
N ARG A 645 12.19 3.20 18.12
CA ARG A 645 12.91 2.60 19.25
C ARG A 645 12.01 1.62 19.99
N CYS A 646 10.71 1.92 20.08
CA CYS A 646 9.78 0.96 20.64
C CYS A 646 9.64 -0.27 19.75
N LEU A 647 9.60 -0.06 18.44
CA LEU A 647 9.46 -1.19 17.53
C LEU A 647 10.65 -2.12 17.63
N GLU A 648 11.86 -1.57 17.68
CA GLU A 648 13.05 -2.40 17.58
C GLU A 648 13.20 -3.30 18.81
N LYS A 649 12.88 -2.78 20.00
CA LYS A 649 13.11 -3.54 21.21
C LYS A 649 11.88 -4.25 21.74
N TYR A 650 10.76 -4.22 21.01
CA TYR A 650 9.59 -4.96 21.43
C TYR A 650 8.87 -5.70 20.32
N LEU A 651 9.14 -5.41 19.06
CA LEU A 651 8.45 -6.07 17.96
C LEU A 651 9.18 -7.37 17.63
N THR A 652 8.47 -8.48 17.75
CA THR A 652 9.04 -9.78 17.44
C THR A 652 8.94 -10.06 15.96
N ASP A 653 9.80 -10.96 15.49
CA ASP A 653 9.85 -11.25 14.06
C ASP A 653 8.53 -11.82 13.57
N ASP A 654 7.77 -12.48 14.44
CA ASP A 654 6.46 -12.97 14.03
C ASP A 654 5.50 -11.83 13.80
N LYS A 655 5.43 -10.91 14.77
CA LYS A 655 4.52 -9.77 14.63
C LYS A 655 4.95 -8.87 13.48
N LEU A 656 6.25 -8.65 13.35
CA LEU A 656 6.73 -7.81 12.26
C LEU A 656 6.31 -8.39 10.92
N SER A 657 6.21 -9.71 10.83
CA SER A 657 5.74 -10.33 9.59
C SER A 657 4.25 -10.09 9.38
N GLN A 658 3.48 -10.08 10.46
CA GLN A 658 2.04 -9.85 10.34
C GLN A 658 1.74 -8.42 9.93
N TYR A 659 2.47 -7.45 10.49
CA TYR A 659 2.26 -6.03 10.21
C TYR A 659 3.19 -5.49 9.14
N LEU A 660 3.59 -6.31 8.17
CA LEU A 660 4.53 -5.83 7.18
C LEU A 660 3.86 -4.90 6.18
N ILE A 661 2.64 -5.21 5.77
CA ILE A 661 1.98 -4.34 4.78
C ILE A 661 1.83 -2.94 5.33
N GLN A 662 1.41 -2.82 6.58
CA GLN A 662 1.23 -1.50 7.17
C GLN A 662 2.56 -0.77 7.29
N LEU A 663 3.60 -1.47 7.73
CA LEU A 663 4.89 -0.80 7.94
C LEU A 663 5.51 -0.36 6.62
N VAL A 664 5.19 -1.03 5.52
CA VAL A 664 5.64 -0.54 4.21
C VAL A 664 4.95 0.77 3.87
N GLN A 665 3.65 0.85 4.10
CA GLN A 665 2.89 2.04 3.71
C GLN A 665 3.39 3.29 4.44
N VAL A 666 3.68 3.16 5.73
CA VAL A 666 4.05 4.32 6.51
C VAL A 666 5.46 4.77 6.14
N LEU A 667 6.04 4.13 5.13
CA LEU A 667 7.27 4.64 4.55
C LEU A 667 7.00 5.87 3.69
N LYS A 668 5.88 5.87 2.97
CA LYS A 668 5.51 7.01 2.15
C LYS A 668 5.23 8.25 2.96
N TYR A 669 4.86 8.11 4.22
CA TYR A 669 4.63 9.28 5.07
C TYR A 669 5.92 9.85 5.61
N GLU A 670 7.06 9.22 5.33
CA GLU A 670 8.34 9.76 5.74
C GLU A 670 8.75 10.83 4.75
N GLN A 671 9.14 12.00 5.25
CA GLN A 671 9.41 13.10 4.35
C GLN A 671 10.75 12.96 3.65
N TYR A 672 11.71 12.26 4.24
CA TYR A 672 13.03 12.11 3.67
C TYR A 672 13.29 10.64 3.31
N LEU A 673 14.31 10.44 2.49
CA LEU A 673 14.64 9.08 2.06
C LEU A 673 15.37 8.33 3.16
N ASP A 674 16.25 9.00 3.91
CA ASP A 674 17.03 8.36 4.96
C ASP A 674 16.38 8.68 6.31
N ASN A 675 15.63 7.72 6.83
CA ASN A 675 14.93 7.88 8.09
C ASN A 675 15.16 6.65 8.95
N LEU A 676 14.83 6.77 10.23
CA LEU A 676 15.09 5.67 11.15
C LEU A 676 14.24 4.45 10.84
N LEU A 677 13.04 4.65 10.31
CA LEU A 677 12.18 3.50 10.04
C LEU A 677 12.76 2.62 8.94
N VAL A 678 13.29 3.23 7.87
CA VAL A 678 13.79 2.43 6.76
C VAL A 678 15.05 1.67 7.18
N ARG A 679 15.89 2.28 8.01
CA ARG A 679 17.05 1.58 8.52
C ARG A 679 16.62 0.40 9.39
N PHE A 680 15.56 0.57 10.16
CA PHE A 680 15.05 -0.56 10.95
C PHE A 680 14.49 -1.65 10.06
N LEU A 681 13.64 -1.29 9.10
CA LEU A 681 13.03 -2.29 8.26
C LEU A 681 14.06 -3.04 7.42
N LEU A 682 15.01 -2.31 6.84
CA LEU A 682 16.03 -2.96 6.02
C LEU A 682 16.92 -3.86 6.87
N LYS A 683 17.32 -3.39 8.06
CA LYS A 683 18.07 -4.23 8.97
C LYS A 683 17.37 -5.55 9.23
N LYS A 684 16.04 -5.52 9.30
CA LYS A 684 15.27 -6.75 9.50
C LYS A 684 15.24 -7.60 8.25
N ALA A 685 15.00 -6.98 7.10
CA ALA A 685 14.87 -7.76 5.87
C ALA A 685 16.17 -8.45 5.49
N LEU A 686 17.30 -7.93 5.96
CA LEU A 686 18.60 -8.49 5.62
C LEU A 686 19.10 -9.51 6.63
N THR A 687 18.35 -9.76 7.70
CA THR A 687 18.70 -10.79 8.66
C THR A 687 17.64 -11.88 8.76
N ASN A 688 16.69 -11.90 7.83
CA ASN A 688 15.59 -12.85 7.90
C ASN A 688 14.98 -12.96 6.52
N GLN A 689 15.24 -14.06 5.83
CA GLN A 689 14.80 -14.18 4.44
C GLN A 689 13.29 -14.23 4.33
N ARG A 690 12.60 -14.67 5.37
CA ARG A 690 11.14 -14.66 5.33
C ARG A 690 10.62 -13.24 5.27
N ILE A 691 11.14 -12.37 6.15
CA ILE A 691 10.77 -10.97 6.08
C ILE A 691 11.24 -10.35 4.78
N GLY A 692 12.46 -10.67 4.36
CA GLY A 692 12.98 -10.10 3.13
C GLY A 692 12.16 -10.45 1.92
N HIS A 693 11.67 -11.68 1.85
CA HIS A 693 10.89 -12.10 0.69
C HIS A 693 9.64 -11.25 0.54
N PHE A 694 8.96 -10.98 1.64
CA PHE A 694 7.76 -10.17 1.57
C PHE A 694 8.08 -8.68 1.59
N PHE A 695 9.17 -8.29 2.22
CA PHE A 695 9.63 -6.92 2.11
C PHE A 695 9.87 -6.56 0.66
N PHE A 696 10.56 -7.43 -0.08
CA PHE A 696 10.81 -7.17 -1.49
C PHE A 696 9.51 -7.13 -2.28
N TRP A 697 8.67 -8.14 -2.12
CA TRP A 697 7.49 -8.26 -2.96
C TRP A 697 6.47 -7.16 -2.69
N HIS A 698 6.45 -6.61 -1.48
CA HIS A 698 5.55 -5.50 -1.20
C HIS A 698 6.03 -4.22 -1.87
N LEU A 699 7.33 -3.94 -1.80
CA LEU A 699 7.86 -2.79 -2.51
C LEU A 699 7.77 -2.99 -4.02
N LYS A 700 8.04 -4.19 -4.50
CA LYS A 700 8.06 -4.43 -5.94
C LYS A 700 6.69 -4.25 -6.56
N SER A 701 5.63 -4.62 -5.83
CA SER A 701 4.30 -4.49 -6.39
C SER A 701 3.89 -3.04 -6.56
N GLU A 702 4.57 -2.11 -5.90
CA GLU A 702 4.21 -0.69 -5.92
C GLU A 702 5.21 0.14 -6.70
N MET A 703 5.96 -0.47 -7.63
CA MET A 703 6.86 0.28 -8.49
C MET A 703 6.16 0.90 -9.68
N HIS A 704 4.95 0.47 -9.99
CA HIS A 704 4.21 1.10 -11.08
C HIS A 704 3.70 2.48 -10.70
N ASN A 705 3.74 2.82 -9.42
CA ASN A 705 3.23 4.09 -8.92
C ASN A 705 4.37 5.10 -8.87
N LYS A 706 4.33 6.09 -9.76
CA LYS A 706 5.43 7.04 -9.85
C LYS A 706 5.54 7.96 -8.64
N THR A 707 4.53 8.01 -7.79
CA THR A 707 4.66 8.84 -6.59
C THR A 707 5.74 8.30 -5.67
N VAL A 708 5.86 6.97 -5.58
CA VAL A 708 6.84 6.32 -4.73
C VAL A 708 7.80 5.46 -5.51
N SER A 709 7.74 5.50 -6.84
CA SER A 709 8.61 4.65 -7.63
C SER A 709 10.07 4.89 -7.30
N GLN A 710 10.46 6.15 -7.09
CA GLN A 710 11.87 6.45 -6.87
C GLN A 710 12.33 5.97 -5.50
N ARG A 711 11.59 6.30 -4.44
CA ARG A 711 12.09 6.00 -3.11
C ARG A 711 12.03 4.51 -2.82
N PHE A 712 11.08 3.80 -3.42
CA PHE A 712 11.06 2.35 -3.29
C PHE A 712 12.13 1.71 -4.16
N GLY A 713 12.35 2.25 -5.35
CA GLY A 713 13.39 1.72 -6.22
C GLY A 713 14.76 1.79 -5.59
N LEU A 714 15.08 2.91 -4.95
CA LEU A 714 16.36 3.01 -4.26
C LEU A 714 16.44 2.00 -3.13
N LEU A 715 15.35 1.84 -2.39
CA LEU A 715 15.32 0.88 -1.29
C LEU A 715 15.49 -0.54 -1.81
N LEU A 716 14.81 -0.88 -2.90
CA LEU A 716 14.96 -2.22 -3.47
C LEU A 716 16.40 -2.48 -3.88
N GLU A 717 17.06 -1.47 -4.45
CA GLU A 717 18.44 -1.66 -4.86
C GLU A 717 19.35 -1.94 -3.68
N SER A 718 19.20 -1.18 -2.59
CA SER A 718 20.05 -1.40 -1.43
C SER A 718 19.83 -2.79 -0.85
N TYR A 719 18.61 -3.31 -0.97
CA TYR A 719 18.33 -4.65 -0.48
C TYR A 719 18.91 -5.71 -1.41
N CYS A 720 18.55 -5.66 -2.68
CA CYS A 720 19.05 -6.65 -3.62
C CYS A 720 20.56 -6.67 -3.66
N ARG A 721 21.20 -5.55 -3.34
CA ARG A 721 22.65 -5.52 -3.30
C ARG A 721 23.20 -6.43 -2.20
N ALA A 722 22.54 -6.47 -1.05
CA ALA A 722 23.05 -7.20 0.09
C ALA A 722 22.19 -8.39 0.48
N CYS A 723 21.10 -8.67 -0.23
CA CYS A 723 20.28 -9.81 0.13
C CYS A 723 21.10 -11.09 0.12
N GLY A 724 22.05 -11.19 -0.81
CA GLY A 724 22.92 -12.34 -0.85
C GLY A 724 22.55 -13.31 -1.93
N MET A 725 22.64 -14.60 -1.63
CA MET A 725 22.31 -15.62 -2.62
C MET A 725 20.83 -15.66 -2.96
N TYR A 726 19.98 -14.98 -2.18
CA TYR A 726 18.56 -15.00 -2.47
C TYR A 726 18.21 -14.28 -3.76
N LEU A 727 19.05 -13.34 -4.19
CA LEU A 727 18.71 -12.54 -5.35
C LEU A 727 18.45 -13.43 -6.56
N LYS A 728 19.21 -14.52 -6.69
CA LYS A 728 18.98 -15.42 -7.82
C LYS A 728 17.63 -16.10 -7.73
N HIS A 729 17.17 -16.40 -6.51
CA HIS A 729 15.84 -16.96 -6.35
C HIS A 729 14.76 -15.95 -6.69
N LEU A 730 14.94 -14.71 -6.25
CA LEU A 730 13.96 -13.68 -6.56
C LEU A 730 13.86 -13.44 -8.05
N ASN A 731 15.01 -13.39 -8.74
CA ASN A 731 14.99 -13.19 -10.17
C ASN A 731 14.22 -14.29 -10.87
N ARG A 732 14.34 -15.53 -10.38
CA ARG A 732 13.62 -16.62 -11.00
C ARG A 732 12.12 -16.46 -10.81
N GLN A 733 11.69 -16.00 -9.64
CA GLN A 733 10.29 -15.71 -9.44
C GLN A 733 9.81 -14.58 -10.34
N VAL A 734 10.57 -13.49 -10.38
CA VAL A 734 10.19 -12.34 -11.20
C VAL A 734 10.05 -12.75 -12.65
N GLU A 735 11.05 -13.45 -13.17
CA GLU A 735 10.96 -13.94 -14.54
C GLU A 735 9.78 -14.86 -14.73
N ALA A 736 9.38 -15.57 -13.66
CA ALA A 736 8.26 -16.48 -13.76
C ALA A 736 6.94 -15.73 -13.89
N MET A 737 6.73 -14.71 -13.05
CA MET A 737 5.48 -13.97 -13.08
C MET A 737 5.32 -13.21 -14.39
N GLU A 738 6.43 -12.71 -14.94
CA GLU A 738 6.35 -11.96 -16.19
C GLU A 738 5.81 -12.79 -17.32
N LYS A 739 6.23 -14.06 -17.41
CA LYS A 739 5.70 -14.93 -18.45
C LYS A 739 4.20 -15.08 -18.30
N LEU A 740 3.71 -15.17 -17.07
CA LEU A 740 2.27 -15.25 -16.85
C LEU A 740 1.57 -13.97 -17.28
N ILE A 741 2.09 -12.82 -16.85
CA ILE A 741 1.45 -11.56 -17.20
C ILE A 741 1.34 -11.43 -18.71
N ASN A 742 2.44 -11.66 -19.42
CA ASN A 742 2.40 -11.55 -20.87
C ASN A 742 1.42 -12.54 -21.47
N LEU A 743 1.42 -13.77 -21.00
CA LEU A 743 0.48 -14.75 -21.54
C LEU A 743 -0.95 -14.36 -21.22
N THR A 744 -1.21 -13.90 -20.00
CA THR A 744 -2.56 -13.48 -19.63
C THR A 744 -3.03 -12.33 -20.49
N ASP A 745 -2.16 -11.34 -20.72
CA ASP A 745 -2.55 -10.18 -21.52
C ASP A 745 -2.98 -10.59 -22.91
N ILE A 746 -2.25 -11.52 -23.52
CA ILE A 746 -2.61 -11.97 -24.86
C ILE A 746 -4.02 -12.51 -24.88
N LEU A 747 -4.49 -13.06 -23.77
CA LEU A 747 -5.84 -13.61 -23.70
C LEU A 747 -6.89 -12.55 -23.40
N LYS A 748 -6.49 -11.31 -23.18
CA LYS A 748 -7.43 -10.23 -22.89
C LYS A 748 -7.55 -9.23 -24.03
N GLN A 749 -6.43 -8.68 -24.49
CA GLN A 749 -6.45 -7.74 -25.60
C GLN A 749 -6.44 -8.41 -26.96
N GLU A 750 -6.33 -9.75 -27.00
CA GLU A 750 -6.22 -10.42 -28.28
C GLU A 750 -7.24 -11.54 -28.42
N LYS A 751 -7.60 -12.16 -27.30
CA LYS A 751 -8.45 -13.34 -27.30
C LYS A 751 -9.57 -13.19 -26.29
N LYS A 752 -10.20 -12.01 -26.27
CA LYS A 752 -11.26 -11.72 -25.33
C LYS A 752 -12.64 -12.02 -25.89
N ASP A 753 -12.72 -12.63 -27.07
CA ASP A 753 -14.00 -12.85 -27.72
C ASP A 753 -14.25 -14.31 -28.09
N GLU A 754 -13.23 -15.04 -28.52
CA GLU A 754 -13.43 -16.38 -29.02
C GLU A 754 -13.90 -17.31 -27.89
N THR A 755 -14.17 -18.56 -28.26
CA THR A 755 -14.70 -19.52 -27.32
C THR A 755 -13.65 -19.92 -26.29
N GLN A 756 -14.13 -20.40 -25.15
CA GLN A 756 -13.22 -20.84 -24.09
C GLN A 756 -12.36 -22.00 -24.56
N LYS A 757 -12.94 -22.93 -25.30
CA LYS A 757 -12.18 -24.06 -25.81
C LYS A 757 -11.01 -23.60 -26.66
N VAL A 758 -11.25 -22.64 -27.55
CA VAL A 758 -10.15 -22.07 -28.33
C VAL A 758 -9.12 -21.44 -27.40
N GLN A 759 -9.60 -20.71 -26.38
CA GLN A 759 -8.68 -20.12 -25.43
C GLN A 759 -7.88 -21.20 -24.71
N MET A 760 -8.56 -22.24 -24.22
CA MET A 760 -7.85 -23.29 -23.52
C MET A 760 -6.87 -24.01 -24.45
N LYS A 761 -7.31 -24.31 -25.67
CA LYS A 761 -6.41 -24.92 -26.63
C LYS A 761 -5.24 -24.00 -26.96
N PHE A 762 -5.51 -22.71 -27.13
CA PHE A 762 -4.43 -21.75 -27.35
C PHE A 762 -3.51 -21.69 -26.14
N LEU A 763 -4.10 -21.68 -24.94
CA LEU A 763 -3.28 -21.61 -23.73
C LEU A 763 -2.34 -22.80 -23.62
N VAL A 764 -2.86 -24.01 -23.87
CA VAL A 764 -2.03 -25.19 -23.71
C VAL A 764 -0.85 -25.13 -24.66
N GLU A 765 -1.07 -24.66 -25.88
CA GLU A 765 0.05 -24.50 -26.81
C GLU A 765 1.07 -23.52 -26.26
N GLN A 766 0.62 -22.39 -25.73
CA GLN A 766 1.55 -21.39 -25.21
C GLN A 766 2.35 -21.96 -24.04
N MET A 767 1.69 -22.70 -23.16
CA MET A 767 2.42 -23.33 -22.07
C MET A 767 3.38 -24.39 -22.58
N ARG A 768 3.06 -25.02 -23.71
CA ARG A 768 3.86 -26.12 -24.22
C ARG A 768 5.23 -25.67 -24.72
N ARG A 769 5.37 -24.40 -25.10
CA ARG A 769 6.63 -23.95 -25.66
C ARG A 769 7.74 -24.04 -24.60
N PRO A 770 8.90 -24.58 -24.94
CA PRO A 770 9.95 -24.78 -23.92
C PRO A 770 10.41 -23.49 -23.28
N ASP A 771 10.45 -22.38 -24.03
CA ASP A 771 10.94 -21.13 -23.46
C ASP A 771 10.10 -20.73 -22.25
N PHE A 772 8.78 -20.74 -22.39
CA PHE A 772 7.90 -20.52 -21.25
C PHE A 772 7.98 -21.69 -20.28
N MET A 773 8.16 -22.89 -20.81
CA MET A 773 8.08 -24.09 -19.97
C MET A 773 9.17 -24.09 -18.92
N ASP A 774 10.37 -23.62 -19.27
CA ASP A 774 11.48 -23.61 -18.33
C ASP A 774 11.40 -22.45 -17.34
N ALA A 775 10.71 -21.37 -17.72
CA ALA A 775 10.60 -20.24 -16.80
C ALA A 775 9.60 -20.52 -15.69
N LEU A 776 8.59 -21.35 -15.96
CA LEU A 776 7.52 -21.65 -15.03
C LEU A 776 7.76 -22.94 -14.27
N GLN A 777 9.00 -23.24 -13.91
CA GLN A 777 9.28 -24.47 -13.20
C GLN A 777 10.48 -24.28 -12.30
N GLY A 778 10.52 -25.05 -11.22
CA GLY A 778 11.67 -25.03 -10.34
C GLY A 778 11.96 -23.68 -9.72
N PHE A 779 10.95 -23.01 -9.20
CA PHE A 779 11.17 -21.77 -8.45
C PHE A 779 10.29 -21.78 -7.21
N LEU A 780 10.74 -21.05 -6.19
CA LEU A 780 9.95 -20.93 -4.98
C LEU A 780 8.66 -20.20 -5.27
N SER A 781 7.63 -20.53 -4.52
CA SER A 781 6.35 -19.87 -4.69
C SER A 781 6.38 -18.49 -4.05
N PRO A 782 5.95 -17.45 -4.75
CA PRO A 782 5.94 -16.13 -4.13
C PRO A 782 5.08 -16.07 -2.89
N LEU A 783 3.95 -16.80 -2.87
CA LEU A 783 3.05 -16.75 -1.73
C LEU A 783 3.74 -17.27 -0.47
N ASN A 784 4.47 -18.36 -0.59
CA ASN A 784 5.18 -18.91 0.54
C ASN A 784 6.54 -19.42 0.09
N PRO A 785 7.62 -18.72 0.43
CA PRO A 785 8.94 -19.19 -0.03
C PRO A 785 9.25 -20.60 0.40
N ALA A 786 8.76 -21.04 1.57
CA ALA A 786 9.05 -22.39 2.04
C ALA A 786 8.51 -23.46 1.10
N HIS A 787 7.49 -23.15 0.32
CA HIS A 787 7.02 -24.06 -0.70
C HIS A 787 7.82 -23.83 -1.96
N GLN A 788 8.17 -24.89 -2.66
CA GLN A 788 8.87 -24.79 -3.93
C GLN A 788 8.11 -25.57 -4.97
N LEU A 789 7.95 -24.97 -6.15
CA LEU A 789 7.13 -25.53 -7.21
C LEU A 789 8.01 -26.30 -8.18
N GLY A 790 7.63 -27.54 -8.46
CA GLY A 790 8.38 -28.38 -9.37
C GLY A 790 7.86 -28.29 -10.80
N ASN A 791 7.56 -29.43 -11.40
CA ASN A 791 7.13 -29.44 -12.78
C ASN A 791 5.67 -29.01 -12.90
N LEU A 792 5.40 -28.15 -13.88
CA LEU A 792 4.04 -27.75 -14.15
C LEU A 792 3.24 -28.93 -14.70
N ARG A 793 1.98 -29.02 -14.29
CA ARG A 793 1.08 -30.09 -14.75
C ARG A 793 0.16 -29.50 -15.82
N LEU A 794 0.53 -29.69 -17.09
CA LEU A 794 -0.25 -29.07 -18.16
C LEU A 794 -1.68 -29.60 -18.20
N GLU A 795 -1.90 -30.82 -17.73
CA GLU A 795 -3.25 -31.38 -17.81
C GLU A 795 -4.20 -30.77 -16.80
N GLU A 796 -3.68 -30.17 -15.73
CA GLU A 796 -4.53 -29.57 -14.71
C GLU A 796 -4.66 -28.06 -14.83
N CYS A 797 -3.61 -27.37 -15.28
CA CYS A 797 -3.71 -25.94 -15.46
C CYS A 797 -4.82 -25.62 -16.46
N ARG A 798 -5.68 -24.66 -16.10
CA ARG A 798 -6.82 -24.36 -16.94
C ARG A 798 -7.25 -22.92 -16.69
N ILE A 799 -8.06 -22.41 -17.62
CA ILE A 799 -8.57 -21.05 -17.56
C ILE A 799 -9.86 -21.08 -16.76
N MET A 800 -9.82 -20.56 -15.54
CA MET A 800 -11.04 -20.46 -14.75
C MET A 800 -12.04 -19.56 -15.48
N SER A 801 -13.32 -19.93 -15.40
CA SER A 801 -14.38 -19.22 -16.10
C SER A 801 -15.02 -18.13 -15.25
N SER A 802 -14.28 -17.56 -14.30
CA SER A 802 -14.81 -16.52 -13.43
C SER A 802 -14.92 -15.21 -14.21
N ALA A 803 -15.16 -14.12 -13.49
CA ALA A 803 -15.38 -12.84 -14.16
C ALA A 803 -14.19 -12.43 -15.00
N LYS A 804 -13.00 -12.42 -14.40
CA LYS A 804 -11.79 -12.02 -15.10
C LYS A 804 -11.12 -13.17 -15.84
N ARG A 805 -11.65 -14.38 -15.71
CA ARG A 805 -11.02 -15.55 -16.30
C ARG A 805 -9.60 -15.67 -15.78
N PRO A 806 -9.41 -15.90 -14.49
CA PRO A 806 -8.06 -16.07 -13.96
C PRO A 806 -7.45 -17.38 -14.43
N LEU A 807 -6.24 -17.69 -13.98
CA LEU A 807 -5.49 -18.82 -14.48
C LEU A 807 -5.24 -19.81 -13.36
N TRP A 808 -5.56 -21.08 -13.62
CA TRP A 808 -5.40 -22.15 -12.64
C TRP A 808 -4.13 -22.92 -12.97
N LEU A 809 -3.21 -22.99 -12.02
CA LEU A 809 -1.90 -23.56 -12.25
C LEU A 809 -1.60 -24.64 -11.23
N ASN A 810 -1.13 -25.79 -11.70
CA ASN A 810 -0.82 -26.94 -10.86
C ASN A 810 0.67 -27.22 -10.91
N TRP A 811 1.31 -27.30 -9.75
CA TRP A 811 2.74 -27.57 -9.66
C TRP A 811 2.97 -28.77 -8.75
N GLU A 812 3.74 -29.73 -9.23
CA GLU A 812 4.08 -30.87 -8.40
C GLU A 812 5.07 -30.46 -7.33
N ASN A 813 4.82 -30.86 -6.10
CA ASN A 813 5.77 -30.60 -5.02
C ASN A 813 6.99 -31.47 -5.22
N PRO A 814 8.19 -30.90 -5.36
CA PRO A 814 9.37 -31.71 -5.66
C PRO A 814 9.96 -32.39 -4.46
N ASP A 815 9.47 -32.11 -3.26
CA ASP A 815 10.07 -32.68 -2.06
C ASP A 815 9.92 -34.20 -2.07
N ILE A 816 10.87 -34.87 -1.41
CA ILE A 816 10.84 -36.33 -1.33
C ILE A 816 9.65 -36.79 -0.50
N MET A 817 9.40 -36.13 0.62
CA MET A 817 8.28 -36.47 1.50
C MET A 817 7.07 -35.60 1.22
N SER A 818 6.80 -35.33 -0.05
CA SER A 818 5.67 -34.50 -0.42
C SER A 818 4.35 -35.16 -0.08
N GLU A 819 4.29 -36.49 -0.01
CA GLU A 819 3.02 -37.16 0.21
C GLU A 819 2.43 -36.80 1.57
N LEU A 820 3.27 -36.73 2.61
CA LEU A 820 2.75 -36.43 3.94
C LEU A 820 2.00 -35.11 3.94
N LEU A 821 2.64 -34.06 3.45
CA LEU A 821 1.99 -32.76 3.29
C LEU A 821 1.37 -32.72 1.91
N PHE A 822 0.85 -31.57 1.49
CA PHE A 822 0.16 -31.54 0.21
C PHE A 822 1.10 -31.95 -0.92
N GLN A 823 0.56 -32.71 -1.86
CA GLN A 823 1.33 -33.23 -2.99
C GLN A 823 1.26 -32.32 -4.21
N ASN A 824 0.54 -31.20 -4.13
CA ASN A 824 0.46 -30.27 -5.24
C ASN A 824 0.30 -28.86 -4.70
N ASN A 825 0.72 -27.89 -5.50
CA ASN A 825 0.41 -26.49 -5.29
C ASN A 825 -0.52 -26.04 -6.40
N GLU A 826 -1.68 -25.54 -6.04
CA GLU A 826 -2.60 -24.96 -7.00
C GLU A 826 -2.73 -23.48 -6.67
N ILE A 827 -2.53 -22.63 -7.66
CA ILE A 827 -2.54 -21.20 -7.46
C ILE A 827 -3.36 -20.55 -8.55
N ILE A 828 -4.14 -19.55 -8.18
CA ILE A 828 -4.86 -18.73 -9.14
C ILE A 828 -4.00 -17.52 -9.43
N PHE A 829 -3.72 -17.29 -10.71
CA PHE A 829 -3.06 -16.08 -11.16
C PHE A 829 -4.11 -15.13 -11.71
N LYS A 830 -4.28 -13.99 -11.05
CA LYS A 830 -5.32 -13.04 -11.38
C LYS A 830 -4.69 -11.78 -11.94
N ASN A 831 -5.08 -11.42 -13.15
CA ASN A 831 -4.60 -10.21 -13.82
C ASN A 831 -5.80 -9.36 -14.20
N GLY A 832 -6.01 -8.27 -13.48
CA GLY A 832 -7.09 -7.38 -13.82
C GLY A 832 -7.84 -6.82 -12.63
N ASP A 833 -7.79 -7.50 -11.49
CA ASP A 833 -8.52 -7.09 -10.31
C ASP A 833 -7.55 -6.73 -9.20
N ASP A 834 -7.70 -5.52 -8.65
CA ASP A 834 -6.85 -5.10 -7.55
C ASP A 834 -7.01 -6.05 -6.37
N LEU A 835 -5.90 -6.47 -5.80
CA LEU A 835 -5.90 -7.42 -4.70
C LEU A 835 -5.42 -6.81 -3.39
N ARG A 836 -5.20 -5.50 -3.34
CA ARG A 836 -4.75 -4.88 -2.11
C ARG A 836 -5.81 -4.94 -1.02
N GLN A 837 -7.08 -4.79 -1.40
CA GLN A 837 -8.14 -4.89 -0.42
C GLN A 837 -8.19 -6.28 0.20
N ASP A 838 -8.07 -7.31 -0.62
CA ASP A 838 -8.12 -8.67 -0.10
C ASP A 838 -6.98 -8.93 0.87
N MET A 839 -5.78 -8.44 0.55
CA MET A 839 -4.67 -8.60 1.49
C MET A 839 -5.01 -7.98 2.83
N LEU A 840 -5.56 -6.76 2.82
CA LEU A 840 -5.96 -6.14 4.07
C LEU A 840 -7.10 -6.89 4.73
N THR A 841 -8.09 -7.32 3.95
CA THR A 841 -9.20 -8.07 4.50
C THR A 841 -8.71 -9.38 5.12
N LEU A 842 -7.85 -10.09 4.40
CA LEU A 842 -7.35 -11.37 4.91
C LEU A 842 -6.38 -11.17 6.06
N GLN A 843 -5.65 -10.06 6.07
CA GLN A 843 -4.77 -9.78 7.19
C GLN A 843 -5.55 -9.48 8.45
N ILE A 844 -6.70 -8.81 8.31
CA ILE A 844 -7.52 -8.50 9.47
C ILE A 844 -8.17 -9.76 10.02
N ILE A 845 -8.70 -10.61 9.14
CA ILE A 845 -9.31 -11.86 9.59
C ILE A 845 -8.32 -12.67 10.40
N ARG A 846 -7.08 -12.78 9.92
CA ARG A 846 -6.08 -13.52 10.67
C ARG A 846 -5.85 -12.91 12.04
N ILE A 847 -5.85 -11.59 12.12
CA ILE A 847 -5.68 -10.93 13.41
C ILE A 847 -6.89 -11.15 14.31
N MET A 848 -8.09 -11.14 13.73
CA MET A 848 -9.28 -11.43 14.52
C MET A 848 -9.19 -12.81 15.12
N GLU A 849 -8.98 -13.83 14.28
CA GLU A 849 -8.96 -15.20 14.77
C GLU A 849 -7.95 -15.38 15.88
N ASN A 850 -6.82 -14.69 15.78
CA ASN A 850 -5.82 -14.77 16.84
C ASN A 850 -6.38 -14.27 18.16
N ILE A 851 -7.14 -13.17 18.12
CA ILE A 851 -7.71 -12.63 19.34
C ILE A 851 -8.74 -13.59 19.92
N TRP A 852 -9.57 -14.17 19.07
CA TRP A 852 -10.59 -15.09 19.54
C TRP A 852 -9.97 -16.32 20.20
N GLN A 853 -8.90 -16.85 19.61
CA GLN A 853 -8.24 -18.00 20.21
C GLN A 853 -7.76 -17.68 21.61
N ASN A 854 -7.12 -16.53 21.79
CA ASN A 854 -6.62 -16.17 23.12
C ASN A 854 -7.76 -16.01 24.10
N GLN A 855 -8.89 -15.46 23.65
CA GLN A 855 -10.04 -15.31 24.54
C GLN A 855 -10.53 -16.66 25.03
N GLY A 856 -10.59 -17.64 24.13
CA GLY A 856 -11.06 -18.95 24.50
C GLY A 856 -12.11 -19.49 23.55
N LEU A 857 -12.45 -18.69 22.54
CA LEU A 857 -13.40 -19.11 21.51
C LEU A 857 -12.60 -19.69 20.35
N ASP A 858 -12.84 -20.96 20.04
CA ASP A 858 -12.17 -21.58 18.90
C ASP A 858 -12.97 -21.32 17.62
N LEU A 859 -13.03 -20.06 17.24
CA LEU A 859 -13.62 -19.64 15.98
C LEU A 859 -12.54 -19.78 14.91
N ARG A 860 -12.64 -20.82 14.10
CA ARG A 860 -11.60 -21.15 13.13
C ARG A 860 -11.88 -20.43 11.82
N MET A 861 -11.17 -19.32 11.61
CA MET A 861 -11.11 -18.64 10.33
C MET A 861 -10.19 -19.39 9.38
N LEU A 862 -10.29 -19.08 8.10
CA LEU A 862 -9.38 -19.62 7.09
C LEU A 862 -8.90 -18.48 6.21
N PRO A 863 -7.96 -17.69 6.68
CA PRO A 863 -7.38 -16.62 5.86
C PRO A 863 -6.33 -17.14 4.89
N TYR A 864 -6.78 -17.60 3.74
CA TYR A 864 -5.86 -18.18 2.77
C TYR A 864 -4.85 -17.13 2.31
N GLY A 865 -3.96 -17.55 1.41
CA GLY A 865 -2.87 -16.69 0.99
C GLY A 865 -3.24 -15.87 -0.22
N CYS A 866 -2.96 -14.57 -0.16
CA CYS A 866 -3.17 -13.66 -1.26
C CYS A 866 -1.99 -12.70 -1.34
N LEU A 867 -1.48 -12.49 -2.54
CA LEU A 867 -0.37 -11.59 -2.75
C LEU A 867 -0.55 -10.83 -4.05
N SER A 868 -0.45 -9.51 -3.97
CA SER A 868 -0.45 -8.68 -5.17
C SER A 868 0.99 -8.44 -5.59
N ILE A 869 1.33 -8.92 -6.77
CA ILE A 869 2.71 -8.84 -7.24
C ILE A 869 2.97 -7.55 -7.98
N GLY A 870 2.02 -7.10 -8.79
CA GLY A 870 2.19 -5.89 -9.57
C GLY A 870 1.03 -4.93 -9.49
N ASP A 871 0.58 -4.45 -10.64
CA ASP A 871 -0.52 -3.50 -10.72
C ASP A 871 -1.77 -4.24 -11.20
N CYS A 872 -2.71 -4.46 -10.29
CA CYS A 872 -3.91 -5.22 -10.61
C CYS A 872 -3.56 -6.62 -11.12
N VAL A 873 -2.57 -7.24 -10.48
CA VAL A 873 -2.15 -8.59 -10.80
C VAL A 873 -1.64 -9.23 -9.52
N GLY A 874 -2.02 -10.48 -9.30
CA GLY A 874 -1.63 -11.11 -8.05
C GLY A 874 -1.91 -12.59 -8.05
N LEU A 875 -1.51 -13.23 -6.96
CA LEU A 875 -1.62 -14.68 -6.77
C LEU A 875 -2.54 -14.99 -5.60
N ILE A 876 -3.39 -16.00 -5.77
CA ILE A 876 -4.33 -16.43 -4.75
C ILE A 876 -4.08 -17.91 -4.48
N GLU A 877 -3.82 -18.25 -3.22
CA GLU A 877 -3.71 -19.65 -2.86
C GLU A 877 -5.05 -20.34 -2.95
N VAL A 878 -5.04 -21.62 -3.32
CA VAL A 878 -6.24 -22.41 -3.49
C VAL A 878 -6.35 -23.39 -2.34
N VAL A 879 -7.54 -23.46 -1.74
CA VAL A 879 -7.82 -24.33 -0.60
C VAL A 879 -8.43 -25.61 -1.14
N ARG A 880 -7.73 -26.73 -0.97
CA ARG A 880 -8.19 -27.98 -1.57
C ARG A 880 -9.39 -28.55 -0.84
N ASN A 881 -10.21 -29.28 -1.58
CA ASN A 881 -11.33 -30.03 -1.02
C ASN A 881 -12.39 -29.10 -0.46
N SER A 882 -12.67 -28.03 -1.20
CA SER A 882 -13.67 -27.05 -0.77
C SER A 882 -14.49 -26.61 -1.97
N HIS A 883 -15.75 -26.27 -1.70
CA HIS A 883 -16.66 -25.88 -2.77
C HIS A 883 -17.46 -24.66 -2.34
N THR A 884 -17.84 -23.88 -3.33
CA THR A 884 -18.75 -22.77 -3.10
C THR A 884 -20.16 -23.29 -2.85
N ILE A 885 -20.94 -22.51 -2.10
CA ILE A 885 -22.30 -22.92 -1.78
C ILE A 885 -23.08 -23.16 -3.06
N MET A 886 -22.83 -22.34 -4.08
CA MET A 886 -23.52 -22.54 -5.35
C MET A 886 -23.21 -23.90 -5.93
N GLN A 887 -21.94 -24.31 -5.88
CA GLN A 887 -21.56 -25.61 -6.44
C GLN A 887 -22.30 -26.74 -5.74
N ILE A 888 -22.40 -26.66 -4.41
CA ILE A 888 -23.06 -27.74 -3.67
C ILE A 888 -24.52 -27.84 -4.08
N GLN A 889 -25.20 -26.70 -4.12
CA GLN A 889 -26.62 -26.72 -4.46
C GLN A 889 -26.83 -27.23 -5.89
N CYS A 890 -26.03 -26.73 -6.83
CA CYS A 890 -26.14 -27.20 -8.21
C CYS A 890 -25.74 -28.67 -8.31
N LYS A 891 -24.66 -29.05 -7.64
CA LYS A 891 -24.21 -30.44 -7.71
C LYS A 891 -25.23 -31.37 -7.08
N GLY A 892 -25.78 -30.99 -5.93
CA GLY A 892 -26.74 -31.79 -5.21
C GLY A 892 -28.18 -31.58 -5.61
N GLY A 893 -28.43 -30.79 -6.65
CA GLY A 893 -29.79 -30.52 -7.10
C GLY A 893 -30.62 -31.76 -7.32
N PHE A 900 -31.22 -26.73 -4.23
CA PHE A 900 -32.57 -26.18 -4.34
C PHE A 900 -33.17 -25.96 -2.96
N ASN A 901 -33.57 -27.05 -2.32
CA ASN A 901 -34.14 -26.95 -0.98
C ASN A 901 -33.13 -26.34 -0.01
N SER A 902 -33.64 -25.70 1.03
CA SER A 902 -32.75 -25.13 2.04
C SER A 902 -31.94 -26.19 2.75
N HIS A 903 -32.34 -27.45 2.66
CA HIS A 903 -31.62 -28.54 3.31
C HIS A 903 -30.52 -29.13 2.43
N THR A 904 -30.36 -28.64 1.21
CA THR A 904 -29.35 -29.20 0.32
C THR A 904 -27.96 -29.09 0.92
N LEU A 905 -27.64 -27.94 1.52
CA LEU A 905 -26.34 -27.77 2.15
C LEU A 905 -26.17 -28.74 3.31
N HIS A 906 -27.21 -28.91 4.13
CA HIS A 906 -27.10 -29.85 5.25
C HIS A 906 -26.92 -31.27 4.76
N GLN A 907 -27.68 -31.66 3.74
CA GLN A 907 -27.55 -33.03 3.23
C GLN A 907 -26.14 -33.28 2.71
N TRP A 908 -25.58 -32.32 1.97
CA TRP A 908 -24.23 -32.49 1.47
C TRP A 908 -23.23 -32.62 2.61
N LEU A 909 -23.35 -31.77 3.63
CA LEU A 909 -22.39 -31.80 4.72
C LEU A 909 -22.48 -33.10 5.51
N LYS A 910 -23.69 -33.61 5.72
CA LYS A 910 -23.85 -34.86 6.43
C LYS A 910 -23.20 -36.01 5.68
N ASP A 911 -23.37 -36.06 4.36
CA ASP A 911 -22.85 -37.17 3.58
C ASP A 911 -21.33 -37.20 3.63
N LYS A 912 -20.69 -36.04 3.54
CA LYS A 912 -19.23 -36.01 3.48
C LYS A 912 -18.60 -36.60 4.73
N ASN A 913 -19.30 -36.56 5.86
CA ASN A 913 -18.76 -37.12 7.10
C ASN A 913 -19.92 -37.60 7.96
N LYS A 914 -20.28 -38.87 7.79
CA LYS A 914 -21.44 -39.46 8.43
C LYS A 914 -21.00 -40.44 9.49
N GLY A 915 -21.60 -40.32 10.68
CA GLY A 915 -21.21 -41.13 11.82
C GLY A 915 -21.00 -40.27 13.05
N GLU A 916 -20.17 -40.76 13.97
CA GLU A 916 -19.86 -39.96 15.16
C GLU A 916 -19.20 -38.64 14.78
N ILE A 917 -18.47 -38.62 13.66
CA ILE A 917 -17.84 -37.38 13.22
C ILE A 917 -18.86 -36.31 12.93
N TYR A 918 -20.09 -36.68 12.58
CA TYR A 918 -21.10 -35.71 12.19
C TYR A 918 -21.25 -34.61 13.22
N ASP A 919 -21.10 -34.95 14.50
CA ASP A 919 -21.12 -33.92 15.53
C ASP A 919 -19.95 -32.97 15.38
N ALA A 920 -18.77 -33.49 15.06
CA ALA A 920 -17.61 -32.63 14.92
C ALA A 920 -17.77 -31.65 13.78
N ALA A 921 -18.37 -32.10 12.67
CA ALA A 921 -18.55 -31.22 11.53
C ALA A 921 -19.45 -30.05 11.89
N ILE A 922 -20.64 -30.34 12.43
CA ILE A 922 -21.61 -29.30 12.71
C ILE A 922 -21.01 -28.27 13.67
N ASP A 923 -20.24 -28.73 14.64
CA ASP A 923 -19.59 -27.80 15.55
C ASP A 923 -18.58 -26.91 14.82
N LEU A 924 -17.86 -27.48 13.86
CA LEU A 924 -16.92 -26.68 13.09
C LEU A 924 -17.66 -25.73 12.15
N PHE A 925 -18.78 -26.17 11.58
CA PHE A 925 -19.58 -25.26 10.76
C PHE A 925 -20.09 -24.09 11.58
N THR A 926 -20.57 -24.36 12.79
CA THR A 926 -21.05 -23.30 13.67
C THR A 926 -19.93 -22.35 14.06
N ARG A 927 -18.84 -22.89 14.58
CA ARG A 927 -17.74 -22.02 15.02
C ARG A 927 -17.22 -21.17 13.87
N SER A 928 -17.07 -21.77 12.70
CA SER A 928 -16.60 -21.00 11.54
C SER A 928 -17.64 -20.01 11.08
N CYS A 929 -18.89 -20.47 10.91
CA CYS A 929 -19.94 -19.57 10.44
C CYS A 929 -20.13 -18.41 11.39
N ALA A 930 -20.00 -18.65 12.69
CA ALA A 930 -20.11 -17.56 13.65
C ALA A 930 -19.01 -16.53 13.43
N GLY A 931 -17.79 -16.99 13.22
CA GLY A 931 -16.69 -16.06 13.07
C GLY A 931 -16.85 -15.16 11.87
N TYR A 932 -17.43 -15.69 10.79
CA TYR A 932 -17.52 -14.91 9.56
C TYR A 932 -18.71 -13.97 9.57
N CYS A 933 -19.79 -14.31 10.27
CA CYS A 933 -20.88 -13.37 10.41
C CYS A 933 -20.43 -12.12 11.17
N VAL A 934 -19.66 -12.30 12.23
CA VAL A 934 -19.17 -11.16 12.99
C VAL A 934 -18.15 -10.37 12.18
N ALA A 935 -17.30 -11.07 11.41
CA ALA A 935 -16.26 -10.37 10.66
C ALA A 935 -16.83 -9.66 9.45
N THR A 936 -17.76 -10.29 8.72
CA THR A 936 -18.32 -9.64 7.56
C THR A 936 -19.21 -8.47 7.95
N PHE A 937 -19.57 -8.35 9.22
CA PHE A 937 -20.37 -7.22 9.68
C PHE A 937 -19.51 -6.09 10.21
N ILE A 938 -18.50 -6.40 11.02
CA ILE A 938 -17.65 -5.37 11.58
C ILE A 938 -16.98 -4.57 10.46
N LEU A 939 -16.52 -5.25 9.43
CA LEU A 939 -15.84 -4.59 8.32
C LEU A 939 -16.78 -4.21 7.18
N GLY A 940 -18.06 -4.56 7.28
CA GLY A 940 -19.00 -4.17 6.25
C GLY A 940 -18.73 -4.76 4.89
N ILE A 941 -18.23 -5.99 4.84
CA ILE A 941 -18.13 -6.68 3.54
C ILE A 941 -19.53 -7.04 3.08
N GLY A 942 -19.90 -6.56 1.89
CA GLY A 942 -21.18 -6.84 1.31
C GLY A 942 -21.05 -7.62 0.01
N ASP A 943 -22.20 -7.95 -0.56
CA ASP A 943 -22.34 -8.72 -1.79
C ASP A 943 -22.18 -10.21 -1.52
N ARG A 944 -21.89 -10.60 -0.29
CA ARG A 944 -21.76 -12.02 0.03
C ARG A 944 -22.95 -12.79 -0.48
N HIS A 945 -22.70 -13.76 -1.36
CA HIS A 945 -23.77 -14.57 -1.93
C HIS A 945 -23.26 -15.99 -2.11
N ASN A 946 -24.03 -16.80 -2.80
CA ASN A 946 -23.75 -18.22 -2.95
C ASN A 946 -22.62 -18.50 -3.86
N SER A 947 -21.80 -17.51 -4.23
CA SER A 947 -20.64 -17.77 -5.05
C SER A 947 -19.34 -17.36 -4.39
N ASN A 948 -19.37 -16.48 -3.39
CA ASN A 948 -18.18 -16.17 -2.61
C ASN A 948 -18.26 -16.70 -1.20
N ILE A 949 -19.10 -17.71 -0.98
CA ILE A 949 -19.15 -18.44 0.27
C ILE A 949 -18.97 -19.91 -0.07
N MET A 950 -17.89 -20.50 0.40
CA MET A 950 -17.53 -21.86 0.01
C MET A 950 -17.02 -22.61 1.22
N VAL A 951 -17.36 -23.89 1.30
CA VAL A 951 -17.31 -24.66 2.55
C VAL A 951 -16.58 -25.98 2.29
N LYS A 952 -15.64 -26.31 3.17
CA LYS A 952 -14.83 -27.52 3.01
C LYS A 952 -15.68 -28.77 3.25
N ASP A 953 -15.02 -29.92 3.20
CA ASP A 953 -15.71 -31.18 3.41
C ASP A 953 -15.81 -31.55 4.88
N ASP A 954 -14.93 -31.03 5.73
CA ASP A 954 -15.03 -31.28 7.16
C ASP A 954 -15.99 -30.32 7.84
N GLY A 955 -16.69 -29.50 7.07
CA GLY A 955 -17.69 -28.62 7.59
C GLY A 955 -17.25 -27.16 7.70
N GLN A 956 -15.96 -26.90 7.68
CA GLN A 956 -15.50 -25.53 7.84
C GLN A 956 -16.01 -24.65 6.71
N LEU A 957 -16.30 -23.40 7.03
CA LEU A 957 -16.84 -22.43 6.10
C LEU A 957 -15.97 -21.20 6.08
N PHE A 958 -15.73 -20.64 4.89
CA PHE A 958 -14.91 -19.46 4.76
C PHE A 958 -15.38 -18.64 3.58
N HIS A 959 -15.05 -17.36 3.62
CA HIS A 959 -15.47 -16.40 2.59
C HIS A 959 -14.30 -16.11 1.65
N ILE A 960 -14.65 -15.86 0.39
CA ILE A 960 -13.66 -15.58 -0.65
C ILE A 960 -14.12 -14.36 -1.43
N ASP A 961 -13.19 -13.79 -2.19
CA ASP A 961 -13.51 -12.74 -3.16
C ASP A 961 -14.00 -11.47 -2.46
N PHE A 962 -13.20 -10.99 -1.52
CA PHE A 962 -13.61 -9.82 -0.74
C PHE A 962 -13.70 -8.59 -1.61
N GLY A 963 -12.57 -8.17 -2.18
CA GLY A 963 -12.54 -6.94 -2.95
C GLY A 963 -12.93 -5.73 -2.14
N HIS A 964 -14.08 -5.16 -2.43
CA HIS A 964 -14.54 -3.99 -1.71
C HIS A 964 -14.86 -4.33 -0.25
N PHE A 965 -14.43 -3.45 0.66
CA PHE A 965 -14.88 -3.55 2.04
C PHE A 965 -15.46 -2.22 2.48
N LEU A 966 -15.80 -2.11 3.76
CA LEU A 966 -16.56 -0.93 4.23
C LEU A 966 -17.82 -0.85 3.38
N ASP A 967 -18.29 0.34 3.07
CA ASP A 967 -19.47 0.44 2.21
C ASP A 967 -19.21 1.32 1.00
N HIS A 968 -18.11 1.04 0.29
CA HIS A 968 -17.84 1.80 -0.93
C HIS A 968 -19.03 1.80 -1.87
N LYS A 969 -19.74 0.68 -1.97
CA LYS A 969 -20.91 0.60 -2.83
C LYS A 969 -22.05 1.50 -2.35
N LYS A 970 -22.01 1.95 -1.09
CA LYS A 970 -22.97 2.93 -0.62
C LYS A 970 -22.45 4.36 -0.72
N LYS A 971 -21.15 4.54 -0.85
CA LYS A 971 -20.57 5.87 -1.02
C LYS A 971 -20.86 6.40 -2.41
N LYS A 972 -20.54 5.61 -3.44
CA LYS A 972 -20.73 6.04 -4.82
C LYS A 972 -22.20 6.36 -5.08
N PHE A 973 -23.07 5.35 -4.98
CA PHE A 973 -24.51 5.56 -5.13
C PHE A 973 -25.15 5.74 -3.75
N GLY A 974 -24.96 6.94 -3.21
CA GLY A 974 -25.38 7.27 -1.85
C GLY A 974 -26.71 6.66 -1.46
N TYR A 975 -26.73 5.98 -0.31
CA TYR A 975 -27.92 5.30 0.19
C TYR A 975 -28.24 5.81 1.59
N LYS A 976 -27.94 7.08 1.85
CA LYS A 976 -28.16 7.72 3.15
C LYS A 976 -27.44 6.88 4.21
N ARG A 977 -28.13 6.40 5.24
CA ARG A 977 -27.46 5.75 6.36
C ARG A 977 -26.70 4.51 5.93
N GLU A 978 -25.57 4.27 6.59
CA GLU A 978 -24.66 3.17 6.31
C GLU A 978 -25.10 1.85 6.92
N ARG A 979 -24.19 0.88 6.95
CA ARG A 979 -24.35 -0.39 7.64
C ARG A 979 -24.98 -1.45 6.75
N VAL A 980 -24.72 -2.72 7.07
CA VAL A 980 -25.19 -3.85 6.28
C VAL A 980 -25.73 -4.92 7.22
N PRO A 981 -26.66 -5.76 6.76
CA PRO A 981 -27.21 -6.81 7.61
C PRO A 981 -26.37 -8.09 7.55
N PHE A 982 -26.72 -9.03 8.43
CA PHE A 982 -26.10 -10.34 8.39
C PHE A 982 -26.54 -11.13 7.17
N VAL A 983 -25.79 -12.19 6.90
CA VAL A 983 -26.08 -13.09 5.79
C VAL A 983 -26.62 -14.43 6.25
N LEU A 984 -26.89 -14.60 7.54
CA LEU A 984 -27.43 -15.86 8.01
C LEU A 984 -28.67 -16.22 7.21
N THR A 985 -28.58 -17.27 6.41
CA THR A 985 -29.66 -17.69 5.55
C THR A 985 -30.31 -18.92 6.13
N GLN A 986 -31.45 -19.32 5.55
CA GLN A 986 -32.11 -20.54 6.00
C GLN A 986 -31.14 -21.72 5.97
N ASP A 987 -30.29 -21.79 4.95
CA ASP A 987 -29.38 -22.91 4.83
C ASP A 987 -28.44 -23.00 6.02
N PHE A 988 -27.80 -21.89 6.38
CA PHE A 988 -26.85 -21.93 7.49
C PHE A 988 -27.57 -22.26 8.79
N LEU A 989 -28.76 -21.71 8.97
CA LEU A 989 -29.50 -21.98 10.20
C LEU A 989 -29.89 -23.45 10.28
N ILE A 990 -30.26 -24.05 9.14
CA ILE A 990 -30.61 -25.46 9.15
C ILE A 990 -29.42 -26.30 9.60
N VAL A 991 -28.24 -25.99 9.06
CA VAL A 991 -27.05 -26.75 9.41
C VAL A 991 -26.65 -26.51 10.85
N ILE A 992 -26.74 -25.26 11.31
CA ILE A 992 -26.29 -24.95 12.66
C ILE A 992 -27.13 -25.70 13.70
N SER A 993 -28.43 -25.76 13.49
CA SER A 993 -29.33 -26.46 14.39
C SER A 993 -29.57 -27.90 13.97
N LYS A 994 -28.60 -28.53 13.31
CA LYS A 994 -28.68 -29.95 12.99
C LYS A 994 -29.98 -30.29 12.27
N GLY A 995 -30.39 -29.42 11.36
CA GLY A 995 -31.52 -29.72 10.50
C GLY A 995 -32.87 -29.64 11.17
N ALA A 996 -32.95 -29.14 12.40
CA ALA A 996 -34.23 -29.03 13.06
C ALA A 996 -35.14 -28.08 12.28
N GLN A 997 -36.42 -28.43 12.22
CA GLN A 997 -37.36 -27.64 11.42
C GLN A 997 -37.51 -26.23 11.97
N GLU A 998 -37.57 -26.09 13.29
CA GLU A 998 -37.66 -24.78 13.93
C GLU A 998 -36.25 -24.28 14.17
N CYS A 999 -35.70 -23.59 13.18
CA CYS A 999 -34.30 -23.20 13.23
C CYS A 999 -34.03 -22.10 14.24
N THR A 1000 -34.96 -21.07 14.36
CA THR A 1000 -34.77 -19.78 15.01
C THR A 1000 -34.42 -19.94 16.49
N LYS A 1001 -35.03 -20.83 17.17
CA LYS A 1001 -34.91 -20.94 18.63
C LYS A 1001 -34.56 -22.36 19.04
N THR A 1002 -33.68 -23.02 18.28
CA THR A 1002 -33.17 -24.30 18.72
C THR A 1002 -32.19 -24.10 19.85
N ARG A 1003 -32.02 -25.14 20.67
CA ARG A 1003 -31.17 -24.99 21.85
C ARG A 1003 -29.73 -24.68 21.45
N GLU A 1004 -29.21 -25.40 20.46
CA GLU A 1004 -27.84 -25.14 20.02
C GLU A 1004 -27.70 -23.82 19.29
N PHE A 1005 -28.80 -23.32 18.74
CA PHE A 1005 -28.76 -22.00 18.11
C PHE A 1005 -28.39 -20.93 19.14
N GLU A 1006 -28.94 -21.04 20.35
CA GLU A 1006 -28.67 -20.02 21.35
C GLU A 1006 -27.18 -19.95 21.70
N ARG A 1007 -26.51 -21.11 21.78
CA ARG A 1007 -25.08 -21.08 21.94
C ARG A 1007 -24.40 -20.44 20.74
N PHE A 1008 -25.01 -20.56 19.57
CA PHE A 1008 -24.47 -19.88 18.40
C PHE A 1008 -24.55 -18.37 18.58
N GLN A 1009 -25.71 -17.86 18.98
CA GLN A 1009 -25.84 -16.42 19.20
C GLN A 1009 -24.94 -15.97 20.34
N GLU A 1010 -24.87 -16.74 21.41
CA GLU A 1010 -24.03 -16.33 22.52
C GLU A 1010 -22.57 -16.21 22.10
N MET A 1011 -22.11 -17.14 21.27
CA MET A 1011 -20.71 -17.09 20.84
C MET A 1011 -20.50 -16.00 19.80
N CYS A 1012 -21.53 -15.63 19.04
CA CYS A 1012 -21.45 -14.43 18.23
C CYS A 1012 -21.29 -13.18 19.10
N TYR A 1013 -22.06 -13.11 20.20
CA TYR A 1013 -21.91 -11.98 21.11
C TYR A 1013 -20.49 -11.91 21.65
N LYS A 1014 -19.98 -13.03 22.17
CA LYS A 1014 -18.65 -13.03 22.73
C LYS A 1014 -17.62 -12.62 21.68
N ALA A 1015 -17.78 -13.08 20.44
CA ALA A 1015 -16.89 -12.66 19.38
C ALA A 1015 -16.97 -11.16 19.16
N TYR A 1016 -18.18 -10.62 19.08
CA TYR A 1016 -18.34 -9.20 18.83
C TYR A 1016 -17.68 -8.38 19.92
N LEU A 1017 -17.94 -8.73 21.18
CA LEU A 1017 -17.31 -8.00 22.28
C LEU A 1017 -15.81 -8.16 22.23
N ALA A 1018 -15.32 -9.36 21.91
CA ALA A 1018 -13.89 -9.59 21.93
C ALA A 1018 -13.16 -8.66 20.97
N ILE A 1019 -13.68 -8.51 19.75
CA ILE A 1019 -13.06 -7.60 18.80
C ILE A 1019 -13.21 -6.16 19.26
N ARG A 1020 -14.34 -5.84 19.88
CA ARG A 1020 -14.58 -4.45 20.27
C ARG A 1020 -13.55 -3.97 21.28
N GLN A 1021 -13.16 -4.84 22.22
CA GLN A 1021 -12.15 -4.44 23.18
C GLN A 1021 -10.79 -4.19 22.55
N HIS A 1022 -10.54 -4.77 21.37
CA HIS A 1022 -9.30 -4.55 20.64
C HIS A 1022 -9.51 -3.64 19.45
N ALA A 1023 -10.49 -2.75 19.50
CA ALA A 1023 -10.75 -1.87 18.37
C ALA A 1023 -9.60 -0.89 18.14
N ASN A 1024 -8.85 -0.54 19.17
CA ASN A 1024 -7.71 0.33 18.96
C ASN A 1024 -6.80 -0.22 17.87
N LEU A 1025 -6.49 -1.51 17.94
CA LEU A 1025 -5.60 -2.10 16.96
C LEU A 1025 -6.17 -2.02 15.56
N PHE A 1026 -7.45 -2.36 15.40
CA PHE A 1026 -8.04 -2.36 14.06
C PHE A 1026 -8.18 -0.96 13.50
N ILE A 1027 -8.28 0.04 14.37
CA ILE A 1027 -8.31 1.41 13.89
C ILE A 1027 -6.95 1.82 13.38
N ASN A 1028 -5.89 1.49 14.12
CA ASN A 1028 -4.54 1.86 13.68
C ASN A 1028 -4.17 1.18 12.38
N LEU A 1029 -4.56 -0.09 12.22
CA LEU A 1029 -4.23 -0.80 10.99
C LEU A 1029 -4.86 -0.13 9.78
N PHE A 1030 -6.10 0.30 9.89
CA PHE A 1030 -6.76 0.96 8.78
C PHE A 1030 -6.17 2.33 8.53
N SER A 1031 -5.85 3.07 9.60
CA SER A 1031 -5.35 4.42 9.43
C SER A 1031 -4.01 4.42 8.72
N MET A 1032 -3.15 3.45 9.02
CA MET A 1032 -1.84 3.40 8.38
C MET A 1032 -1.92 3.10 6.89
N MET A 1033 -3.08 2.69 6.39
CA MET A 1033 -3.24 2.35 4.98
C MET A 1033 -3.89 3.48 4.18
N LEU A 1034 -4.00 4.67 4.75
CA LEU A 1034 -4.73 5.75 4.10
C LEU A 1034 -4.08 6.17 2.80
N GLY A 1035 -2.77 6.31 2.79
CA GLY A 1035 -2.09 6.73 1.58
C GLY A 1035 -1.88 5.68 0.54
N SER A 1036 -2.25 4.43 0.83
CA SER A 1036 -2.00 3.34 -0.10
C SER A 1036 -2.71 3.55 -1.43
N GLY A 1037 -3.69 4.43 -1.47
CA GLY A 1037 -4.40 4.69 -2.70
C GLY A 1037 -5.56 3.76 -2.97
N MET A 1038 -5.95 2.94 -2.02
CA MET A 1038 -7.13 2.11 -2.20
C MET A 1038 -8.34 3.01 -2.39
N PRO A 1039 -9.16 2.79 -3.41
CA PRO A 1039 -10.32 3.67 -3.62
C PRO A 1039 -11.25 3.72 -2.44
N GLU A 1040 -11.34 2.63 -1.66
CA GLU A 1040 -12.27 2.55 -0.54
C GLU A 1040 -11.73 3.18 0.72
N LEU A 1041 -10.51 3.68 0.73
CA LEU A 1041 -9.85 4.10 1.96
C LEU A 1041 -8.94 5.28 1.63
N GLN A 1042 -9.45 6.50 1.82
CA GLN A 1042 -8.71 7.68 1.43
C GLN A 1042 -8.60 8.70 2.57
N SER A 1043 -9.58 8.72 3.46
CA SER A 1043 -9.61 9.71 4.52
C SER A 1043 -10.17 9.07 5.78
N PHE A 1044 -9.95 9.75 6.91
CA PHE A 1044 -10.49 9.27 8.17
C PHE A 1044 -12.01 9.18 8.14
N ASP A 1045 -12.65 9.77 7.14
CA ASP A 1045 -14.08 9.57 6.94
C ASP A 1045 -14.41 8.10 6.72
N ASP A 1046 -13.57 7.39 5.98
CA ASP A 1046 -13.86 6.00 5.69
C ASP A 1046 -13.65 5.12 6.92
N ILE A 1047 -12.54 5.31 7.64
CA ILE A 1047 -12.31 4.52 8.84
C ILE A 1047 -13.39 4.76 9.88
N ALA A 1048 -14.09 5.89 9.79
CA ALA A 1048 -15.15 6.16 10.75
C ALA A 1048 -16.29 5.18 10.64
N TYR A 1049 -16.37 4.42 9.54
CA TYR A 1049 -17.43 3.43 9.42
C TYR A 1049 -17.26 2.33 10.44
N ILE A 1050 -16.00 1.92 10.70
CA ILE A 1050 -15.74 0.93 11.73
C ILE A 1050 -16.20 1.43 13.09
N ARG A 1051 -16.02 2.72 13.35
CA ARG A 1051 -16.43 3.27 14.63
C ARG A 1051 -17.93 3.17 14.84
N LYS A 1052 -18.70 2.92 13.79
CA LYS A 1052 -20.12 2.64 13.92
C LYS A 1052 -20.38 1.17 14.22
N THR A 1053 -19.92 0.30 13.32
CA THR A 1053 -20.20 -1.12 13.48
C THR A 1053 -19.73 -1.64 14.82
N LEU A 1054 -18.61 -1.12 15.33
CA LEU A 1054 -18.17 -1.46 16.67
C LEU A 1054 -18.88 -0.64 17.74
N ALA A 1055 -19.71 0.33 17.34
CA ALA A 1055 -20.41 1.18 18.29
C ALA A 1055 -19.45 1.73 19.34
N LEU A 1056 -18.32 2.24 18.86
CA LEU A 1056 -17.27 2.67 19.77
C LEU A 1056 -17.73 3.81 20.66
N ASP A 1057 -18.53 4.73 20.11
CA ASP A 1057 -18.96 5.88 20.88
C ASP A 1057 -19.82 5.47 22.07
N LYS A 1058 -20.76 4.55 21.86
CA LYS A 1058 -21.65 4.13 22.93
C LYS A 1058 -20.87 3.39 24.00
N THR A 1059 -21.59 2.91 25.02
CA THR A 1059 -20.99 2.14 26.08
C THR A 1059 -21.11 0.65 25.79
N GLU A 1060 -20.40 -0.15 26.59
CA GLU A 1060 -20.32 -1.57 26.31
C GLU A 1060 -21.70 -2.21 26.25
N GLN A 1061 -22.55 -1.92 27.23
CA GLN A 1061 -23.88 -2.49 27.24
C GLN A 1061 -24.67 -2.04 26.02
N GLU A 1062 -24.60 -0.75 25.70
CA GLU A 1062 -25.33 -0.25 24.53
C GLU A 1062 -24.82 -0.91 23.26
N ALA A 1063 -23.50 -1.08 23.15
CA ALA A 1063 -22.95 -1.70 21.96
C ALA A 1063 -23.45 -3.11 21.79
N LEU A 1064 -23.39 -3.92 22.84
CA LEU A 1064 -23.89 -5.29 22.76
C LEU A 1064 -25.36 -5.30 22.38
N GLU A 1065 -26.17 -4.50 23.07
CA GLU A 1065 -27.59 -4.42 22.72
C GLU A 1065 -27.76 -3.89 21.30
N TYR A 1066 -26.88 -2.99 20.88
CA TYR A 1066 -26.92 -2.54 19.49
C TYR A 1066 -26.65 -3.70 18.55
N PHE A 1067 -25.66 -4.53 18.87
CA PHE A 1067 -25.34 -5.68 18.03
C PHE A 1067 -26.52 -6.64 17.95
N MET A 1068 -27.11 -6.98 19.10
CA MET A 1068 -28.20 -7.95 19.11
C MET A 1068 -29.35 -7.48 18.23
N LYS A 1069 -29.59 -6.17 18.19
CA LYS A 1069 -30.60 -5.67 17.28
C LYS A 1069 -30.27 -6.04 15.84
N GLN A 1070 -29.00 -5.98 15.47
CA GLN A 1070 -28.60 -6.33 14.12
C GLN A 1070 -28.88 -7.81 13.85
N MET A 1071 -28.47 -8.68 14.76
CA MET A 1071 -28.66 -10.11 14.54
C MET A 1071 -30.13 -10.45 14.40
N ASN A 1072 -30.96 -9.97 15.33
CA ASN A 1072 -32.37 -10.28 15.26
C ASN A 1072 -32.99 -9.76 13.97
N ASP A 1073 -32.63 -8.53 13.58
CA ASP A 1073 -33.22 -7.95 12.39
C ASP A 1073 -32.97 -8.82 11.16
N ALA A 1074 -31.71 -9.20 10.94
CA ALA A 1074 -31.38 -10.02 9.78
C ALA A 1074 -31.76 -11.48 9.96
N ARG A 1075 -31.86 -11.96 11.20
CA ARG A 1075 -32.20 -13.35 11.44
C ARG A 1075 -33.58 -13.68 10.87
N HIS A 1076 -34.61 -12.99 11.36
CA HIS A 1076 -35.95 -13.20 10.87
C HIS A 1076 -36.23 -12.46 9.57
N GLY A 1077 -35.30 -11.59 9.14
CA GLY A 1077 -35.46 -10.93 7.86
C GLY A 1077 -35.04 -11.76 6.66
N GLY A 1078 -34.45 -12.93 6.88
CA GLY A 1078 -34.00 -13.78 5.79
C GLY A 1078 -34.48 -15.21 5.91
N ASN B 322 -36.23 37.88 25.62
CA ASN B 322 -37.04 37.80 24.40
C ASN B 322 -36.27 37.08 23.30
N ASN B 323 -34.95 37.19 23.33
CA ASN B 323 -34.09 36.59 22.32
C ASN B 323 -33.69 35.16 22.66
N ASN B 324 -34.19 34.61 23.76
CA ASN B 324 -33.91 33.22 24.13
C ASN B 324 -35.09 32.39 23.66
N MET B 325 -35.01 31.91 22.42
CA MET B 325 -36.05 31.08 21.85
C MET B 325 -35.72 29.59 22.07
N SER B 326 -36.51 28.73 21.45
CA SER B 326 -36.25 27.29 21.57
C SER B 326 -35.04 26.86 20.78
N LEU B 327 -34.24 25.96 21.34
CA LEU B 327 -33.06 25.47 20.63
C LEU B 327 -33.50 24.67 19.42
N GLN B 328 -34.66 24.05 19.51
CA GLN B 328 -35.15 23.24 18.42
C GLN B 328 -35.39 24.12 17.22
N ASP B 329 -35.93 25.30 17.47
CA ASP B 329 -36.24 26.20 16.38
C ASP B 329 -35.07 27.11 16.03
N ALA B 330 -33.93 26.95 16.71
CA ALA B 330 -32.78 27.75 16.31
C ALA B 330 -32.30 27.35 14.93
N GLU B 331 -31.80 28.33 14.18
CA GLU B 331 -31.38 28.10 12.80
C GLU B 331 -29.95 27.60 12.68
N TRP B 332 -29.16 27.62 13.76
CA TRP B 332 -27.84 27.03 13.72
C TRP B 332 -27.74 25.68 14.40
N TYR B 333 -28.56 25.42 15.42
CA TYR B 333 -28.60 24.09 16.01
C TYR B 333 -29.08 23.09 14.98
N TRP B 334 -28.20 22.20 14.54
CA TRP B 334 -28.49 21.31 13.43
C TRP B 334 -29.05 19.96 13.86
N GLY B 335 -29.31 19.76 15.13
CA GLY B 335 -29.91 18.51 15.57
C GLY B 335 -28.87 17.44 15.75
N ASP B 336 -29.15 16.25 15.21
CA ASP B 336 -28.24 15.11 15.29
C ASP B 336 -27.52 14.98 13.96
N ILE B 337 -26.22 15.28 13.96
CA ILE B 337 -25.39 15.12 12.79
C ILE B 337 -24.04 14.57 13.21
N SER B 338 -23.51 13.65 12.42
CA SER B 338 -22.24 13.04 12.74
C SER B 338 -21.11 14.05 12.62
N ARG B 339 -20.01 13.77 13.31
CA ARG B 339 -18.83 14.62 13.17
C ARG B 339 -18.43 14.77 11.72
N GLU B 340 -18.63 13.71 10.93
CA GLU B 340 -18.32 13.79 9.51
C GLU B 340 -19.17 14.84 8.81
N GLU B 341 -20.48 14.82 9.08
CA GLU B 341 -21.38 15.74 8.38
C GLU B 341 -21.05 17.20 8.70
N VAL B 342 -20.56 17.46 9.90
CA VAL B 342 -20.18 18.82 10.25
C VAL B 342 -18.99 19.28 9.41
N ASN B 343 -18.11 18.34 9.07
CA ASN B 343 -16.86 18.72 8.39
C ASN B 343 -17.12 19.29 6.99
N GLU B 344 -17.97 18.62 6.19
CA GLU B 344 -18.19 19.14 4.85
C GLU B 344 -18.86 20.50 4.89
N LYS B 345 -19.73 20.72 5.87
CA LYS B 345 -20.40 22.01 5.97
C LYS B 345 -19.44 23.11 6.41
N LEU B 346 -18.45 22.78 7.23
CA LEU B 346 -17.46 23.75 7.69
C LEU B 346 -16.18 23.71 6.86
N ARG B 347 -16.29 23.37 5.58
CA ARG B 347 -15.12 23.24 4.73
C ARG B 347 -14.74 24.59 4.12
N ASP B 348 -13.49 24.98 4.30
CA ASP B 348 -12.95 26.18 3.66
C ASP B 348 -13.80 27.40 3.98
N THR B 349 -14.26 27.50 5.22
CA THR B 349 -15.08 28.60 5.66
C THR B 349 -14.27 29.58 6.48
N ALA B 350 -14.76 30.82 6.53
CA ALA B 350 -14.05 31.87 7.25
C ALA B 350 -14.02 31.56 8.74
N ASP B 351 -12.99 32.08 9.41
CA ASP B 351 -12.92 31.95 10.85
C ASP B 351 -14.17 32.53 11.48
N GLY B 352 -14.76 31.80 12.43
CA GLY B 352 -15.99 32.20 13.06
C GLY B 352 -17.20 31.42 12.61
N THR B 353 -17.12 30.67 11.51
CA THR B 353 -18.21 29.77 11.16
C THR B 353 -18.44 28.78 12.30
N PHE B 354 -19.70 28.47 12.56
CA PHE B 354 -20.00 27.59 13.69
C PHE B 354 -21.34 26.90 13.46
N LEU B 355 -21.59 25.92 14.32
CA LEU B 355 -22.89 25.27 14.41
C LEU B 355 -22.88 24.40 15.65
N VAL B 356 -24.07 23.99 16.08
CA VAL B 356 -24.23 23.20 17.29
C VAL B 356 -24.99 21.92 16.93
N ARG B 357 -24.73 20.86 17.67
CA ARG B 357 -25.38 19.58 17.41
C ARG B 357 -25.29 18.74 18.68
N ASP B 358 -26.00 17.62 18.65
CA ASP B 358 -25.98 16.72 19.80
C ASP B 358 -24.61 16.06 19.94
N ALA B 359 -24.25 15.77 21.18
CA ALA B 359 -22.98 15.10 21.43
C ALA B 359 -22.98 13.72 20.78
N SER B 360 -21.78 13.25 20.41
CA SER B 360 -21.68 11.95 19.77
C SER B 360 -22.17 10.83 20.68
N THR B 361 -22.01 10.99 21.99
CA THR B 361 -22.45 9.97 22.92
C THR B 361 -23.94 9.71 22.83
N LYS B 362 -24.71 10.67 22.34
CA LYS B 362 -26.16 10.61 22.18
C LYS B 362 -26.87 10.76 23.53
N MET B 363 -26.16 11.03 24.61
CA MET B 363 -26.80 11.34 25.88
C MET B 363 -27.24 12.80 25.82
N HIS B 364 -28.53 13.02 25.62
CA HIS B 364 -29.04 14.37 25.39
C HIS B 364 -28.68 15.28 26.56
N GLY B 365 -28.21 16.48 26.24
CA GLY B 365 -27.82 17.43 27.26
C GLY B 365 -26.34 17.78 27.21
N ASP B 366 -25.72 17.60 26.06
CA ASP B 366 -24.31 17.92 25.88
C ASP B 366 -24.06 18.95 24.79
N TYR B 367 -24.56 18.72 23.58
CA TYR B 367 -24.59 19.76 22.56
C TYR B 367 -23.18 20.31 22.28
N THR B 368 -22.39 19.50 21.58
CA THR B 368 -21.07 19.94 21.21
C THR B 368 -21.11 21.09 20.22
N LEU B 369 -20.24 22.07 20.42
CA LEU B 369 -20.11 23.25 19.56
C LEU B 369 -18.92 23.10 18.63
N THR B 370 -19.16 23.23 17.32
CA THR B 370 -18.11 23.14 16.32
C THR B 370 -17.80 24.53 15.79
N LEU B 371 -16.62 25.04 16.11
CA LEU B 371 -16.21 26.40 15.77
C LEU B 371 -14.98 26.34 14.89
N ARG B 372 -15.04 27.02 13.75
CA ARG B 372 -13.97 27.01 12.77
C ARG B 372 -13.01 28.17 13.03
N LYS B 373 -11.78 27.86 13.41
CA LYS B 373 -10.78 28.89 13.64
C LYS B 373 -9.41 28.38 13.21
N GLY B 374 -8.64 29.27 12.61
CA GLY B 374 -7.30 28.92 12.17
C GLY B 374 -7.26 27.77 11.18
N GLY B 375 -8.23 27.73 10.27
CA GLY B 375 -8.31 26.64 9.33
C GLY B 375 -8.71 25.32 9.92
N ASN B 376 -8.91 25.25 11.23
CA ASN B 376 -9.26 24.05 11.94
C ASN B 376 -10.72 24.09 12.37
N ASN B 377 -11.27 22.91 12.65
CA ASN B 377 -12.60 22.80 13.24
C ASN B 377 -12.45 22.52 14.73
N LYS B 378 -12.23 23.59 15.49
CA LYS B 378 -12.25 23.46 16.94
C LYS B 378 -13.60 22.91 17.37
N LEU B 379 -13.57 22.02 18.36
CA LEU B 379 -14.75 21.26 18.76
C LEU B 379 -14.95 21.45 20.26
N ILE B 380 -15.87 22.31 20.64
CA ILE B 380 -16.06 22.70 22.03
C ILE B 380 -17.30 22.00 22.59
N LYS B 381 -17.30 21.79 23.90
CA LYS B 381 -18.32 21.03 24.60
C LYS B 381 -19.15 21.94 25.49
N ILE B 382 -20.42 21.62 25.61
CA ILE B 382 -21.37 22.40 26.41
C ILE B 382 -21.87 21.51 27.53
N PHE B 383 -21.67 21.94 28.78
CA PHE B 383 -22.04 21.14 29.93
C PHE B 383 -23.42 21.54 30.44
N HIS B 384 -24.14 20.57 30.98
CA HIS B 384 -25.53 20.72 31.39
C HIS B 384 -25.76 20.14 32.78
N ARG B 385 -24.96 20.55 33.76
CA ARG B 385 -25.18 20.06 35.11
C ARG B 385 -26.27 20.87 35.79
N ASP B 386 -27.14 20.17 36.53
CA ASP B 386 -28.21 20.79 37.33
C ASP B 386 -29.06 21.74 36.50
N GLY B 387 -29.34 21.36 35.25
CA GLY B 387 -30.24 22.14 34.43
C GLY B 387 -29.70 23.46 33.94
N LYS B 388 -28.42 23.72 34.12
CA LYS B 388 -27.76 24.91 33.62
C LYS B 388 -26.82 24.54 32.48
N TYR B 389 -26.08 25.53 31.98
CA TYR B 389 -25.19 25.31 30.86
C TYR B 389 -23.94 26.16 31.01
N GLY B 390 -22.91 25.77 30.26
CA GLY B 390 -21.67 26.53 30.26
C GLY B 390 -20.57 25.73 29.60
N PHE B 391 -19.42 26.37 29.47
CA PHE B 391 -18.21 25.72 28.99
C PHE B 391 -17.32 25.23 30.12
N SER B 392 -17.11 26.05 31.13
CA SER B 392 -16.33 25.69 32.30
C SER B 392 -17.25 25.22 33.41
N ASP B 393 -16.69 24.94 34.58
CA ASP B 393 -17.50 24.44 35.69
C ASP B 393 -18.56 25.44 36.15
N PRO B 394 -18.25 26.72 36.34
CA PRO B 394 -19.28 27.65 36.81
C PRO B 394 -20.34 27.88 35.75
N LEU B 395 -21.20 26.88 35.52
CA LEU B 395 -22.26 27.02 34.55
C LEU B 395 -23.17 28.17 34.95
N THR B 396 -23.29 29.17 34.07
CA THR B 396 -24.02 30.39 34.36
C THR B 396 -24.91 30.77 33.18
N PHE B 397 -25.53 29.79 32.54
CA PHE B 397 -26.43 30.05 31.45
C PHE B 397 -27.65 29.15 31.57
N SER B 398 -28.80 29.68 31.17
CA SER B 398 -30.06 28.98 31.33
C SER B 398 -30.45 28.14 30.13
N SER B 399 -29.71 28.22 29.02
CA SER B 399 -30.00 27.38 27.87
C SER B 399 -28.93 27.64 26.82
N VAL B 400 -28.87 26.75 25.83
CA VAL B 400 -27.86 26.89 24.78
C VAL B 400 -28.05 28.21 24.06
N VAL B 401 -29.29 28.54 23.69
CA VAL B 401 -29.52 29.77 22.94
C VAL B 401 -29.03 30.97 23.73
N GLU B 402 -29.21 30.95 25.05
CA GLU B 402 -28.63 32.00 25.87
C GLU B 402 -27.10 31.96 25.80
N LEU B 403 -26.52 30.77 25.81
CA LEU B 403 -25.06 30.65 25.75
C LEU B 403 -24.54 31.05 24.38
N ILE B 404 -25.15 30.52 23.31
CA ILE B 404 -24.68 30.84 21.96
C ILE B 404 -24.82 32.32 21.70
N ASN B 405 -25.97 32.90 22.07
CA ASN B 405 -26.18 34.32 21.80
C ASN B 405 -25.15 35.18 22.53
N HIS B 406 -24.80 34.80 23.75
CA HIS B 406 -23.86 35.61 24.51
C HIS B 406 -22.52 35.73 23.80
N TYR B 407 -22.03 34.63 23.25
CA TYR B 407 -20.75 34.62 22.55
C TYR B 407 -20.87 34.98 21.08
N ARG B 408 -22.08 35.28 20.61
CA ARG B 408 -22.21 35.80 19.25
C ARG B 408 -21.83 37.27 19.18
N ASN B 409 -21.64 37.92 20.33
CA ASN B 409 -21.14 39.28 20.37
C ASN B 409 -19.99 39.46 21.35
N GLU B 410 -19.71 38.48 22.20
CA GLU B 410 -18.60 38.52 23.12
C GLU B 410 -17.52 37.57 22.63
N SER B 411 -16.28 38.06 22.58
CA SER B 411 -15.18 37.22 22.11
C SER B 411 -14.95 36.07 23.08
N LEU B 412 -14.54 34.93 22.52
CA LEU B 412 -14.26 33.76 23.34
C LEU B 412 -13.02 33.93 24.19
N ALA B 413 -12.24 34.99 23.98
CA ALA B 413 -11.03 35.19 24.76
C ALA B 413 -11.32 35.18 26.25
N GLN B 414 -12.52 35.59 26.65
CA GLN B 414 -12.90 35.50 28.06
C GLN B 414 -12.84 34.05 28.52
N TYR B 415 -13.41 33.14 27.73
CA TYR B 415 -13.31 31.72 28.04
C TYR B 415 -11.86 31.24 27.92
N ASN B 416 -11.22 31.55 26.80
CA ASN B 416 -9.85 31.11 26.56
C ASN B 416 -9.06 32.23 25.93
N PRO B 417 -7.94 32.64 26.53
CA PRO B 417 -7.14 33.72 25.93
C PRO B 417 -6.69 33.40 24.53
N LYS B 418 -6.42 32.12 24.24
CA LYS B 418 -5.89 31.70 22.95
C LYS B 418 -6.97 31.29 21.96
N LEU B 419 -8.18 31.79 22.14
CA LEU B 419 -9.31 31.46 21.26
C LEU B 419 -10.07 32.72 20.88
N ASP B 420 -9.32 33.74 20.47
CA ASP B 420 -9.90 35.05 20.19
C ASP B 420 -10.75 35.02 18.92
N VAL B 421 -12.04 34.70 19.06
CA VAL B 421 -12.98 34.69 17.96
C VAL B 421 -14.36 35.02 18.52
N LYS B 422 -15.31 35.26 17.63
CA LYS B 422 -16.70 35.42 17.97
C LYS B 422 -17.54 34.58 17.02
N LEU B 423 -18.71 34.17 17.47
CA LEU B 423 -19.57 33.30 16.67
C LEU B 423 -20.23 34.17 15.61
N LEU B 424 -19.63 34.21 14.43
CA LEU B 424 -20.01 35.21 13.44
C LEU B 424 -20.94 34.69 12.36
N TYR B 425 -20.67 33.51 11.77
CA TYR B 425 -21.37 33.06 10.58
C TYR B 425 -22.04 31.72 10.85
N PRO B 426 -23.15 31.72 11.57
CA PRO B 426 -23.83 30.46 11.85
C PRO B 426 -24.24 29.75 10.57
N VAL B 427 -24.17 28.43 10.58
CA VAL B 427 -24.54 27.63 9.42
C VAL B 427 -26.04 27.38 9.54
N SER B 428 -26.82 28.32 9.05
CA SER B 428 -28.27 28.23 9.16
C SER B 428 -28.79 26.99 8.46
N LYS B 429 -29.67 26.25 9.13
CA LYS B 429 -30.24 25.06 8.53
C LYS B 429 -31.26 25.43 7.45
N TYR B 430 -31.98 26.53 7.65
CA TYR B 430 -32.93 26.98 6.64
C TYR B 430 -32.23 27.62 5.45
N GLN B 431 -31.18 28.40 5.70
CA GLN B 431 -30.53 29.15 4.63
C GLN B 431 -30.18 28.25 3.46
N GLN B 432 -29.64 27.07 3.75
CA GLN B 432 -29.31 26.12 2.71
C GLN B 432 -30.49 25.24 2.32
N ASP B 433 -31.39 24.96 3.26
CA ASP B 433 -32.53 24.11 2.95
C ASP B 433 -33.47 24.76 1.94
N GLN B 434 -33.56 26.09 1.96
CA GLN B 434 -34.40 26.79 1.00
C GLN B 434 -33.91 26.62 -0.43
N VAL B 435 -32.66 26.17 -0.62
CA VAL B 435 -32.15 25.96 -1.96
C VAL B 435 -33.02 24.98 -2.72
N VAL B 436 -33.48 23.93 -2.05
CA VAL B 436 -34.40 22.98 -2.68
C VAL B 436 -35.79 23.60 -2.80
N LYS B 437 -36.50 23.22 -3.86
CA LYS B 437 -37.86 23.70 -4.09
C LYS B 437 -38.79 22.54 -4.41
N GLU B 438 -40.01 22.85 -4.85
CA GLU B 438 -41.01 21.85 -5.22
C GLU B 438 -41.15 20.79 -4.12
N ASP B 439 -41.61 21.24 -2.95
CA ASP B 439 -41.77 20.35 -1.81
C ASP B 439 -42.76 19.22 -2.08
N ASN B 440 -43.67 19.40 -3.03
CA ASN B 440 -44.61 18.33 -3.36
C ASN B 440 -43.85 17.07 -3.76
N ILE B 441 -44.25 15.94 -3.18
CA ILE B 441 -43.52 14.70 -3.41
C ILE B 441 -43.64 14.27 -4.87
N GLU B 442 -44.80 14.52 -5.49
CA GLU B 442 -44.98 14.12 -6.88
C GLU B 442 -43.95 14.78 -7.78
N ALA B 443 -43.72 16.08 -7.59
CA ALA B 443 -42.70 16.77 -8.38
C ALA B 443 -41.31 16.29 -8.01
N VAL B 444 -41.07 16.02 -6.72
CA VAL B 444 -39.75 15.56 -6.29
C VAL B 444 -39.42 14.23 -6.94
N GLY B 445 -40.39 13.32 -6.98
CA GLY B 445 -40.12 12.02 -7.58
C GLY B 445 -39.66 12.14 -9.02
N LYS B 446 -40.28 13.03 -9.79
CA LYS B 446 -39.83 13.27 -11.15
C LYS B 446 -38.54 14.07 -11.18
N LYS B 447 -38.45 15.12 -10.36
CA LYS B 447 -37.24 15.94 -10.33
C LYS B 447 -36.03 15.11 -9.90
N LEU B 448 -36.19 14.31 -8.84
CA LEU B 448 -35.08 13.50 -8.38
C LEU B 448 -34.64 12.51 -9.44
N HIS B 449 -35.58 11.86 -10.11
CA HIS B 449 -35.23 10.89 -11.14
C HIS B 449 -34.46 11.56 -12.27
N GLU B 450 -34.87 12.78 -12.64
CA GLU B 450 -34.17 13.49 -13.71
C GLU B 450 -32.72 13.75 -13.34
N TYR B 451 -32.46 14.19 -12.11
CA TYR B 451 -31.09 14.48 -11.71
C TYR B 451 -30.26 13.20 -11.63
N ASN B 452 -30.84 12.11 -11.13
CA ASN B 452 -30.09 10.87 -11.04
C ASN B 452 -29.67 10.37 -12.41
N THR B 453 -30.56 10.45 -13.39
CA THR B 453 -30.19 10.02 -14.74
C THR B 453 -29.05 10.87 -15.28
N GLN B 454 -29.08 12.18 -15.05
CA GLN B 454 -27.97 13.04 -15.44
C GLN B 454 -26.70 12.65 -14.69
N PHE B 455 -26.81 12.50 -13.37
CA PHE B 455 -25.64 12.19 -12.56
C PHE B 455 -25.02 10.86 -13.00
N GLN B 456 -25.85 9.84 -13.18
CA GLN B 456 -25.33 8.54 -13.61
C GLN B 456 -24.69 8.63 -14.99
N GLU B 457 -25.33 9.35 -15.92
CA GLU B 457 -24.73 9.54 -17.23
C GLU B 457 -23.40 10.27 -17.11
N LYS B 458 -23.36 11.32 -16.30
CA LYS B 458 -22.11 12.07 -16.13
C LYS B 458 -21.01 11.17 -15.59
N SER B 459 -21.31 10.41 -14.54
CA SER B 459 -20.30 9.53 -13.97
C SER B 459 -19.84 8.50 -15.00
N ARG B 460 -20.77 7.93 -15.75
CA ARG B 460 -20.38 7.00 -16.80
C ARG B 460 -19.50 7.67 -17.82
N GLU B 461 -19.85 8.89 -18.24
CA GLU B 461 -19.01 9.62 -19.17
C GLU B 461 -17.66 9.98 -18.56
N TYR B 462 -17.66 10.42 -17.30
CA TYR B 462 -16.41 10.77 -16.65
C TYR B 462 -15.47 9.57 -16.58
N ASP B 463 -16.00 8.40 -16.23
CA ASP B 463 -15.16 7.21 -16.16
C ASP B 463 -14.57 6.88 -17.52
N ARG B 464 -15.35 7.04 -18.58
CA ARG B 464 -14.85 6.72 -19.91
C ARG B 464 -13.61 7.54 -20.24
N LEU B 465 -13.66 8.85 -19.95
CA LEU B 465 -12.48 9.69 -20.20
C LEU B 465 -11.32 9.29 -19.31
N TYR B 466 -11.57 9.06 -18.02
CA TYR B 466 -10.48 8.79 -17.11
C TYR B 466 -9.70 7.56 -17.54
N GLU B 467 -10.38 6.47 -17.87
CA GLU B 467 -9.67 5.28 -18.33
C GLU B 467 -8.88 5.58 -19.59
N GLU B 468 -9.48 6.30 -20.54
CA GLU B 468 -8.74 6.70 -21.72
C GLU B 468 -7.57 7.61 -21.35
N TYR B 469 -7.80 8.55 -20.44
CA TYR B 469 -6.74 9.44 -20.01
C TYR B 469 -5.59 8.66 -19.37
N THR B 470 -5.92 7.75 -18.45
CA THR B 470 -4.88 6.95 -17.84
C THR B 470 -4.25 6.00 -18.85
N ARG B 471 -5.06 5.39 -19.72
CA ARG B 471 -4.51 4.51 -20.73
C ARG B 471 -3.62 5.27 -21.70
N THR B 472 -4.03 6.46 -22.12
CA THR B 472 -3.20 7.24 -23.01
C THR B 472 -1.91 7.68 -22.32
N SER B 473 -1.93 7.78 -20.99
CA SER B 473 -0.69 8.08 -20.27
C SER B 473 0.34 6.99 -20.47
N GLN B 474 -0.10 5.73 -20.44
CA GLN B 474 0.84 4.64 -20.62
C GLN B 474 1.49 4.68 -22.00
N GLU B 475 0.68 4.88 -23.04
CA GLU B 475 1.23 4.92 -24.39
C GLU B 475 2.25 6.04 -24.53
N ILE B 476 2.01 7.16 -23.87
CA ILE B 476 2.98 8.26 -23.89
C ILE B 476 4.29 7.81 -23.25
N GLN B 477 4.20 7.16 -22.09
CA GLN B 477 5.41 6.75 -21.39
C GLN B 477 6.19 5.72 -22.20
N MET B 478 5.49 4.74 -22.77
CA MET B 478 6.17 3.76 -23.61
C MET B 478 6.79 4.44 -24.82
N LYS B 479 6.06 5.36 -25.46
CA LYS B 479 6.61 6.06 -26.61
C LYS B 479 7.83 6.87 -26.21
N ARG B 480 7.76 7.57 -25.08
CA ARG B 480 8.88 8.42 -24.68
C ARG B 480 10.15 7.60 -24.49
N THR B 481 10.04 6.44 -23.83
CA THR B 481 11.21 5.61 -23.62
C THR B 481 11.75 5.08 -24.94
N ALA B 482 10.87 4.61 -25.82
CA ALA B 482 11.31 4.11 -27.11
C ALA B 482 12.13 5.15 -27.86
N ILE B 483 11.83 6.43 -27.66
CA ILE B 483 12.65 7.48 -28.26
C ILE B 483 14.06 7.42 -27.71
N GLU B 484 14.21 7.24 -26.40
CA GLU B 484 15.54 7.19 -25.81
C GLU B 484 16.33 6.02 -26.37
N ALA B 485 15.69 4.87 -26.52
CA ALA B 485 16.38 3.74 -27.15
C ALA B 485 16.81 4.08 -28.57
N PHE B 486 16.04 4.92 -29.25
CA PHE B 486 16.45 5.38 -30.58
C PHE B 486 17.63 6.34 -30.49
N ASN B 487 17.69 7.12 -29.42
CA ASN B 487 18.84 8.00 -29.23
C ASN B 487 20.11 7.20 -29.04
N GLU B 488 20.07 6.15 -28.23
CA GLU B 488 21.25 5.34 -28.01
C GLU B 488 21.70 4.65 -29.29
N THR B 489 20.76 4.01 -29.99
CA THR B 489 21.12 3.31 -31.22
C THR B 489 21.77 4.26 -32.22
N ILE B 490 21.19 5.45 -32.38
CA ILE B 490 21.79 6.44 -33.27
C ILE B 490 23.17 6.83 -32.80
N LYS B 491 23.33 7.06 -31.49
CA LYS B 491 24.63 7.45 -30.97
C LYS B 491 25.66 6.34 -31.17
N ILE B 492 25.26 5.10 -30.93
CA ILE B 492 26.21 3.99 -31.08
C ILE B 492 26.70 3.91 -32.51
N PHE B 493 25.79 3.97 -33.48
CA PHE B 493 26.19 3.86 -34.88
C PHE B 493 27.11 5.00 -35.27
N GLU B 494 26.80 6.22 -34.82
CA GLU B 494 27.60 7.38 -35.22
C GLU B 494 29.04 7.23 -34.77
N GLU B 495 29.26 6.74 -33.55
CA GLU B 495 30.63 6.56 -33.08
C GLU B 495 31.39 5.58 -33.97
N GLN B 496 30.72 4.51 -34.40
CA GLN B 496 31.39 3.54 -35.26
C GLN B 496 31.82 4.17 -36.58
N CYS B 497 30.94 4.95 -37.20
CA CYS B 497 31.33 5.65 -38.43
C CYS B 497 32.59 6.47 -38.20
N GLN B 498 32.70 7.09 -37.03
CA GLN B 498 33.88 7.88 -36.72
C GLN B 498 35.14 7.01 -36.71
N THR B 499 35.08 5.88 -35.98
CA THR B 499 36.26 5.03 -35.89
C THR B 499 36.63 4.45 -37.24
N GLN B 500 35.62 4.02 -38.02
CA GLN B 500 35.91 3.42 -39.32
C GLN B 500 36.68 4.39 -40.20
N GLU B 501 36.17 5.61 -40.34
CA GLU B 501 36.84 6.59 -41.20
C GLU B 501 38.22 6.92 -40.67
N ARG B 502 38.37 7.08 -39.36
CA ARG B 502 39.68 7.40 -38.80
C ARG B 502 40.68 6.29 -39.06
N TYR B 503 40.25 5.04 -38.89
CA TYR B 503 41.18 3.92 -38.95
C TYR B 503 41.34 3.36 -40.36
N SER B 504 40.25 2.89 -40.95
CA SER B 504 40.34 2.12 -42.18
C SER B 504 40.19 2.97 -43.45
N LYS B 505 39.91 4.26 -43.31
CA LYS B 505 39.71 5.07 -44.52
C LYS B 505 41.02 5.38 -45.22
N GLU B 506 42.08 5.67 -44.46
CA GLU B 506 43.34 6.08 -45.06
C GLU B 506 44.54 5.30 -44.57
N TYR B 507 44.58 4.94 -43.29
CA TYR B 507 45.80 4.36 -42.72
C TYR B 507 46.16 3.06 -43.40
N ILE B 508 45.17 2.19 -43.64
CA ILE B 508 45.46 0.87 -44.20
C ILE B 508 45.20 0.86 -45.69
N GLU B 509 43.96 1.11 -46.10
CA GLU B 509 43.63 0.95 -47.52
C GLU B 509 44.28 2.03 -48.36
N LYS B 510 44.25 3.28 -47.89
CA LYS B 510 44.84 4.37 -48.65
C LYS B 510 46.34 4.14 -48.85
N PHE B 511 47.03 3.74 -47.79
CA PHE B 511 48.42 3.33 -47.94
C PHE B 511 48.54 2.13 -48.87
N LYS B 512 47.46 1.35 -49.02
CA LYS B 512 47.42 0.24 -49.96
C LYS B 512 46.75 0.64 -51.27
N ARG B 513 46.80 1.92 -51.62
CA ARG B 513 46.22 2.40 -52.87
C ARG B 513 47.21 2.15 -54.00
N GLU B 514 47.25 0.90 -54.44
CA GLU B 514 48.17 0.45 -55.48
C GLU B 514 47.44 -0.41 -56.50
N GLY B 515 46.28 0.06 -56.94
CA GLY B 515 45.50 -0.64 -57.93
C GLY B 515 44.55 -1.69 -57.37
N ASN B 516 44.60 -1.95 -56.08
CA ASN B 516 43.69 -2.92 -55.48
C ASN B 516 42.26 -2.39 -55.53
N GLU B 517 41.32 -3.29 -55.82
CA GLU B 517 39.91 -2.94 -55.86
C GLU B 517 39.21 -3.15 -54.53
N LYS B 518 39.96 -3.55 -53.49
CA LYS B 518 39.34 -3.78 -52.19
C LYS B 518 38.69 -2.51 -51.66
N GLU B 519 39.40 -1.38 -51.75
CA GLU B 519 38.81 -0.13 -51.31
C GLU B 519 37.57 0.20 -52.13
N ILE B 520 37.64 0.01 -53.44
CA ILE B 520 36.51 0.35 -54.30
C ILE B 520 35.29 -0.49 -53.93
N GLN B 521 35.48 -1.79 -53.74
CA GLN B 521 34.38 -2.70 -53.47
C GLN B 521 34.19 -2.93 -51.97
N ARG B 522 35.23 -3.41 -51.28
CA ARG B 522 35.08 -3.76 -49.88
C ARG B 522 34.72 -2.55 -49.02
N ILE B 523 35.65 -1.60 -48.91
CA ILE B 523 35.47 -0.49 -47.98
C ILE B 523 34.25 0.35 -48.37
N MET B 524 34.15 0.70 -49.65
CA MET B 524 33.05 1.57 -50.07
C MET B 524 31.70 0.89 -49.90
N HIS B 525 31.61 -0.38 -50.25
CA HIS B 525 30.33 -1.09 -50.08
C HIS B 525 29.95 -1.16 -48.61
N ASN B 526 30.93 -1.38 -47.73
CA ASN B 526 30.63 -1.40 -46.30
C ASN B 526 30.17 -0.03 -45.81
N TYR B 527 30.93 1.02 -46.14
CA TYR B 527 30.63 2.34 -45.61
C TYR B 527 29.23 2.79 -46.04
N ASP B 528 28.88 2.56 -47.31
CA ASP B 528 27.55 2.95 -47.77
C ASP B 528 26.47 2.20 -47.01
N LYS B 529 26.68 0.90 -46.78
CA LYS B 529 25.70 0.13 -46.02
C LYS B 529 25.56 0.67 -44.61
N LEU B 530 26.67 1.13 -44.02
CA LEU B 530 26.59 1.77 -42.72
C LEU B 530 25.75 3.04 -42.79
N LYS B 531 25.99 3.88 -43.79
CA LYS B 531 25.27 5.14 -43.89
C LYS B 531 23.78 4.91 -44.07
N SER B 532 23.40 3.97 -44.93
CA SER B 532 21.98 3.70 -45.12
C SER B 532 21.33 3.20 -43.84
N ARG B 533 22.11 2.55 -42.98
CA ARG B 533 21.58 2.07 -41.71
C ARG B 533 21.36 3.22 -40.74
N ILE B 534 22.34 4.12 -40.61
CA ILE B 534 22.20 5.22 -39.68
C ILE B 534 21.03 6.11 -40.06
N SER B 535 20.92 6.44 -41.35
CA SER B 535 19.83 7.30 -41.80
C SER B 535 18.48 6.64 -41.51
N GLU B 536 18.36 5.35 -41.82
CA GLU B 536 17.09 4.67 -41.60
C GLU B 536 16.69 4.72 -40.13
N ILE B 537 17.64 4.51 -39.23
CA ILE B 537 17.34 4.63 -37.80
C ILE B 537 16.92 6.05 -37.48
N ILE B 538 17.65 7.04 -38.02
CA ILE B 538 17.30 8.44 -37.76
C ILE B 538 15.89 8.73 -38.26
N ASP B 539 15.53 8.17 -39.41
CA ASP B 539 14.20 8.38 -39.94
C ASP B 539 13.13 7.80 -39.03
N SER B 540 13.37 6.59 -38.49
CA SER B 540 12.37 5.98 -37.64
C SER B 540 12.16 6.78 -36.36
N ARG B 541 13.22 7.35 -35.82
CA ARG B 541 13.07 8.18 -34.63
C ARG B 541 12.16 9.38 -34.91
N ARG B 542 12.38 10.05 -36.04
CA ARG B 542 11.55 11.19 -36.38
C ARG B 542 10.09 10.79 -36.52
N ARG B 543 9.83 9.67 -37.20
CA ARG B 543 8.45 9.21 -37.32
C ARG B 543 7.85 8.92 -35.95
N LEU B 544 8.64 8.39 -35.03
CA LEU B 544 8.15 8.18 -33.68
C LEU B 544 7.85 9.50 -32.99
N GLU B 545 8.75 10.48 -33.12
CA GLU B 545 8.52 11.77 -32.47
C GLU B 545 7.21 12.38 -32.94
N GLU B 546 6.84 12.17 -34.20
CA GLU B 546 5.57 12.70 -34.69
C GLU B 546 4.41 12.10 -33.91
N ASP B 547 4.41 10.79 -33.69
CA ASP B 547 3.34 10.17 -32.93
C ASP B 547 3.31 10.71 -31.51
N LEU B 548 4.47 10.87 -30.88
CA LEU B 548 4.49 11.42 -29.52
C LEU B 548 3.90 12.82 -29.50
N LYS B 549 4.31 13.68 -30.44
CA LYS B 549 3.80 15.04 -30.46
C LYS B 549 2.28 15.04 -30.61
N LYS B 550 1.77 14.26 -31.57
CA LYS B 550 0.33 14.16 -31.73
C LYS B 550 -0.33 13.57 -30.50
N GLN B 551 0.29 12.54 -29.92
CA GLN B 551 -0.27 11.94 -28.71
C GLN B 551 -0.21 12.90 -27.53
N ALA B 552 0.90 13.62 -27.38
CA ALA B 552 1.00 14.56 -26.27
C ALA B 552 -0.10 15.60 -26.33
N ALA B 553 -0.36 16.15 -27.51
CA ALA B 553 -1.44 17.12 -27.65
C ALA B 553 -2.78 16.49 -27.32
N GLU B 554 -3.05 15.29 -27.84
CA GLU B 554 -4.29 14.61 -27.49
C GLU B 554 -4.35 14.31 -26.01
N TYR B 555 -3.21 14.00 -25.40
CA TYR B 555 -3.19 13.76 -23.96
C TYR B 555 -3.65 15.01 -23.21
N ARG B 556 -3.18 16.18 -23.65
CA ARG B 556 -3.59 17.42 -23.00
C ARG B 556 -5.08 17.67 -23.20
N GLU B 557 -5.59 17.40 -24.40
CA GLU B 557 -7.00 17.67 -24.68
C GLU B 557 -7.90 16.86 -23.76
N ILE B 558 -7.60 15.58 -23.57
CA ILE B 558 -8.41 14.77 -22.66
C ILE B 558 -8.38 15.37 -21.27
N ASP B 559 -7.27 15.97 -20.88
CA ASP B 559 -7.20 16.63 -19.59
C ASP B 559 -8.22 17.76 -19.49
N LYS B 560 -8.34 18.56 -20.54
CA LYS B 560 -9.28 19.67 -20.52
C LYS B 560 -10.71 19.19 -20.38
N ARG B 561 -11.08 18.13 -21.10
CA ARG B 561 -12.44 17.63 -21.04
C ARG B 561 -12.79 17.18 -19.63
N MET B 562 -11.88 16.47 -18.98
CA MET B 562 -12.14 16.00 -17.62
C MET B 562 -12.10 17.16 -16.62
N ASN B 563 -11.23 18.14 -16.84
CA ASN B 563 -11.12 19.25 -15.91
C ASN B 563 -12.37 20.12 -15.94
N SER B 564 -13.14 20.04 -17.02
CA SER B 564 -14.42 20.76 -17.08
C SER B 564 -15.58 19.87 -16.67
N ILE B 565 -15.54 18.60 -17.06
CA ILE B 565 -16.60 17.68 -16.67
C ILE B 565 -16.65 17.54 -15.16
N LYS B 566 -15.50 17.41 -14.53
CA LYS B 566 -15.48 17.15 -13.08
C LYS B 566 -16.22 18.22 -12.29
N PRO B 567 -15.92 19.51 -12.44
CA PRO B 567 -16.64 20.51 -11.63
C PRO B 567 -18.15 20.44 -11.81
N ASP B 568 -18.61 20.23 -13.05
CA ASP B 568 -20.04 20.10 -13.27
C ASP B 568 -20.60 18.90 -12.53
N LEU B 569 -19.92 17.75 -12.62
CA LEU B 569 -20.42 16.55 -11.98
C LEU B 569 -20.52 16.73 -10.47
N ILE B 570 -19.69 17.58 -9.88
CA ILE B 570 -19.75 17.80 -8.44
C ILE B 570 -21.08 18.44 -8.06
N GLN B 571 -21.52 19.44 -8.82
CA GLN B 571 -22.74 20.15 -8.45
C GLN B 571 -23.95 19.24 -8.49
N LEU B 572 -24.05 18.37 -9.49
CA LEU B 572 -25.18 17.45 -9.54
C LEU B 572 -25.24 16.60 -8.29
N ARG B 573 -24.09 16.10 -7.83
CA ARG B 573 -24.09 15.27 -6.64
C ARG B 573 -24.69 16.00 -5.45
N LYS B 574 -24.30 17.26 -5.24
CA LYS B 574 -24.86 18.02 -4.13
C LYS B 574 -26.36 18.18 -4.28
N THR B 575 -26.83 18.53 -5.48
CA THR B 575 -28.24 18.82 -5.67
C THR B 575 -29.08 17.56 -5.50
N ARG B 576 -28.67 16.45 -6.12
CA ARG B 576 -29.42 15.21 -5.96
C ARG B 576 -29.51 14.82 -4.49
N ASP B 577 -28.39 14.92 -3.76
CA ASP B 577 -28.42 14.59 -2.34
C ASP B 577 -29.33 15.54 -1.58
N GLN B 578 -29.29 16.83 -1.91
CA GLN B 578 -30.05 17.81 -1.15
C GLN B 578 -31.55 17.53 -1.25
N TYR B 579 -32.04 17.19 -2.44
CA TYR B 579 -33.44 16.77 -2.55
C TYR B 579 -33.73 15.58 -1.65
N LEU B 580 -32.88 14.56 -1.70
CA LEU B 580 -33.14 13.36 -0.91
C LEU B 580 -33.17 13.67 0.58
N MET B 581 -32.26 14.53 1.04
CA MET B 581 -32.21 14.86 2.46
C MET B 581 -33.48 15.55 2.92
N TRP B 582 -34.03 16.46 2.10
CA TRP B 582 -35.09 17.34 2.57
C TRP B 582 -36.45 17.07 1.92
N LEU B 583 -36.50 16.32 0.82
CA LEU B 583 -37.78 15.95 0.24
C LEU B 583 -38.09 14.47 0.40
N THR B 584 -37.21 13.61 -0.11
CA THR B 584 -37.54 12.19 -0.20
C THR B 584 -37.47 11.48 1.14
N GLN B 585 -36.67 12.01 2.08
CA GLN B 585 -36.54 11.36 3.39
C GLN B 585 -37.31 12.11 4.48
N LYS B 586 -37.07 13.41 4.63
CA LYS B 586 -37.73 14.14 5.71
C LYS B 586 -39.20 14.39 5.39
N GLY B 587 -39.48 14.96 4.23
CA GLY B 587 -40.85 15.31 3.90
C GLY B 587 -41.76 14.09 3.83
N VAL B 588 -41.31 13.04 3.17
CA VAL B 588 -42.06 11.80 3.09
C VAL B 588 -41.11 10.62 3.23
N ARG B 589 -41.08 10.01 4.41
CA ARG B 589 -40.25 8.84 4.62
C ARG B 589 -40.83 7.66 3.85
N GLN B 590 -40.07 7.15 2.89
CA GLN B 590 -40.54 6.05 2.06
C GLN B 590 -39.39 5.08 1.81
N LYS B 591 -39.75 3.79 1.72
CA LYS B 591 -38.83 2.85 1.10
C LYS B 591 -38.81 3.01 -0.42
N LYS B 592 -39.81 3.70 -0.97
CA LYS B 592 -39.85 4.05 -2.38
C LYS B 592 -38.76 5.03 -2.78
N LEU B 593 -38.00 5.54 -1.80
CA LEU B 593 -36.97 6.53 -2.09
C LEU B 593 -36.05 6.06 -3.21
N ASN B 594 -35.54 4.83 -3.10
CA ASN B 594 -34.68 4.28 -4.14
C ASN B 594 -35.47 3.79 -5.35
N GLU B 595 -36.80 3.68 -5.24
CA GLU B 595 -37.61 3.33 -6.40
C GLU B 595 -37.74 4.49 -7.37
N TRP B 596 -37.68 5.73 -6.88
CA TRP B 596 -37.69 6.87 -7.79
C TRP B 596 -36.54 6.80 -8.78
N LEU B 597 -35.44 6.15 -8.39
CA LEU B 597 -34.24 6.08 -9.20
C LEU B 597 -34.28 4.90 -10.16
C1 1LT C . -10.06 -20.81 -3.50
C2 1LT C . -10.96 -22.39 -5.09
C3 1LT C . -11.01 -24.93 -4.81
O1 1LT C . -13.96 -27.37 -6.54
C11 1LT C . -10.20 -17.64 -3.79
C12 1LT C . -10.29 -16.27 -4.00
C13 1LT C . -11.40 -16.64 -6.01
C14 1LT C . -11.31 -18.00 -5.80
C15 1LT C . -12.10 -16.11 -7.31
C16 1LT C . -12.81 -14.75 -6.99
C17 1LT C . -13.14 -17.11 -7.83
C18 1LT C . -11.00 -15.89 -8.40
F2 1LT C . -11.59 -15.61 -9.57
F 1LT C . -10.18 -14.88 -8.01
F1 1LT C . -10.28 -17.07 -8.51
N4 1LT C . -10.89 -15.79 -5.09
C10 1LT C . -10.70 -18.48 -4.69
C9 1LT C . -10.64 -20.02 -4.54
C 1LT C . -9.37 -20.30 -2.27
S 1LT C . -11.22 -20.97 -5.58
N 1LT C . -10.28 -22.31 -3.86
N1 1LT C . -11.27 -23.72 -5.61
O 1LT C . -10.56 -24.84 -3.73
N2 1LT C . -11.32 -26.23 -5.37
C7 1LT C . -11.82 -26.47 -6.58
C8 1LT C . -13.32 -26.38 -6.52
N3 1LT C . -13.98 -25.10 -6.46
C6 1LT C . -11.36 -28.00 -6.98
C5 1LT C . -11.25 -28.70 -5.82
C4 1LT C . -11.12 -27.60 -4.67
H1 1LT C . -9.72 -18.00 -2.90
H2 1LT C . -9.89 -15.58 -3.27
H3 1LT C . -11.71 -18.67 -6.53
H4 1LT C . -13.57 -14.90 -6.25
H5 1LT C . -13.24 -14.37 -7.87
H6 1LT C . -12.07 -14.03 -6.61
H7 1LT C . -12.64 -17.95 -8.25
H8 1LT C . -13.74 -16.64 -8.59
H9 1LT C . -13.78 -17.44 -7.02
H10 1LT C . -8.49 -19.73 -2.55
H11 1LT C . -9.08 -21.16 -1.63
H12 1LT C . -10.04 -19.66 -1.71
H13 1LT C . -11.64 -23.81 -6.52
H14 1LT C . -11.42 -25.75 -7.31
H15 1LT C . -14.99 -25.06 -6.43
H16 1LT C . -13.44 -24.24 -6.44
H17 1LT C . -12.11 -28.47 -7.60
H18 1LT C . -10.40 -27.99 -7.49
H19 1LT C . -12.13 -29.31 -5.65
H20 1LT C . -10.37 -29.30 -5.84
H21 1LT C . -11.90 -27.76 -3.92
H22 1LT C . -10.13 -27.65 -4.21
#